data_2M1R
#
_entry.id   2M1R
#
loop_
_entity.id
_entity.type
_entity.pdbx_description
1 polymer 'Inhibitor of growth protein 4'
2 non-polymer 'ZINC ION'
#
_entity_poly.entity_id   1
_entity_poly.type   'polypeptide(L)'
_entity_poly.pdbx_seq_one_letter_code
;MDMPVDPNEPTYCLCHQVSYGEMIGCDDPDCSIEWFHFACVGLTTKPRGKWFCPRCSQERKKK
;
_entity_poly.pdbx_strand_id   A
#
loop_
_chem_comp.id
_chem_comp.type
_chem_comp.name
_chem_comp.formula
ZN non-polymer 'ZINC ION' 'Zn 2'
#
# COMPACT_ATOMS: atom_id res chain seq x y z
N MET A 1 -5.95 23.08 -11.42
CA MET A 1 -7.21 22.40 -11.79
C MET A 1 -6.93 21.32 -12.83
N ASP A 2 -7.29 20.09 -12.47
CA ASP A 2 -7.00 18.88 -13.26
C ASP A 2 -8.02 17.78 -12.94
N MET A 3 -8.34 17.59 -11.65
CA MET A 3 -9.42 16.76 -11.09
C MET A 3 -9.74 15.48 -11.91
N PRO A 4 -8.78 14.54 -12.06
CA PRO A 4 -8.96 13.33 -12.86
C PRO A 4 -10.00 12.39 -12.25
N VAL A 5 -10.51 11.48 -13.08
CA VAL A 5 -11.58 10.53 -12.76
C VAL A 5 -11.29 9.13 -13.34
N ASP A 6 -10.15 8.97 -14.03
CA ASP A 6 -9.65 7.71 -14.60
C ASP A 6 -9.61 6.56 -13.57
N PRO A 7 -9.14 6.73 -12.32
CA PRO A 7 -9.31 5.72 -11.28
C PRO A 7 -10.76 5.74 -10.80
N ASN A 8 -11.50 4.66 -11.11
CA ASN A 8 -12.86 4.44 -10.62
C ASN A 8 -12.91 4.04 -9.13
N GLU A 9 -11.74 3.81 -8.51
CA GLU A 9 -11.59 3.41 -7.11
C GLU A 9 -10.30 4.05 -6.56
N PRO A 10 -10.28 5.38 -6.32
CA PRO A 10 -9.13 6.08 -5.74
C PRO A 10 -9.04 5.82 -4.22
N THR A 11 -7.84 6.03 -3.65
CA THR A 11 -7.42 5.69 -2.28
C THR A 11 -7.45 4.17 -2.02
N TYR A 12 -6.54 3.67 -1.17
CA TYR A 12 -6.33 2.20 -1.10
C TYR A 12 -5.77 1.69 0.23
N CYS A 13 -4.77 2.37 0.82
CA CYS A 13 -4.28 2.17 2.19
C CYS A 13 -5.36 1.86 3.22
N LEU A 14 -4.89 1.47 4.39
CA LEU A 14 -5.71 1.37 5.59
C LEU A 14 -6.09 2.76 6.08
N CYS A 15 -5.54 3.83 5.46
CA CYS A 15 -5.91 5.19 5.75
C CYS A 15 -6.96 5.72 4.76
N HIS A 16 -7.15 5.00 3.63
CA HIS A 16 -8.00 5.35 2.50
C HIS A 16 -7.80 6.81 2.05
N GLN A 17 -6.52 7.19 1.81
CA GLN A 17 -6.10 8.50 1.34
C GLN A 17 -4.63 8.41 0.95
N VAL A 18 -4.23 9.09 -0.13
CA VAL A 18 -2.84 9.18 -0.64
C VAL A 18 -2.42 10.67 -0.77
N SER A 19 -1.15 10.91 -1.11
CA SER A 19 -0.48 12.22 -1.17
C SER A 19 -0.32 12.89 0.21
N TYR A 20 0.41 12.21 1.11
CA TYR A 20 0.67 12.58 2.51
C TYR A 20 1.87 11.76 3.01
N GLY A 21 2.95 12.43 3.42
CA GLY A 21 4.20 11.80 3.77
C GLY A 21 4.81 11.07 2.57
N GLU A 22 5.57 10.05 2.94
CA GLU A 22 6.13 9.03 2.05
C GLU A 22 5.21 7.81 1.94
N MET A 23 5.53 6.93 0.98
CA MET A 23 4.67 5.81 0.56
C MET A 23 5.46 4.52 0.37
N ILE A 24 4.74 3.40 0.35
CA ILE A 24 5.27 2.10 -0.03
C ILE A 24 4.20 1.44 -0.92
N GLY A 25 4.01 0.14 -0.71
CA GLY A 25 3.23 -0.73 -1.56
C GLY A 25 3.79 -2.14 -1.59
N CYS A 26 2.88 -3.10 -1.40
CA CYS A 26 3.20 -4.52 -1.42
C CYS A 26 3.67 -4.89 -2.83
N ASP A 27 4.89 -5.45 -2.90
CA ASP A 27 5.56 -5.86 -4.13
C ASP A 27 4.86 -7.02 -4.87
N ASP A 28 3.75 -7.55 -4.34
CA ASP A 28 2.87 -8.48 -5.05
C ASP A 28 2.14 -7.70 -6.14
N PRO A 29 2.32 -8.03 -7.44
CA PRO A 29 1.65 -7.34 -8.56
C PRO A 29 0.18 -7.76 -8.72
N ASP A 30 -0.33 -8.61 -7.81
CA ASP A 30 -1.72 -9.03 -7.72
C ASP A 30 -2.34 -8.58 -6.39
N CYS A 31 -1.61 -7.76 -5.60
CA CYS A 31 -2.14 -7.10 -4.42
C CYS A 31 -3.34 -6.22 -4.81
N SER A 32 -4.46 -6.45 -4.11
CA SER A 32 -5.76 -5.80 -4.34
C SER A 32 -5.81 -4.36 -3.80
N ILE A 33 -4.68 -3.83 -3.30
CA ILE A 33 -4.55 -2.54 -2.63
C ILE A 33 -3.35 -1.76 -3.19
N GLU A 34 -2.29 -2.48 -3.56
CA GLU A 34 -1.10 -2.04 -4.32
C GLU A 34 -0.13 -1.13 -3.56
N TRP A 35 -0.63 -0.16 -2.80
CA TRP A 35 0.14 0.85 -2.08
C TRP A 35 -0.35 0.89 -0.63
N PHE A 36 0.57 1.23 0.28
CA PHE A 36 0.33 1.28 1.70
C PHE A 36 1.22 2.37 2.27
N HIS A 37 0.75 3.00 3.34
CA HIS A 37 1.51 4.02 4.02
C HIS A 37 2.66 3.39 4.82
N PHE A 38 3.75 4.16 4.95
CA PHE A 38 4.88 3.92 5.85
C PHE A 38 4.44 3.90 7.34
N ALA A 39 3.16 4.17 7.64
CA ALA A 39 2.56 4.05 8.96
C ALA A 39 1.33 3.12 8.96
N CYS A 40 0.91 2.59 7.79
CA CYS A 40 -0.06 1.50 7.71
C CYS A 40 0.57 0.16 8.15
N VAL A 41 1.90 0.16 8.39
CA VAL A 41 2.69 -0.95 8.91
C VAL A 41 3.66 -0.48 10.03
N GLY A 42 3.72 0.84 10.28
CA GLY A 42 4.60 1.46 11.25
C GLY A 42 6.08 1.39 10.85
N LEU A 43 6.39 1.40 9.54
CA LEU A 43 7.74 1.21 9.01
C LEU A 43 8.70 2.31 9.45
N THR A 44 8.32 3.58 9.23
CA THR A 44 9.13 4.80 9.46
C THR A 44 10.39 4.89 8.57
N THR A 45 10.85 3.79 7.96
CA THR A 45 12.07 3.69 7.16
C THR A 45 11.86 2.73 5.98
N LYS A 46 12.76 2.77 4.98
CA LYS A 46 12.78 1.83 3.86
C LYS A 46 13.20 0.45 4.38
N PRO A 47 12.39 -0.62 4.18
CA PRO A 47 12.75 -1.96 4.64
C PRO A 47 13.81 -2.61 3.73
N ARG A 48 13.52 -2.67 2.42
CA ARG A 48 14.34 -3.29 1.39
C ARG A 48 13.70 -3.04 0.01
N GLY A 49 14.30 -3.61 -1.05
CA GLY A 49 13.73 -3.66 -2.39
C GLY A 49 12.63 -4.74 -2.56
N LYS A 50 12.06 -5.25 -1.45
CA LYS A 50 10.98 -6.23 -1.44
C LYS A 50 10.30 -6.16 -0.07
N TRP A 51 8.99 -5.86 -0.09
CA TRP A 51 8.11 -5.74 1.07
C TRP A 51 6.75 -6.38 0.78
N PHE A 52 5.98 -6.64 1.85
CA PHE A 52 4.63 -7.19 1.80
C PHE A 52 3.77 -6.51 2.88
N CYS A 53 2.51 -6.23 2.54
CA CYS A 53 1.55 -5.65 3.49
C CYS A 53 1.20 -6.60 4.62
N PRO A 54 0.57 -6.13 5.72
CA PRO A 54 0.16 -6.96 6.85
C PRO A 54 -1.06 -7.86 6.55
N ARG A 55 -1.16 -8.36 5.31
CA ARG A 55 -2.11 -9.40 4.88
C ARG A 55 -1.41 -10.39 3.96
N CYS A 56 -0.51 -9.90 3.10
CA CYS A 56 0.39 -10.66 2.26
C CYS A 56 1.50 -11.33 3.08
N SER A 57 1.97 -10.66 4.14
CA SER A 57 2.99 -11.16 5.06
C SER A 57 2.41 -12.18 6.05
N GLN A 58 1.11 -12.10 6.37
CA GLN A 58 0.42 -13.01 7.27
C GLN A 58 0.33 -14.44 6.70
N GLU A 59 0.38 -14.58 5.37
CA GLU A 59 0.39 -15.86 4.68
C GLU A 59 1.67 -16.67 4.91
N ARG A 60 2.77 -16.03 5.34
CA ARG A 60 4.06 -16.66 5.66
C ARG A 60 4.66 -15.99 6.91
N LYS A 61 4.05 -16.28 8.06
CA LYS A 61 4.56 -15.93 9.39
C LYS A 61 5.60 -16.99 9.81
N LYS A 62 6.87 -16.71 9.48
CA LYS A 62 8.02 -17.59 9.68
C LYS A 62 9.23 -16.84 10.28
N LYS A 63 8.93 -15.76 11.03
CA LYS A 63 9.80 -14.78 11.68
C LYS A 63 9.90 -13.53 10.80
ZN ZN B . -2.24 4.86 4.94
ZN ZN C . -0.56 -5.81 -0.21
N MET A 1 -13.25 21.18 -17.26
CA MET A 1 -14.47 21.44 -18.04
C MET A 1 -14.81 20.24 -18.91
N ASP A 2 -16.12 19.97 -19.08
CA ASP A 2 -16.67 18.91 -19.93
C ASP A 2 -16.11 17.51 -19.59
N MET A 3 -15.97 17.22 -18.29
CA MET A 3 -15.41 15.98 -17.76
C MET A 3 -16.32 15.44 -16.64
N PRO A 4 -17.42 14.74 -17.00
CA PRO A 4 -18.29 14.04 -16.06
C PRO A 4 -17.61 12.77 -15.54
N VAL A 5 -16.81 12.92 -14.47
CA VAL A 5 -15.96 11.87 -13.91
C VAL A 5 -16.06 11.88 -12.38
N ASP A 6 -17.30 11.76 -11.88
CA ASP A 6 -17.62 11.63 -10.46
C ASP A 6 -16.81 10.53 -9.73
N PRO A 7 -16.62 9.30 -10.28
CA PRO A 7 -15.72 8.30 -9.69
C PRO A 7 -14.25 8.67 -9.97
N ASN A 8 -13.65 9.43 -9.04
CA ASN A 8 -12.27 9.91 -9.12
C ASN A 8 -11.69 10.06 -7.71
N GLU A 9 -11.68 8.95 -6.95
CA GLU A 9 -11.25 8.90 -5.56
C GLU A 9 -10.30 7.69 -5.36
N PRO A 10 -9.07 7.74 -5.92
CA PRO A 10 -8.08 6.68 -5.80
C PRO A 10 -7.57 6.58 -4.36
N THR A 11 -8.03 5.54 -3.64
CA THR A 11 -7.79 5.29 -2.22
C THR A 11 -7.70 3.78 -2.01
N TYR A 12 -6.77 3.30 -1.16
CA TYR A 12 -6.47 1.85 -1.11
C TYR A 12 -5.89 1.38 0.23
N CYS A 13 -4.90 2.09 0.81
CA CYS A 13 -4.39 1.93 2.17
C CYS A 13 -5.47 1.60 3.20
N LEU A 14 -4.97 1.24 4.38
CA LEU A 14 -5.78 1.12 5.58
C LEU A 14 -6.22 2.51 6.07
N CYS A 15 -5.71 3.58 5.44
CA CYS A 15 -6.11 4.93 5.71
C CYS A 15 -7.17 5.43 4.71
N HIS A 16 -7.33 4.70 3.59
CA HIS A 16 -8.17 5.04 2.43
C HIS A 16 -7.99 6.50 1.98
N GLN A 17 -6.74 6.92 1.77
CA GLN A 17 -6.33 8.25 1.34
C GLN A 17 -4.86 8.19 0.93
N VAL A 18 -4.50 8.88 -0.16
CA VAL A 18 -3.15 8.90 -0.75
C VAL A 18 -2.67 10.34 -1.00
N SER A 19 -1.40 10.50 -1.39
CA SER A 19 -0.68 11.77 -1.57
C SER A 19 -0.49 12.54 -0.24
N TYR A 20 0.27 11.93 0.68
CA TYR A 20 0.51 12.38 2.05
C TYR A 20 1.74 11.64 2.59
N GLY A 21 2.84 12.36 2.83
CA GLY A 21 4.09 11.82 3.29
C GLY A 21 4.69 10.79 2.34
N GLU A 22 5.60 10.03 2.93
CA GLU A 22 6.23 8.83 2.40
C GLU A 22 5.21 7.67 2.28
N MET A 23 5.36 6.86 1.22
CA MET A 23 4.40 5.87 0.74
C MET A 23 5.12 4.66 0.14
N ILE A 24 4.47 3.49 0.13
CA ILE A 24 5.08 2.24 -0.33
C ILE A 24 4.02 1.48 -1.16
N GLY A 25 3.95 0.17 -0.95
CA GLY A 25 3.19 -0.76 -1.75
C GLY A 25 3.81 -2.15 -1.76
N CYS A 26 2.95 -3.13 -1.49
CA CYS A 26 3.31 -4.55 -1.47
C CYS A 26 3.77 -4.96 -2.87
N ASP A 27 5.01 -5.46 -2.95
CA ASP A 27 5.67 -5.88 -4.18
C ASP A 27 5.03 -7.12 -4.85
N ASP A 28 3.95 -7.66 -4.29
CA ASP A 28 3.10 -8.67 -4.93
C ASP A 28 2.33 -7.99 -6.08
N PRO A 29 2.53 -8.41 -7.34
CA PRO A 29 1.83 -7.83 -8.50
C PRO A 29 0.38 -8.31 -8.62
N ASP A 30 -0.11 -9.07 -7.62
CA ASP A 30 -1.49 -9.53 -7.49
C ASP A 30 -2.11 -9.02 -6.17
N CYS A 31 -1.41 -8.12 -5.45
CA CYS A 31 -1.95 -7.44 -4.29
C CYS A 31 -3.20 -6.65 -4.68
N SER A 32 -4.28 -6.88 -3.91
CA SER A 32 -5.61 -6.30 -4.12
C SER A 32 -5.72 -4.82 -3.67
N ILE A 33 -4.60 -4.23 -3.23
CA ILE A 33 -4.53 -2.91 -2.58
C ILE A 33 -3.38 -2.09 -3.19
N GLU A 34 -2.28 -2.77 -3.56
CA GLU A 34 -1.13 -2.29 -4.34
C GLU A 34 -0.18 -1.33 -3.60
N TRP A 35 -0.70 -0.40 -2.79
CA TRP A 35 0.03 0.68 -2.11
C TRP A 35 -0.43 0.74 -0.65
N PHE A 36 0.48 1.14 0.23
CA PHE A 36 0.27 1.16 1.67
C PHE A 36 1.12 2.29 2.23
N HIS A 37 0.60 2.93 3.27
CA HIS A 37 1.32 3.99 3.94
C HIS A 37 2.50 3.44 4.76
N PHE A 38 3.52 4.27 4.90
CA PHE A 38 4.63 4.09 5.84
C PHE A 38 4.19 4.03 7.31
N ALA A 39 2.90 4.23 7.60
CA ALA A 39 2.29 4.02 8.91
C ALA A 39 1.14 3.00 8.87
N CYS A 40 0.76 2.49 7.69
CA CYS A 40 -0.13 1.33 7.57
C CYS A 40 0.57 0.02 7.97
N VAL A 41 1.88 0.08 8.25
CA VAL A 41 2.70 -1.01 8.77
C VAL A 41 3.63 -0.54 9.91
N GLY A 42 3.64 0.77 10.20
CA GLY A 42 4.54 1.40 11.15
C GLY A 42 6.01 1.36 10.70
N LEU A 43 6.27 1.48 9.40
CA LEU A 43 7.60 1.37 8.80
C LEU A 43 8.52 2.50 9.28
N THR A 44 8.06 3.76 9.16
CA THR A 44 8.76 5.00 9.52
C THR A 44 10.05 5.26 8.70
N THR A 45 10.55 4.28 7.93
CA THR A 45 11.74 4.38 7.08
C THR A 45 11.59 3.46 5.85
N LYS A 46 12.52 3.62 4.92
CA LYS A 46 12.58 2.86 3.68
C LYS A 46 12.82 1.36 3.99
N PRO A 47 11.98 0.44 3.46
CA PRO A 47 12.13 -1.00 3.69
C PRO A 47 13.22 -1.61 2.80
N ARG A 48 13.59 -2.85 3.11
CA ARG A 48 14.43 -3.70 2.27
C ARG A 48 13.64 -4.15 1.02
N GLY A 49 14.34 -4.77 0.06
CA GLY A 49 13.77 -5.25 -1.20
C GLY A 49 12.62 -6.24 -1.00
N LYS A 50 11.71 -6.27 -1.99
CA LYS A 50 10.44 -6.99 -2.01
C LYS A 50 9.68 -6.93 -0.67
N TRP A 51 9.09 -5.78 -0.36
CA TRP A 51 8.27 -5.57 0.82
C TRP A 51 6.90 -6.23 0.65
N PHE A 52 6.21 -6.50 1.77
CA PHE A 52 4.87 -7.09 1.79
C PHE A 52 4.03 -6.39 2.87
N CYS A 53 2.76 -6.14 2.56
CA CYS A 53 1.80 -5.59 3.51
C CYS A 53 1.51 -6.58 4.66
N PRO A 54 0.92 -6.14 5.79
CA PRO A 54 0.63 -6.98 6.95
C PRO A 54 -0.54 -7.97 6.72
N ARG A 55 -0.76 -8.40 5.47
CA ARG A 55 -1.73 -9.44 5.08
C ARG A 55 -1.10 -10.39 4.06
N CYS A 56 -0.21 -9.88 3.20
CA CYS A 56 0.65 -10.61 2.30
C CYS A 56 1.82 -11.28 3.06
N SER A 57 2.35 -10.62 4.10
CA SER A 57 3.42 -11.12 4.95
C SER A 57 2.95 -12.20 5.95
N GLN A 58 1.63 -12.36 6.12
CA GLN A 58 1.01 -13.34 7.01
C GLN A 58 1.37 -14.79 6.63
N GLU A 59 1.69 -15.05 5.35
CA GLU A 59 2.13 -16.32 4.81
C GLU A 59 3.30 -16.97 5.58
N ARG A 60 4.18 -16.15 6.18
CA ARG A 60 5.26 -16.53 7.12
C ARG A 60 5.98 -17.84 6.73
N LYS A 61 6.48 -17.88 5.49
CA LYS A 61 7.15 -19.03 4.87
C LYS A 61 8.58 -19.19 5.41
N LYS A 62 8.70 -19.61 6.68
CA LYS A 62 9.96 -19.81 7.38
C LYS A 62 9.84 -20.98 8.39
N LYS A 63 9.07 -22.01 8.02
CA LYS A 63 8.91 -23.24 8.78
C LYS A 63 10.20 -24.06 8.75
ZN ZN B . -2.43 4.72 4.87
ZN ZN C . -0.38 -5.83 -0.11
N MET A 1 -26.38 22.50 -15.66
CA MET A 1 -25.02 22.91 -15.25
C MET A 1 -24.42 21.83 -14.37
N ASP A 2 -23.37 21.19 -14.87
CA ASP A 2 -22.78 19.97 -14.30
C ASP A 2 -21.26 19.97 -14.45
N MET A 3 -20.59 19.18 -13.59
CA MET A 3 -19.14 19.03 -13.59
C MET A 3 -18.79 17.60 -13.12
N PRO A 4 -18.82 16.61 -14.03
CA PRO A 4 -18.55 15.19 -13.73
C PRO A 4 -17.04 14.87 -13.63
N VAL A 5 -16.20 15.87 -13.31
CA VAL A 5 -14.75 15.82 -13.39
C VAL A 5 -14.12 16.33 -12.07
N ASP A 6 -14.59 15.75 -10.95
CA ASP A 6 -14.08 15.98 -9.60
C ASP A 6 -13.84 14.67 -8.83
N PRO A 7 -14.75 13.66 -8.79
CA PRO A 7 -14.49 12.40 -8.10
C PRO A 7 -13.57 11.51 -8.95
N ASN A 8 -12.25 11.59 -8.70
CA ASN A 8 -11.22 10.93 -9.51
C ASN A 8 -10.06 10.37 -8.68
N GLU A 9 -9.88 10.78 -7.40
CA GLU A 9 -8.81 10.27 -6.55
C GLU A 9 -9.17 8.86 -6.04
N PRO A 10 -8.34 7.82 -6.30
CA PRO A 10 -8.54 6.48 -5.77
C PRO A 10 -7.99 6.35 -4.34
N THR A 11 -8.39 5.27 -3.65
CA THR A 11 -8.08 5.00 -2.24
C THR A 11 -7.85 3.49 -2.07
N TYR A 12 -6.93 3.07 -1.18
CA TYR A 12 -6.59 1.64 -1.08
C TYR A 12 -6.02 1.21 0.28
N CYS A 13 -5.05 1.95 0.85
CA CYS A 13 -4.54 1.81 2.21
C CYS A 13 -5.59 1.48 3.26
N LEU A 14 -5.08 1.14 4.45
CA LEU A 14 -5.88 1.03 5.65
C LEU A 14 -6.35 2.41 6.11
N CYS A 15 -5.88 3.49 5.45
CA CYS A 15 -6.32 4.84 5.70
C CYS A 15 -7.38 5.28 4.69
N HIS A 16 -7.52 4.53 3.58
CA HIS A 16 -8.37 4.80 2.42
C HIS A 16 -8.24 6.26 1.93
N GLN A 17 -6.99 6.71 1.70
CA GLN A 17 -6.63 8.05 1.22
C GLN A 17 -5.16 8.04 0.85
N VAL A 18 -4.79 8.71 -0.24
CA VAL A 18 -3.42 8.74 -0.80
C VAL A 18 -2.93 10.20 -1.01
N SER A 19 -1.66 10.36 -1.38
CA SER A 19 -0.94 11.64 -1.56
C SER A 19 -0.75 12.42 -0.23
N TYR A 20 -0.01 11.80 0.71
CA TYR A 20 0.24 12.29 2.07
C TYR A 20 1.47 11.54 2.63
N GLY A 21 2.56 12.27 2.87
CA GLY A 21 3.82 11.73 3.34
C GLY A 21 4.44 10.73 2.35
N GLU A 22 5.37 9.99 2.91
CA GLU A 22 6.01 8.81 2.32
C GLU A 22 4.99 7.67 2.17
N MET A 23 5.17 6.85 1.12
CA MET A 23 4.22 5.85 0.64
C MET A 23 4.96 4.64 0.06
N ILE A 24 4.32 3.46 0.07
CA ILE A 24 4.92 2.22 -0.37
C ILE A 24 3.88 1.45 -1.19
N GLY A 25 3.82 0.14 -1.00
CA GLY A 25 3.08 -0.81 -1.79
C GLY A 25 3.74 -2.17 -1.81
N CYS A 26 2.90 -3.20 -1.55
CA CYS A 26 3.30 -4.59 -1.53
C CYS A 26 3.77 -4.98 -2.93
N ASP A 27 5.02 -5.48 -3.01
CA ASP A 27 5.68 -5.89 -4.25
C ASP A 27 5.00 -7.09 -4.94
N ASP A 28 3.94 -7.68 -4.36
CA ASP A 28 3.08 -8.65 -5.02
C ASP A 28 2.28 -7.93 -6.12
N PRO A 29 2.44 -8.28 -7.41
CA PRO A 29 1.70 -7.67 -8.51
C PRO A 29 0.25 -8.17 -8.61
N ASP A 30 -0.19 -9.00 -7.67
CA ASP A 30 -1.55 -9.49 -7.51
C ASP A 30 -2.14 -9.05 -6.17
N CYS A 31 -1.44 -8.18 -5.42
CA CYS A 31 -1.98 -7.53 -4.23
C CYS A 31 -3.25 -6.74 -4.59
N SER A 32 -4.32 -7.02 -3.84
CA SER A 32 -5.66 -6.46 -4.03
C SER A 32 -5.79 -5.00 -3.57
N ILE A 33 -4.67 -4.39 -3.12
CA ILE A 33 -4.61 -3.08 -2.48
C ILE A 33 -3.48 -2.25 -3.11
N GLU A 34 -2.37 -2.90 -3.49
CA GLU A 34 -1.25 -2.40 -4.29
C GLU A 34 -0.32 -1.41 -3.58
N TRP A 35 -0.84 -0.49 -2.76
CA TRP A 35 -0.12 0.58 -2.09
C TRP A 35 -0.57 0.65 -0.62
N PHE A 36 0.34 1.09 0.24
CA PHE A 36 0.13 1.15 1.68
C PHE A 36 0.95 2.30 2.21
N HIS A 37 0.43 2.95 3.25
CA HIS A 37 1.13 4.02 3.91
C HIS A 37 2.33 3.49 4.69
N PHE A 38 3.36 4.33 4.80
CA PHE A 38 4.49 4.15 5.70
C PHE A 38 4.09 4.09 7.19
N ALA A 39 2.82 4.30 7.54
CA ALA A 39 2.26 4.10 8.86
C ALA A 39 1.12 3.07 8.88
N CYS A 40 0.72 2.53 7.71
CA CYS A 40 -0.15 1.36 7.62
C CYS A 40 0.58 0.07 8.02
N VAL A 41 1.90 0.15 8.26
CA VAL A 41 2.79 -0.93 8.70
C VAL A 41 3.74 -0.49 9.83
N GLY A 42 3.85 0.82 10.06
CA GLY A 42 4.77 1.41 11.03
C GLY A 42 6.23 1.44 10.55
N LEU A 43 6.44 1.69 9.26
CA LEU A 43 7.78 1.85 8.67
C LEU A 43 8.42 3.15 9.16
N THR A 44 9.41 3.01 10.07
CA THR A 44 10.24 4.11 10.58
C THR A 44 11.19 4.63 9.50
N THR A 45 11.55 3.79 8.52
CA THR A 45 12.42 4.12 7.40
C THR A 45 12.06 3.27 6.17
N LYS A 46 12.78 3.51 5.07
CA LYS A 46 12.60 2.81 3.79
C LYS A 46 12.84 1.31 3.97
N PRO A 47 11.91 0.43 3.51
CA PRO A 47 12.05 -1.01 3.63
C PRO A 47 13.10 -1.57 2.68
N ARG A 48 13.45 -2.84 2.87
CA ARG A 48 14.27 -3.60 1.92
C ARG A 48 13.44 -3.98 0.69
N GLY A 49 14.12 -4.49 -0.35
CA GLY A 49 13.46 -4.97 -1.57
C GLY A 49 12.48 -6.11 -1.29
N LYS A 50 11.49 -6.26 -2.19
CA LYS A 50 10.37 -7.20 -2.07
C LYS A 50 9.65 -7.06 -0.71
N TRP A 51 9.09 -5.87 -0.45
CA TRP A 51 8.28 -5.61 0.74
C TRP A 51 6.90 -6.27 0.58
N PHE A 52 6.23 -6.52 1.71
CA PHE A 52 4.90 -7.11 1.76
C PHE A 52 4.08 -6.40 2.85
N CYS A 53 2.79 -6.15 2.56
CA CYS A 53 1.85 -5.56 3.50
C CYS A 53 1.55 -6.47 4.69
N PRO A 54 0.91 -5.97 5.78
CA PRO A 54 0.56 -6.76 6.95
C PRO A 54 -0.63 -7.72 6.70
N ARG A 55 -0.72 -8.30 5.50
CA ARG A 55 -1.62 -9.40 5.15
C ARG A 55 -0.90 -10.40 4.25
N CYS A 56 -0.08 -9.89 3.32
CA CYS A 56 0.82 -10.62 2.46
C CYS A 56 2.01 -11.20 3.23
N SER A 57 2.50 -10.48 4.26
CA SER A 57 3.58 -10.91 5.13
C SER A 57 3.09 -11.93 6.16
N GLN A 58 1.84 -11.80 6.62
CA GLN A 58 1.23 -12.66 7.63
C GLN A 58 1.12 -14.12 7.18
N GLU A 59 1.07 -14.36 5.86
CA GLU A 59 0.99 -15.65 5.21
C GLU A 59 2.04 -16.64 5.73
N ARG A 60 3.29 -16.20 5.85
CA ARG A 60 4.40 -17.02 6.34
C ARG A 60 5.53 -16.13 6.87
N LYS A 61 5.35 -15.60 8.09
CA LYS A 61 6.36 -14.87 8.84
C LYS A 61 7.44 -15.85 9.30
N LYS A 62 8.49 -15.96 8.47
CA LYS A 62 9.64 -16.85 8.65
C LYS A 62 10.94 -16.06 8.41
N LYS A 63 11.01 -14.89 9.06
CA LYS A 63 12.13 -13.94 9.02
C LYS A 63 13.43 -14.60 9.49
ZN ZN B . -2.62 4.66 4.90
ZN ZN C . -0.33 -5.94 -0.09
N MET A 1 -27.66 14.11 -16.73
CA MET A 1 -27.11 13.40 -17.90
C MET A 1 -25.77 12.77 -17.51
N ASP A 2 -25.77 11.44 -17.34
CA ASP A 2 -24.67 10.69 -16.74
C ASP A 2 -24.52 9.33 -17.43
N MET A 3 -23.27 8.91 -17.63
CA MET A 3 -22.90 7.65 -18.28
C MET A 3 -21.65 7.07 -17.59
N PRO A 4 -21.76 6.59 -16.33
CA PRO A 4 -20.65 5.98 -15.60
C PRO A 4 -20.27 4.65 -16.26
N VAL A 5 -19.08 4.62 -16.87
CA VAL A 5 -18.60 3.52 -17.71
C VAL A 5 -17.07 3.33 -17.64
N ASP A 6 -16.38 4.12 -16.80
CA ASP A 6 -14.93 4.11 -16.62
C ASP A 6 -14.61 4.20 -15.12
N PRO A 7 -14.46 3.04 -14.42
CA PRO A 7 -14.11 3.03 -13.00
C PRO A 7 -12.63 3.37 -12.82
N ASN A 8 -12.36 4.28 -11.86
CA ASN A 8 -11.03 4.80 -11.53
C ASN A 8 -10.81 4.83 -10.01
N GLU A 9 -11.47 3.91 -9.28
CA GLU A 9 -11.59 3.76 -7.84
C GLU A 9 -10.36 4.25 -7.05
N PRO A 10 -10.38 5.48 -6.48
CA PRO A 10 -9.25 6.10 -5.81
C PRO A 10 -9.18 5.72 -4.32
N THR A 11 -8.01 5.97 -3.69
CA THR A 11 -7.64 5.65 -2.31
C THR A 11 -7.57 4.13 -2.05
N TYR A 12 -6.60 3.68 -1.23
CA TYR A 12 -6.33 2.23 -1.15
C TYR A 12 -5.71 1.76 0.17
N CYS A 13 -4.79 2.51 0.84
CA CYS A 13 -4.37 2.11 2.20
C CYS A 13 -5.57 1.91 3.13
N LEU A 14 -5.26 1.41 4.31
CA LEU A 14 -6.16 1.26 5.46
C LEU A 14 -6.65 2.62 5.95
N CYS A 15 -6.11 3.71 5.37
CA CYS A 15 -6.44 5.07 5.66
C CYS A 15 -7.43 5.67 4.67
N HIS A 16 -7.67 4.98 3.53
CA HIS A 16 -8.49 5.41 2.41
C HIS A 16 -8.18 6.85 1.99
N GLN A 17 -6.87 7.13 1.81
CA GLN A 17 -6.35 8.41 1.32
C GLN A 17 -4.89 8.19 0.91
N VAL A 18 -4.47 8.95 -0.10
CA VAL A 18 -3.10 9.00 -0.64
C VAL A 18 -2.62 10.46 -0.80
N SER A 19 -1.34 10.66 -1.17
CA SER A 19 -0.64 11.94 -1.28
C SER A 19 -0.47 12.66 0.08
N TYR A 20 0.28 12.02 0.99
CA TYR A 20 0.48 12.41 2.38
C TYR A 20 1.68 11.63 2.96
N GLY A 21 2.78 12.35 3.25
CA GLY A 21 4.01 11.80 3.77
C GLY A 21 4.64 10.76 2.84
N GLU A 22 5.51 9.98 3.46
CA GLU A 22 6.11 8.77 2.92
C GLU A 22 5.06 7.66 2.69
N MET A 23 5.24 6.90 1.61
CA MET A 23 4.29 5.95 1.03
C MET A 23 5.05 4.80 0.36
N ILE A 24 4.42 3.62 0.27
CA ILE A 24 5.06 2.39 -0.16
C ILE A 24 4.05 1.62 -1.02
N GLY A 25 3.94 0.31 -0.80
CA GLY A 25 3.21 -0.61 -1.63
C GLY A 25 3.80 -2.01 -1.62
N CYS A 26 2.91 -2.99 -1.42
CA CYS A 26 3.22 -4.41 -1.46
C CYS A 26 3.69 -4.75 -2.87
N ASP A 27 4.94 -5.28 -2.97
CA ASP A 27 5.61 -5.64 -4.20
C ASP A 27 4.93 -6.82 -4.95
N ASP A 28 3.84 -7.39 -4.41
CA ASP A 28 2.98 -8.33 -5.12
C ASP A 28 2.22 -7.57 -6.22
N PRO A 29 2.43 -7.87 -7.52
CA PRO A 29 1.76 -7.21 -8.62
C PRO A 29 0.31 -7.69 -8.82
N ASP A 30 -0.21 -8.49 -7.87
CA ASP A 30 -1.58 -8.97 -7.80
C ASP A 30 -2.22 -8.57 -6.47
N CYS A 31 -1.53 -7.73 -5.65
CA CYS A 31 -2.13 -7.16 -4.46
C CYS A 31 -3.33 -6.29 -4.83
N SER A 32 -4.45 -6.51 -4.14
CA SER A 32 -5.75 -5.87 -4.38
C SER A 32 -5.81 -4.40 -3.90
N ILE A 33 -4.67 -3.85 -3.46
CA ILE A 33 -4.54 -2.56 -2.77
C ILE A 33 -3.34 -1.80 -3.35
N GLU A 34 -2.26 -2.52 -3.67
CA GLU A 34 -1.06 -2.09 -4.41
C GLU A 34 -0.11 -1.13 -3.65
N TRP A 35 -0.64 -0.14 -2.91
CA TRP A 35 0.10 0.89 -2.18
C TRP A 35 -0.40 0.91 -0.73
N PHE A 36 0.50 1.25 0.19
CA PHE A 36 0.24 1.21 1.63
C PHE A 36 1.08 2.30 2.29
N HIS A 37 0.64 2.75 3.46
CA HIS A 37 1.28 3.83 4.16
C HIS A 37 2.46 3.29 4.97
N PHE A 38 3.53 4.08 5.01
CA PHE A 38 4.70 3.89 5.87
C PHE A 38 4.34 3.89 7.37
N ALA A 39 3.10 4.24 7.75
CA ALA A 39 2.62 4.15 9.11
C ALA A 39 1.47 3.14 9.27
N CYS A 40 0.98 2.56 8.16
CA CYS A 40 0.06 1.41 8.19
C CYS A 40 0.79 0.07 8.43
N VAL A 41 2.11 0.11 8.55
CA VAL A 41 3.00 -0.98 8.94
C VAL A 41 3.98 -0.56 10.05
N GLY A 42 4.02 0.74 10.37
CA GLY A 42 4.92 1.32 11.36
C GLY A 42 6.38 1.35 10.90
N LEU A 43 6.63 1.59 9.60
CA LEU A 43 7.98 1.83 9.08
C LEU A 43 8.54 3.16 9.62
N THR A 44 9.88 3.26 9.62
CA THR A 44 10.64 4.40 10.13
C THR A 44 11.78 4.77 9.17
N THR A 45 12.17 3.84 8.28
CA THR A 45 13.07 4.04 7.16
C THR A 45 12.69 3.08 6.03
N LYS A 46 13.30 3.27 4.87
CA LYS A 46 13.06 2.50 3.67
C LYS A 46 13.46 1.03 3.91
N PRO A 47 12.54 0.06 3.79
CA PRO A 47 12.85 -1.37 3.98
C PRO A 47 13.64 -1.93 2.80
N ARG A 48 14.08 -3.19 2.93
CA ARG A 48 14.66 -3.96 1.85
C ARG A 48 13.60 -4.24 0.76
N GLY A 49 14.07 -4.62 -0.44
CA GLY A 49 13.21 -4.94 -1.58
C GLY A 49 12.27 -6.13 -1.32
N LYS A 50 11.26 -6.26 -2.18
CA LYS A 50 10.16 -7.22 -2.06
C LYS A 50 9.46 -7.11 -0.69
N TRP A 51 8.96 -5.91 -0.38
CA TRP A 51 8.14 -5.65 0.81
C TRP A 51 6.74 -6.25 0.61
N PHE A 52 6.03 -6.49 1.72
CA PHE A 52 4.67 -7.02 1.72
C PHE A 52 3.85 -6.31 2.81
N CYS A 53 2.58 -6.03 2.51
CA CYS A 53 1.63 -5.47 3.45
C CYS A 53 1.31 -6.44 4.60
N PRO A 54 0.73 -5.97 5.73
CA PRO A 54 0.40 -6.81 6.88
C PRO A 54 -0.82 -7.73 6.63
N ARG A 55 -1.02 -8.19 5.37
CA ARG A 55 -1.99 -9.20 4.98
C ARG A 55 -1.35 -10.21 4.03
N CYS A 56 -0.49 -9.71 3.12
CA CYS A 56 0.38 -10.45 2.25
C CYS A 56 1.54 -11.11 3.01
N SER A 57 2.01 -10.48 4.09
CA SER A 57 3.06 -10.99 4.97
C SER A 57 2.47 -11.97 6.02
N GLN A 58 1.24 -11.70 6.48
CA GLN A 58 0.49 -12.59 7.37
C GLN A 58 0.15 -13.94 6.73
N GLU A 59 0.16 -14.02 5.39
CA GLU A 59 0.01 -15.24 4.60
C GLU A 59 1.11 -16.28 4.89
N ARG A 60 2.21 -15.88 5.57
CA ARG A 60 3.32 -16.73 5.97
C ARG A 60 3.69 -16.52 7.45
N LYS A 61 2.72 -16.07 8.27
CA LYS A 61 2.85 -15.78 9.70
C LYS A 61 4.02 -14.84 10.00
N LYS A 62 3.93 -13.61 9.48
CA LYS A 62 4.88 -12.53 9.69
C LYS A 62 4.05 -11.25 9.85
N LYS A 63 4.12 -10.68 11.05
CA LYS A 63 3.28 -9.57 11.51
C LYS A 63 4.05 -8.69 12.50
ZN ZN B . -2.66 5.10 5.03
ZN ZN C . -0.47 -5.57 -0.15
N MET A 1 -5.44 18.67 -11.88
CA MET A 1 -4.40 17.72 -12.36
C MET A 1 -4.91 16.84 -13.51
N ASP A 2 -6.12 17.11 -14.05
CA ASP A 2 -6.76 16.36 -15.13
C ASP A 2 -6.94 14.87 -14.81
N MET A 3 -7.29 14.04 -15.80
CA MET A 3 -7.38 12.59 -15.70
C MET A 3 -6.02 11.96 -16.01
N PRO A 4 -5.30 11.38 -15.03
CA PRO A 4 -3.99 10.76 -15.26
C PRO A 4 -4.12 9.39 -15.96
N VAL A 5 -5.16 8.63 -15.62
CA VAL A 5 -5.44 7.28 -16.12
C VAL A 5 -6.95 6.95 -16.01
N ASP A 6 -7.79 7.95 -15.70
CA ASP A 6 -9.20 7.80 -15.30
C ASP A 6 -9.34 6.77 -14.16
N PRO A 7 -8.79 7.04 -12.96
CA PRO A 7 -8.85 6.14 -11.82
C PRO A 7 -10.27 6.10 -11.24
N ASN A 8 -10.98 4.99 -11.52
CA ASN A 8 -12.35 4.76 -11.03
C ASN A 8 -12.40 4.27 -9.57
N GLU A 9 -11.24 4.02 -8.93
CA GLU A 9 -11.15 3.57 -7.55
C GLU A 9 -9.91 4.19 -6.87
N PRO A 10 -9.88 5.51 -6.63
CA PRO A 10 -8.79 6.18 -5.92
C PRO A 10 -8.82 5.86 -4.42
N THR A 11 -7.69 6.09 -3.73
CA THR A 11 -7.41 5.77 -2.32
C THR A 11 -7.38 4.25 -2.06
N TYR A 12 -6.47 3.78 -1.18
CA TYR A 12 -6.23 2.34 -1.08
C TYR A 12 -5.65 1.86 0.25
N CYS A 13 -4.73 2.57 0.94
CA CYS A 13 -4.33 2.15 2.30
C CYS A 13 -5.53 1.98 3.22
N LEU A 14 -5.23 1.50 4.42
CA LEU A 14 -6.15 1.38 5.56
C LEU A 14 -6.64 2.76 6.02
N CYS A 15 -6.09 3.82 5.41
CA CYS A 15 -6.39 5.20 5.68
C CYS A 15 -7.35 5.81 4.66
N HIS A 16 -7.58 5.10 3.53
CA HIS A 16 -8.36 5.52 2.38
C HIS A 16 -8.04 6.96 1.96
N GLN A 17 -6.73 7.24 1.81
CA GLN A 17 -6.18 8.50 1.32
C GLN A 17 -4.73 8.25 0.94
N VAL A 18 -4.24 8.99 -0.06
CA VAL A 18 -2.87 8.99 -0.60
C VAL A 18 -2.34 10.43 -0.77
N SER A 19 -1.06 10.58 -1.13
CA SER A 19 -0.31 11.83 -1.25
C SER A 19 -0.18 12.57 0.10
N TYR A 20 0.51 11.93 1.05
CA TYR A 20 0.70 12.37 2.44
C TYR A 20 1.87 11.57 3.03
N GLY A 21 3.00 12.26 3.25
CA GLY A 21 4.25 11.66 3.70
C GLY A 21 4.79 10.63 2.72
N GLU A 22 5.72 9.86 3.27
CA GLU A 22 6.33 8.65 2.73
C GLU A 22 5.28 7.52 2.57
N MET A 23 5.50 6.65 1.58
CA MET A 23 4.54 5.66 1.06
C MET A 23 5.27 4.42 0.53
N ILE A 24 4.56 3.27 0.43
CA ILE A 24 5.11 2.00 -0.02
C ILE A 24 4.11 1.32 -0.97
N GLY A 25 3.86 0.02 -0.77
CA GLY A 25 3.12 -0.86 -1.65
C GLY A 25 3.66 -2.28 -1.66
N CYS A 26 2.72 -3.24 -1.54
CA CYS A 26 3.04 -4.66 -1.56
C CYS A 26 3.59 -5.03 -2.94
N ASP A 27 4.79 -5.61 -2.97
CA ASP A 27 5.43 -6.16 -4.17
C ASP A 27 4.68 -7.39 -4.75
N ASP A 28 3.53 -7.73 -4.16
CA ASP A 28 2.51 -8.65 -4.63
C ASP A 28 1.98 -8.12 -5.97
N PRO A 29 2.23 -8.80 -7.10
CA PRO A 29 1.83 -8.33 -8.43
C PRO A 29 0.34 -8.57 -8.74
N ASP A 30 -0.42 -8.93 -7.70
CA ASP A 30 -1.87 -9.10 -7.73
C ASP A 30 -2.51 -8.31 -6.57
N CYS A 31 -1.72 -7.48 -5.85
CA CYS A 31 -2.23 -6.65 -4.77
C CYS A 31 -3.35 -5.71 -5.28
N SER A 32 -4.53 -5.94 -4.70
CA SER A 32 -5.77 -5.20 -4.96
C SER A 32 -5.81 -3.85 -4.21
N ILE A 33 -4.70 -3.48 -3.55
CA ILE A 33 -4.53 -2.26 -2.77
C ILE A 33 -3.33 -1.47 -3.33
N GLU A 34 -2.28 -2.19 -3.77
CA GLU A 34 -1.11 -1.74 -4.54
C GLU A 34 -0.14 -0.80 -3.82
N TRP A 35 -0.59 -0.06 -2.80
CA TRP A 35 0.18 0.89 -2.02
C TRP A 35 -0.34 0.91 -0.57
N PHE A 36 0.56 1.18 0.38
CA PHE A 36 0.26 1.20 1.81
C PHE A 36 1.13 2.26 2.46
N HIS A 37 0.69 2.74 3.63
CA HIS A 37 1.35 3.82 4.32
C HIS A 37 2.53 3.30 5.14
N PHE A 38 3.60 4.09 5.17
CA PHE A 38 4.78 3.95 6.03
C PHE A 38 4.47 3.96 7.53
N ALA A 39 3.21 4.19 7.92
CA ALA A 39 2.73 4.10 9.29
C ALA A 39 1.56 3.11 9.43
N CYS A 40 0.99 2.60 8.32
CA CYS A 40 0.05 1.49 8.34
C CYS A 40 0.75 0.12 8.53
N VAL A 41 2.08 0.13 8.61
CA VAL A 41 2.96 -0.99 8.97
C VAL A 41 3.99 -0.58 10.03
N GLY A 42 3.97 0.70 10.45
CA GLY A 42 4.89 1.29 11.41
C GLY A 42 6.35 1.30 10.92
N LEU A 43 6.57 1.44 9.61
CA LEU A 43 7.90 1.32 8.99
C LEU A 43 8.83 2.45 9.41
N THR A 44 8.40 3.71 9.23
CA THR A 44 9.16 4.96 9.36
C THR A 44 10.56 4.96 8.66
N THR A 45 10.84 3.96 7.82
CA THR A 45 12.12 3.72 7.14
C THR A 45 11.87 2.98 5.82
N LYS A 46 12.81 3.07 4.88
CA LYS A 46 12.81 2.25 3.67
C LYS A 46 13.09 0.79 4.06
N PRO A 47 12.22 -0.19 3.70
CA PRO A 47 12.39 -1.58 4.10
C PRO A 47 13.54 -2.25 3.33
N ARG A 48 13.36 -2.41 2.01
CA ARG A 48 14.26 -3.05 1.05
C ARG A 48 13.65 -2.86 -0.35
N GLY A 49 14.25 -3.48 -1.37
CA GLY A 49 13.67 -3.60 -2.71
C GLY A 49 12.57 -4.67 -2.79
N LYS A 50 12.03 -5.12 -1.64
CA LYS A 50 10.96 -6.12 -1.53
C LYS A 50 10.33 -5.96 -0.14
N TRP A 51 9.03 -5.67 -0.13
CA TRP A 51 8.18 -5.50 1.04
C TRP A 51 6.84 -6.22 0.82
N PHE A 52 6.11 -6.47 1.92
CA PHE A 52 4.79 -7.11 1.88
C PHE A 52 3.85 -6.43 2.88
N CYS A 53 2.56 -6.28 2.50
CA CYS A 53 1.52 -5.77 3.37
C CYS A 53 1.24 -6.72 4.54
N PRO A 54 0.62 -6.25 5.64
CA PRO A 54 0.31 -7.05 6.83
C PRO A 54 -0.83 -8.07 6.60
N ARG A 55 -1.01 -8.54 5.35
CA ARG A 55 -1.97 -9.55 4.94
C ARG A 55 -1.28 -10.58 4.03
N CYS A 56 -0.33 -10.11 3.20
CA CYS A 56 0.59 -10.93 2.43
C CYS A 56 1.65 -11.55 3.33
N SER A 57 2.13 -10.79 4.33
CA SER A 57 3.10 -11.22 5.32
C SER A 57 2.46 -12.13 6.39
N GLN A 58 1.16 -11.97 6.64
CA GLN A 58 0.41 -12.76 7.61
C GLN A 58 0.34 -14.25 7.22
N GLU A 59 0.38 -14.55 5.92
CA GLU A 59 0.44 -15.89 5.34
C GLU A 59 1.70 -16.67 5.77
N ARG A 60 2.71 -15.98 6.31
CA ARG A 60 4.00 -16.53 6.74
C ARG A 60 4.33 -16.13 8.18
N LYS A 61 3.30 -15.77 8.97
CA LYS A 61 3.39 -15.36 10.38
C LYS A 61 2.32 -16.10 11.19
N LYS A 62 2.35 -17.43 11.15
CA LYS A 62 1.59 -18.33 12.00
C LYS A 62 2.23 -18.32 13.40
N LYS A 63 1.97 -17.24 14.14
CA LYS A 63 2.62 -16.84 15.39
C LYS A 63 4.11 -16.56 15.12
ZN ZN B . -2.59 5.15 5.16
ZN ZN C . -0.69 -7.16 -1.82
N MET A 1 3.95 12.26 -21.14
CA MET A 1 3.06 11.15 -21.50
C MET A 1 3.88 9.87 -21.54
N ASP A 2 3.62 8.98 -20.57
CA ASP A 2 4.45 7.80 -20.31
C ASP A 2 3.61 6.61 -19.86
N MET A 3 2.62 6.85 -18.98
CA MET A 3 1.65 5.85 -18.52
C MET A 3 0.37 6.58 -18.05
N PRO A 4 -0.38 7.23 -18.96
CA PRO A 4 -1.50 8.13 -18.63
C PRO A 4 -2.79 7.42 -18.21
N VAL A 5 -2.80 6.08 -18.15
CA VAL A 5 -3.96 5.26 -17.77
C VAL A 5 -4.35 5.48 -16.30
N ASP A 6 -5.35 6.34 -16.10
CA ASP A 6 -5.91 6.66 -14.80
C ASP A 6 -6.76 5.50 -14.26
N PRO A 7 -6.55 5.04 -13.00
CA PRO A 7 -7.35 3.97 -12.39
C PRO A 7 -8.71 4.50 -11.91
N ASN A 8 -9.72 3.62 -11.96
CA ASN A 8 -11.09 3.91 -11.54
C ASN A 8 -11.32 3.61 -10.03
N GLU A 9 -10.25 3.61 -9.23
CA GLU A 9 -10.25 3.19 -7.83
C GLU A 9 -9.38 4.15 -6.99
N PRO A 10 -9.85 5.38 -6.70
CA PRO A 10 -9.12 6.32 -5.85
C PRO A 10 -9.10 5.83 -4.39
N THR A 11 -7.95 6.07 -3.72
CA THR A 11 -7.60 5.64 -2.35
C THR A 11 -7.55 4.11 -2.19
N TYR A 12 -6.68 3.60 -1.29
CA TYR A 12 -6.41 2.15 -1.25
C TYR A 12 -5.88 1.64 0.09
N CYS A 13 -4.93 2.34 0.75
CA CYS A 13 -4.47 2.12 2.11
C CYS A 13 -5.58 1.76 3.10
N LEU A 14 -5.12 1.37 4.29
CA LEU A 14 -5.96 1.23 5.46
C LEU A 14 -6.39 2.60 5.97
N CYS A 15 -5.85 3.70 5.40
CA CYS A 15 -6.25 5.04 5.71
C CYS A 15 -7.29 5.58 4.71
N HIS A 16 -7.45 4.88 3.57
CA HIS A 16 -8.28 5.25 2.43
C HIS A 16 -8.08 6.72 2.01
N GLN A 17 -6.81 7.12 1.79
CA GLN A 17 -6.38 8.44 1.35
C GLN A 17 -4.89 8.37 1.03
N VAL A 18 -4.45 9.04 -0.04
CA VAL A 18 -3.04 9.08 -0.52
C VAL A 18 -2.52 10.53 -0.58
N SER A 19 -1.20 10.69 -0.82
CA SER A 19 -0.46 11.95 -0.92
C SER A 19 -0.37 12.71 0.43
N TYR A 20 0.31 12.09 1.41
CA TYR A 20 0.47 12.56 2.78
C TYR A 20 1.70 11.84 3.39
N GLY A 21 2.76 12.62 3.66
CA GLY A 21 4.06 12.11 4.05
C GLY A 21 4.71 11.39 2.88
N GLU A 22 5.04 10.13 3.13
CA GLU A 22 5.67 9.19 2.23
C GLU A 22 4.79 7.93 2.06
N MET A 23 5.13 7.11 1.05
CA MET A 23 4.30 6.00 0.58
C MET A 23 5.14 4.76 0.29
N ILE A 24 4.49 3.59 0.34
CA ILE A 24 5.07 2.31 -0.03
C ILE A 24 4.04 1.58 -0.89
N GLY A 25 3.89 0.28 -0.69
CA GLY A 25 3.14 -0.62 -1.55
C GLY A 25 3.72 -2.02 -1.57
N CYS A 26 2.82 -2.99 -1.41
CA CYS A 26 3.15 -4.41 -1.45
C CYS A 26 3.60 -4.76 -2.86
N ASP A 27 4.83 -5.30 -2.96
CA ASP A 27 5.48 -5.71 -4.20
C ASP A 27 4.78 -6.89 -4.91
N ASP A 28 3.71 -7.45 -4.32
CA ASP A 28 2.83 -8.41 -4.97
C ASP A 28 2.07 -7.68 -6.10
N PRO A 29 2.25 -8.06 -7.39
CA PRO A 29 1.56 -7.44 -8.51
C PRO A 29 0.09 -7.87 -8.64
N ASP A 30 -0.40 -8.66 -7.68
CA ASP A 30 -1.79 -9.09 -7.55
C ASP A 30 -2.39 -8.57 -6.23
N CYS A 31 -1.67 -7.72 -5.49
CA CYS A 31 -2.21 -7.02 -4.33
C CYS A 31 -3.40 -6.16 -4.76
N SER A 32 -4.51 -6.34 -4.04
CA SER A 32 -5.81 -5.69 -4.31
C SER A 32 -5.88 -4.24 -3.79
N ILE A 33 -4.75 -3.70 -3.31
CA ILE A 33 -4.62 -2.37 -2.72
C ILE A 33 -3.39 -1.64 -3.30
N GLU A 34 -2.32 -2.39 -3.62
CA GLU A 34 -1.11 -1.97 -4.36
C GLU A 34 -0.17 -1.04 -3.58
N TRP A 35 -0.69 -0.09 -2.80
CA TRP A 35 0.05 0.94 -2.07
C TRP A 35 -0.45 0.96 -0.62
N PHE A 36 0.45 1.29 0.30
CA PHE A 36 0.18 1.35 1.73
C PHE A 36 1.02 2.45 2.32
N HIS A 37 0.51 3.05 3.38
CA HIS A 37 1.24 4.07 4.11
C HIS A 37 2.39 3.43 4.91
N PHE A 38 3.47 4.21 5.05
CA PHE A 38 4.57 3.94 5.98
C PHE A 38 4.11 3.89 7.45
N ALA A 39 2.84 4.20 7.76
CA ALA A 39 2.23 4.01 9.07
C ALA A 39 1.02 3.06 9.03
N CYS A 40 0.63 2.54 7.85
CA CYS A 40 -0.29 1.43 7.72
C CYS A 40 0.37 0.09 8.13
N VAL A 41 1.69 0.13 8.42
CA VAL A 41 2.51 -1.00 8.88
C VAL A 41 3.42 -0.61 10.06
N GLY A 42 3.51 0.70 10.36
CA GLY A 42 4.38 1.25 11.38
C GLY A 42 5.87 1.22 10.99
N LEU A 43 6.20 1.44 9.70
CA LEU A 43 7.59 1.56 9.25
C LEU A 43 8.26 2.82 9.82
N THR A 44 9.60 2.79 9.83
CA THR A 44 10.48 3.84 10.34
C THR A 44 11.72 4.04 9.44
N THR A 45 11.86 3.21 8.39
CA THR A 45 12.91 3.29 7.37
C THR A 45 12.37 2.72 6.06
N LYS A 46 13.11 3.00 4.98
CA LYS A 46 12.83 2.49 3.65
C LYS A 46 13.40 1.06 3.53
N PRO A 47 12.56 0.02 3.32
CA PRO A 47 13.02 -1.35 3.10
C PRO A 47 13.56 -1.52 1.66
N ARG A 48 14.26 -2.64 1.42
CA ARG A 48 14.84 -2.99 0.13
C ARG A 48 14.69 -4.49 -0.14
N GLY A 49 14.88 -4.87 -1.41
CA GLY A 49 14.64 -6.22 -1.93
C GLY A 49 13.19 -6.31 -2.42
N LYS A 50 12.25 -6.43 -1.47
CA LYS A 50 10.82 -6.32 -1.63
C LYS A 50 10.19 -6.28 -0.25
N TRP A 51 9.03 -5.65 -0.18
CA TRP A 51 8.18 -5.49 0.99
C TRP A 51 6.81 -6.14 0.74
N PHE A 52 6.07 -6.37 1.84
CA PHE A 52 4.73 -6.97 1.84
C PHE A 52 3.87 -6.26 2.87
N CYS A 53 2.58 -6.05 2.56
CA CYS A 53 1.62 -5.49 3.50
C CYS A 53 1.30 -6.45 4.66
N PRO A 54 0.70 -5.97 5.76
CA PRO A 54 0.32 -6.80 6.92
C PRO A 54 -0.90 -7.70 6.64
N ARG A 55 -1.04 -8.19 5.40
CA ARG A 55 -2.01 -9.20 4.99
C ARG A 55 -1.33 -10.23 4.08
N CYS A 56 -0.40 -9.77 3.24
CA CYS A 56 0.48 -10.56 2.41
C CYS A 56 1.61 -11.22 3.23
N SER A 57 2.08 -10.54 4.29
CA SER A 57 3.06 -11.07 5.24
C SER A 57 2.41 -11.86 6.38
N GLN A 58 1.09 -11.70 6.59
CA GLN A 58 0.32 -12.32 7.66
C GLN A 58 0.28 -13.85 7.54
N GLU A 59 0.51 -14.41 6.34
CA GLU A 59 0.70 -15.83 6.08
C GLU A 59 1.69 -16.49 7.05
N ARG A 60 2.75 -15.76 7.44
CA ARG A 60 3.85 -16.27 8.26
C ARG A 60 4.20 -15.32 9.42
N LYS A 61 3.29 -14.39 9.73
CA LYS A 61 3.34 -13.49 10.88
C LYS A 61 1.95 -13.49 11.52
N LYS A 62 1.72 -14.56 12.30
CA LYS A 62 0.42 -14.95 12.87
C LYS A 62 0.60 -15.51 14.29
N LYS A 63 1.54 -14.91 15.05
CA LYS A 63 1.91 -15.25 16.41
C LYS A 63 0.70 -15.21 17.35
ZN ZN B . -2.54 4.77 4.99
ZN ZN C . -0.56 -5.83 -0.25
N MET A 1 -6.89 14.94 -20.92
CA MET A 1 -6.76 13.99 -22.04
C MET A 1 -6.83 12.56 -21.49
N ASP A 2 -7.76 11.77 -22.04
CA ASP A 2 -7.97 10.37 -21.67
C ASP A 2 -6.75 9.53 -22.02
N MET A 3 -6.20 8.86 -21.00
CA MET A 3 -4.97 8.06 -21.08
C MET A 3 -5.01 6.81 -20.18
N PRO A 4 -5.39 6.87 -18.87
CA PRO A 4 -5.44 5.67 -18.03
C PRO A 4 -6.64 4.77 -18.40
N VAL A 5 -7.79 5.37 -18.71
CA VAL A 5 -9.03 4.83 -19.28
C VAL A 5 -9.59 3.52 -18.68
N ASP A 6 -9.10 3.07 -17.51
CA ASP A 6 -9.46 1.80 -16.87
C ASP A 6 -9.54 1.88 -15.34
N PRO A 7 -8.56 2.42 -14.58
CA PRO A 7 -8.66 2.50 -13.12
C PRO A 7 -9.68 3.56 -12.70
N ASN A 8 -10.47 3.22 -11.67
CA ASN A 8 -11.61 4.02 -11.19
C ASN A 8 -11.88 3.75 -9.70
N GLU A 9 -10.80 3.54 -8.92
CA GLU A 9 -10.85 3.13 -7.52
C GLU A 9 -9.84 3.96 -6.70
N PRO A 10 -10.14 5.22 -6.37
CA PRO A 10 -9.26 6.09 -5.59
C PRO A 10 -9.19 5.65 -4.12
N THR A 11 -8.05 5.94 -3.47
CA THR A 11 -7.66 5.53 -2.11
C THR A 11 -7.53 4.00 -1.96
N TYR A 12 -6.61 3.53 -1.10
CA TYR A 12 -6.28 2.09 -1.09
C TYR A 12 -5.69 1.58 0.23
N CYS A 13 -4.74 2.31 0.85
CA CYS A 13 -4.23 2.11 2.21
C CYS A 13 -5.31 1.75 3.23
N LEU A 14 -4.82 1.35 4.39
CA LEU A 14 -5.63 1.20 5.59
C LEU A 14 -6.05 2.57 6.12
N CYS A 15 -5.53 3.67 5.54
CA CYS A 15 -5.92 5.01 5.86
C CYS A 15 -7.00 5.55 4.91
N HIS A 16 -7.20 4.85 3.77
CA HIS A 16 -8.08 5.23 2.66
C HIS A 16 -7.88 6.70 2.24
N GLN A 17 -6.62 7.09 1.95
CA GLN A 17 -6.22 8.41 1.48
C GLN A 17 -4.74 8.34 1.08
N VAL A 18 -4.37 9.03 0.01
CA VAL A 18 -2.98 9.14 -0.50
C VAL A 18 -2.55 10.62 -0.62
N SER A 19 -1.25 10.85 -0.88
CA SER A 19 -0.58 12.16 -0.92
C SER A 19 -0.49 12.84 0.46
N TYR A 20 0.28 12.23 1.36
CA TYR A 20 0.48 12.63 2.76
C TYR A 20 1.73 11.90 3.29
N GLY A 21 2.79 12.65 3.55
CA GLY A 21 4.11 12.13 3.86
C GLY A 21 4.67 11.41 2.63
N GLU A 22 5.23 10.24 2.93
CA GLU A 22 5.81 9.28 1.99
C GLU A 22 4.97 8.01 1.90
N MET A 23 5.29 7.17 0.91
CA MET A 23 4.48 6.02 0.49
C MET A 23 5.34 4.78 0.22
N ILE A 24 4.70 3.61 0.25
CA ILE A 24 5.28 2.35 -0.18
C ILE A 24 4.23 1.64 -1.05
N GLY A 25 4.10 0.33 -0.86
CA GLY A 25 3.34 -0.57 -1.69
C GLY A 25 3.93 -1.97 -1.70
N CYS A 26 3.04 -2.95 -1.50
CA CYS A 26 3.36 -4.37 -1.50
C CYS A 26 3.86 -4.75 -2.89
N ASP A 27 5.06 -5.35 -2.96
CA ASP A 27 5.71 -5.78 -4.19
C ASP A 27 4.97 -6.90 -4.93
N ASP A 28 3.85 -7.43 -4.39
CA ASP A 28 2.95 -8.33 -5.07
C ASP A 28 2.19 -7.52 -6.15
N PRO A 29 2.34 -7.84 -7.46
CA PRO A 29 1.63 -7.17 -8.54
C PRO A 29 0.16 -7.60 -8.67
N ASP A 30 -0.30 -8.47 -7.75
CA ASP A 30 -1.69 -8.92 -7.63
C ASP A 30 -2.29 -8.47 -6.29
N CYS A 31 -1.56 -7.64 -5.51
CA CYS A 31 -2.10 -6.97 -4.34
C CYS A 31 -3.30 -6.10 -4.73
N SER A 32 -4.42 -6.30 -4.02
CA SER A 32 -5.71 -5.66 -4.25
C SER A 32 -5.76 -4.19 -3.80
N ILE A 33 -4.63 -3.65 -3.32
CA ILE A 33 -4.48 -2.33 -2.72
C ILE A 33 -3.26 -1.59 -3.31
N GLU A 34 -2.20 -2.35 -3.64
CA GLU A 34 -1.01 -1.93 -4.37
C GLU A 34 -0.04 -1.01 -3.60
N TRP A 35 -0.55 -0.08 -2.79
CA TRP A 35 0.20 0.95 -2.07
C TRP A 35 -0.27 0.97 -0.61
N PHE A 36 0.65 1.31 0.28
CA PHE A 36 0.43 1.35 1.73
C PHE A 36 1.30 2.44 2.30
N HIS A 37 0.81 3.05 3.38
CA HIS A 37 1.53 4.09 4.07
C HIS A 37 2.72 3.52 4.87
N PHE A 38 3.75 4.35 5.02
CA PHE A 38 4.87 4.16 5.95
C PHE A 38 4.44 4.06 7.43
N ALA A 39 3.14 4.25 7.73
CA ALA A 39 2.56 4.02 9.04
C ALA A 39 1.38 3.02 8.99
N CYS A 40 0.99 2.53 7.79
CA CYS A 40 0.06 1.40 7.65
C CYS A 40 0.74 0.07 8.04
N VAL A 41 2.06 0.09 8.28
CA VAL A 41 2.87 -1.02 8.80
C VAL A 41 3.81 -0.57 9.94
N GLY A 42 3.84 0.73 10.23
CA GLY A 42 4.76 1.34 11.19
C GLY A 42 6.22 1.30 10.73
N LEU A 43 6.47 1.41 9.42
CA LEU A 43 7.80 1.29 8.81
C LEU A 43 8.75 2.40 9.26
N THR A 44 8.30 3.66 9.14
CA THR A 44 9.02 4.92 9.32
C THR A 44 10.40 5.04 8.62
N THR A 45 10.78 4.05 7.79
CA THR A 45 12.04 3.98 7.04
C THR A 45 11.80 3.24 5.71
N LYS A 46 12.76 3.34 4.78
CA LYS A 46 12.77 2.56 3.54
C LYS A 46 12.95 1.06 3.89
N PRO A 47 12.07 0.16 3.38
CA PRO A 47 12.16 -1.28 3.67
C PRO A 47 13.19 -1.99 2.79
N ARG A 48 13.42 -3.28 3.10
CA ARG A 48 14.15 -4.21 2.26
C ARG A 48 13.36 -4.47 0.96
N GLY A 49 14.05 -4.98 -0.07
CA GLY A 49 13.41 -5.40 -1.32
C GLY A 49 12.41 -6.54 -1.09
N LYS A 50 11.40 -6.63 -1.97
CA LYS A 50 10.24 -7.51 -1.84
C LYS A 50 9.57 -7.35 -0.47
N TRP A 51 9.08 -6.14 -0.25
CA TRP A 51 8.25 -5.81 0.90
C TRP A 51 6.83 -6.37 0.67
N PHE A 52 6.13 -6.65 1.77
CA PHE A 52 4.78 -7.18 1.76
C PHE A 52 3.97 -6.48 2.86
N CYS A 53 2.72 -6.13 2.54
CA CYS A 53 1.77 -5.51 3.47
C CYS A 53 1.41 -6.47 4.62
N PRO A 54 0.77 -5.98 5.71
CA PRO A 54 0.34 -6.81 6.84
C PRO A 54 -0.89 -7.69 6.52
N ARG A 55 -0.98 -8.20 5.27
CA ARG A 55 -1.93 -9.21 4.84
C ARG A 55 -1.22 -10.22 3.92
N CYS A 56 -0.33 -9.72 3.06
CA CYS A 56 0.58 -10.46 2.21
C CYS A 56 1.72 -11.10 3.01
N SER A 57 2.12 -10.51 4.14
CA SER A 57 3.05 -11.09 5.10
C SER A 57 2.39 -12.20 5.92
N GLN A 58 1.09 -12.03 6.24
CA GLN A 58 0.33 -12.96 7.06
C GLN A 58 0.03 -14.29 6.34
N GLU A 59 0.27 -14.36 5.03
CA GLU A 59 0.22 -15.54 4.19
C GLU A 59 1.10 -16.66 4.75
N ARG A 60 2.42 -16.46 4.74
CA ARG A 60 3.44 -17.40 5.26
C ARG A 60 4.83 -16.74 5.32
N LYS A 61 4.88 -15.40 5.33
CA LYS A 61 6.09 -14.59 5.13
C LYS A 61 6.22 -13.54 6.24
N LYS A 62 6.63 -14.01 7.43
CA LYS A 62 6.73 -13.28 8.69
C LYS A 62 5.35 -12.96 9.27
N LYS A 63 4.98 -13.69 10.31
CA LYS A 63 3.73 -13.57 11.06
C LYS A 63 3.98 -13.95 12.52
ZN ZN B . -2.24 4.78 5.00
ZN ZN C . -0.38 -5.60 -0.20
N MET A 1 -19.22 10.95 -28.36
CA MET A 1 -18.83 12.19 -27.66
C MET A 1 -19.12 12.04 -26.17
N ASP A 2 -18.08 11.67 -25.43
CA ASP A 2 -18.16 11.28 -24.02
C ASP A 2 -16.77 11.31 -23.38
N MET A 3 -16.74 11.52 -22.06
CA MET A 3 -15.53 11.51 -21.24
C MET A 3 -15.93 11.21 -19.79
N PRO A 4 -16.12 9.93 -19.41
CA PRO A 4 -16.44 9.54 -18.05
C PRO A 4 -15.22 9.72 -17.14
N VAL A 5 -15.40 10.48 -16.05
CA VAL A 5 -14.39 10.72 -15.01
C VAL A 5 -15.07 10.66 -13.63
N ASP A 6 -16.19 9.94 -13.52
CA ASP A 6 -16.92 9.69 -12.28
C ASP A 6 -16.01 9.05 -11.20
N PRO A 7 -15.19 8.01 -11.50
CA PRO A 7 -14.17 7.54 -10.58
C PRO A 7 -12.99 8.53 -10.61
N ASN A 8 -12.78 9.25 -9.50
CA ASN A 8 -11.75 10.28 -9.36
C ASN A 8 -11.27 10.38 -7.90
N GLU A 9 -11.30 9.25 -7.17
CA GLU A 9 -10.95 9.15 -5.76
C GLU A 9 -10.07 7.90 -5.54
N PRO A 10 -8.80 7.92 -5.99
CA PRO A 10 -7.87 6.80 -5.86
C PRO A 10 -7.47 6.62 -4.38
N THR A 11 -7.93 5.51 -3.78
CA THR A 11 -7.76 5.17 -2.37
C THR A 11 -7.63 3.66 -2.22
N TYR A 12 -6.72 3.18 -1.36
CA TYR A 12 -6.38 1.74 -1.34
C TYR A 12 -5.80 1.25 0.00
N CYS A 13 -4.86 1.99 0.62
CA CYS A 13 -4.37 1.80 1.99
C CYS A 13 -5.47 1.46 2.99
N LEU A 14 -5.01 1.09 4.19
CA LEU A 14 -5.85 0.96 5.37
C LEU A 14 -6.30 2.35 5.84
N CYS A 15 -5.78 3.43 5.24
CA CYS A 15 -6.18 4.78 5.51
C CYS A 15 -7.21 5.30 4.49
N HIS A 16 -7.34 4.57 3.36
CA HIS A 16 -8.14 4.91 2.18
C HIS A 16 -7.95 6.38 1.73
N GLN A 17 -6.67 6.78 1.55
CA GLN A 17 -6.25 8.10 1.12
C GLN A 17 -4.75 8.05 0.77
N VAL A 18 -4.36 8.73 -0.30
CA VAL A 18 -2.96 8.86 -0.77
C VAL A 18 -2.58 10.36 -0.86
N SER A 19 -1.37 10.68 -1.37
CA SER A 19 -0.77 12.02 -1.44
C SER A 19 -0.56 12.71 -0.07
N TYR A 20 0.12 12.01 0.84
CA TYR A 20 0.39 12.41 2.23
C TYR A 20 1.66 11.70 2.72
N GLY A 21 2.67 12.50 3.12
CA GLY A 21 4.00 12.05 3.50
C GLY A 21 4.67 11.28 2.37
N GLU A 22 4.87 9.99 2.64
CA GLU A 22 5.57 9.01 1.82
C GLU A 22 4.79 7.70 1.72
N MET A 23 5.22 6.81 0.80
CA MET A 23 4.46 5.64 0.38
C MET A 23 5.34 4.39 0.22
N ILE A 24 4.68 3.22 0.26
CA ILE A 24 5.25 1.94 -0.11
C ILE A 24 4.22 1.23 -0.99
N GLY A 25 4.02 -0.06 -0.76
CA GLY A 25 3.24 -0.95 -1.59
C GLY A 25 3.79 -2.36 -1.57
N CYS A 26 2.87 -3.31 -1.36
CA CYS A 26 3.18 -4.74 -1.37
C CYS A 26 3.62 -5.13 -2.79
N ASP A 27 4.85 -5.61 -2.89
CA ASP A 27 5.50 -6.03 -4.15
C ASP A 27 4.86 -7.27 -4.79
N ASP A 28 3.79 -7.84 -4.20
CA ASP A 28 2.95 -8.85 -4.82
C ASP A 28 2.21 -8.19 -6.00
N PRO A 29 2.41 -8.64 -7.25
CA PRO A 29 1.73 -8.08 -8.42
C PRO A 29 0.26 -8.53 -8.55
N ASP A 30 -0.24 -9.25 -7.54
CA ASP A 30 -1.64 -9.68 -7.42
C ASP A 30 -2.26 -9.11 -6.13
N CYS A 31 -1.54 -8.22 -5.42
CA CYS A 31 -2.08 -7.49 -4.27
C CYS A 31 -3.30 -6.67 -4.70
N SER A 32 -4.39 -6.82 -3.93
CA SER A 32 -5.69 -6.21 -4.17
C SER A 32 -5.75 -4.70 -3.82
N ILE A 33 -4.63 -4.13 -3.36
CA ILE A 33 -4.52 -2.77 -2.80
C ILE A 33 -3.29 -2.05 -3.39
N GLU A 34 -2.21 -2.79 -3.67
CA GLU A 34 -1.01 -2.38 -4.40
C GLU A 34 -0.06 -1.45 -3.63
N TRP A 35 -0.60 -0.48 -2.88
CA TRP A 35 0.13 0.58 -2.17
C TRP A 35 -0.38 0.63 -0.73
N PHE A 36 0.52 0.98 0.19
CA PHE A 36 0.25 1.05 1.62
C PHE A 36 1.10 2.16 2.19
N HIS A 37 0.58 2.80 3.22
CA HIS A 37 1.25 3.88 3.89
C HIS A 37 2.44 3.37 4.71
N PHE A 38 3.44 4.24 4.85
CA PHE A 38 4.56 4.11 5.78
C PHE A 38 4.14 4.08 7.26
N ALA A 39 2.84 4.20 7.56
CA ALA A 39 2.27 3.97 8.89
C ALA A 39 1.10 2.97 8.85
N CYS A 40 0.76 2.41 7.67
CA CYS A 40 -0.14 1.26 7.57
C CYS A 40 0.55 -0.03 8.04
N VAL A 41 1.86 -0.01 8.30
CA VAL A 41 2.62 -1.09 8.95
C VAL A 41 3.59 -0.59 10.04
N GLY A 42 3.80 0.72 10.11
CA GLY A 42 4.72 1.36 11.06
C GLY A 42 6.18 1.42 10.57
N LEU A 43 6.42 1.66 9.27
CA LEU A 43 7.76 1.88 8.73
C LEU A 43 8.37 3.18 9.28
N THR A 44 9.41 3.03 10.09
CA THR A 44 10.27 4.14 10.53
C THR A 44 11.27 4.56 9.43
N THR A 45 11.55 3.66 8.47
CA THR A 45 12.40 3.90 7.30
C THR A 45 12.05 2.92 6.17
N LYS A 46 12.70 3.09 5.02
CA LYS A 46 12.58 2.23 3.86
C LYS A 46 13.13 0.83 4.21
N PRO A 47 12.32 -0.25 4.13
CA PRO A 47 12.72 -1.58 4.57
C PRO A 47 13.69 -2.23 3.57
N ARG A 48 13.31 -2.26 2.28
CA ARG A 48 14.06 -2.81 1.15
C ARG A 48 13.31 -2.45 -0.14
N GLY A 49 13.83 -2.91 -1.29
CA GLY A 49 13.14 -2.90 -2.57
C GLY A 49 12.19 -4.10 -2.73
N LYS A 50 11.82 -4.77 -1.63
CA LYS A 50 10.92 -5.92 -1.58
C LYS A 50 10.28 -5.95 -0.18
N TRP A 51 8.98 -5.72 -0.14
CA TRP A 51 8.15 -5.62 1.05
C TRP A 51 6.79 -6.32 0.82
N PHE A 52 6.07 -6.60 1.92
CA PHE A 52 4.74 -7.19 1.91
C PHE A 52 3.87 -6.51 2.97
N CYS A 53 2.59 -6.30 2.65
CA CYS A 53 1.62 -5.72 3.57
C CYS A 53 1.30 -6.67 4.75
N PRO A 54 0.69 -6.17 5.85
CA PRO A 54 0.31 -6.97 7.01
C PRO A 54 -0.90 -7.91 6.74
N ARG A 55 -1.02 -8.42 5.51
CA ARG A 55 -1.97 -9.48 5.13
C ARG A 55 -1.28 -10.50 4.21
N CYS A 56 -0.37 -10.01 3.35
CA CYS A 56 0.55 -10.79 2.55
C CYS A 56 1.67 -11.40 3.39
N SER A 57 2.10 -10.70 4.45
CA SER A 57 3.14 -11.12 5.39
C SER A 57 2.62 -12.08 6.47
N GLN A 58 1.29 -12.18 6.66
CA GLN A 58 0.67 -13.15 7.55
C GLN A 58 0.83 -14.59 7.00
N GLU A 59 0.85 -14.74 5.67
CA GLU A 59 1.19 -15.96 4.96
C GLU A 59 2.66 -16.35 5.20
N ARG A 60 3.03 -17.58 4.82
CA ARG A 60 4.39 -18.11 4.88
C ARG A 60 4.97 -18.09 6.31
N LYS A 61 4.13 -18.45 7.29
CA LYS A 61 4.49 -18.67 8.69
C LYS A 61 5.41 -19.89 8.78
N LYS A 62 6.71 -19.61 8.78
CA LYS A 62 7.84 -20.53 8.66
C LYS A 62 7.78 -21.39 7.38
N LYS A 63 8.69 -21.09 6.46
CA LYS A 63 8.98 -21.89 5.27
C LYS A 63 10.48 -21.75 4.98
ZN ZN B . -2.50 4.53 4.78
ZN ZN C . -0.55 -6.09 -0.13
N MET A 1 -10.06 27.14 -10.66
CA MET A 1 -9.10 27.36 -11.75
C MET A 1 -8.57 26.01 -12.25
N ASP A 2 -9.20 25.50 -13.31
CA ASP A 2 -8.94 24.17 -13.88
C ASP A 2 -8.97 23.06 -12.83
N MET A 3 -10.17 22.85 -12.26
CA MET A 3 -10.41 21.99 -11.09
C MET A 3 -11.52 20.96 -11.41
N PRO A 4 -11.21 19.87 -12.13
CA PRO A 4 -12.15 18.77 -12.36
C PRO A 4 -12.42 18.00 -11.07
N VAL A 5 -13.58 17.33 -11.02
CA VAL A 5 -14.06 16.55 -9.88
C VAL A 5 -14.80 15.33 -10.43
N ASP A 6 -14.49 14.16 -9.86
CA ASP A 6 -15.00 12.87 -10.31
C ASP A 6 -15.26 11.94 -9.10
N PRO A 7 -16.19 10.97 -9.21
CA PRO A 7 -16.49 9.96 -8.19
C PRO A 7 -15.48 8.80 -8.22
N ASN A 8 -14.21 9.09 -8.51
CA ASN A 8 -13.15 8.12 -8.80
C ASN A 8 -11.85 8.47 -8.05
N GLU A 9 -11.98 8.98 -6.81
CA GLU A 9 -10.86 9.35 -5.94
C GLU A 9 -9.98 8.12 -5.65
N PRO A 10 -8.64 8.20 -5.81
CA PRO A 10 -7.73 7.11 -5.52
C PRO A 10 -7.59 6.91 -4.00
N THR A 11 -8.01 5.73 -3.51
CA THR A 11 -7.95 5.31 -2.12
C THR A 11 -7.74 3.79 -2.07
N TYR A 12 -6.84 3.31 -1.19
CA TYR A 12 -6.49 1.88 -1.16
C TYR A 12 -5.93 1.38 0.18
N CYS A 13 -4.94 2.08 0.79
CA CYS A 13 -4.43 1.89 2.14
C CYS A 13 -5.51 1.55 3.19
N LEU A 14 -5.01 1.20 4.37
CA LEU A 14 -5.82 1.08 5.57
C LEU A 14 -6.27 2.48 6.03
N CYS A 15 -5.75 3.55 5.41
CA CYS A 15 -6.18 4.90 5.66
C CYS A 15 -7.24 5.38 4.65
N HIS A 16 -7.38 4.63 3.54
CA HIS A 16 -8.21 4.93 2.36
C HIS A 16 -8.05 6.38 1.87
N GLN A 17 -6.79 6.82 1.67
CA GLN A 17 -6.42 8.14 1.17
C GLN A 17 -4.92 8.10 0.85
N VAL A 18 -4.51 8.77 -0.23
CA VAL A 18 -3.11 8.87 -0.70
C VAL A 18 -2.67 10.35 -0.83
N SER A 19 -1.39 10.58 -1.12
CA SER A 19 -0.73 11.89 -1.24
C SER A 19 -0.61 12.63 0.11
N TYR A 20 0.04 11.96 1.09
CA TYR A 20 0.25 12.40 2.47
C TYR A 20 1.47 11.62 2.99
N GLY A 21 2.58 12.33 3.20
CA GLY A 21 3.86 11.72 3.46
C GLY A 21 4.35 10.92 2.26
N GLU A 22 5.26 10.01 2.57
CA GLU A 22 5.80 8.98 1.69
C GLU A 22 4.90 7.74 1.64
N MET A 23 5.21 6.82 0.71
CA MET A 23 4.37 5.68 0.34
C MET A 23 5.19 4.41 0.10
N ILE A 24 4.52 3.24 0.17
CA ILE A 24 5.08 1.96 -0.24
C ILE A 24 4.02 1.25 -1.12
N GLY A 25 3.85 -0.06 -0.92
CA GLY A 25 3.10 -0.96 -1.76
C GLY A 25 3.69 -2.35 -1.79
N CYS A 26 2.79 -3.35 -1.69
CA CYS A 26 3.18 -4.75 -1.65
C CYS A 26 3.82 -5.16 -2.97
N ASP A 27 5.01 -5.76 -2.90
CA ASP A 27 5.72 -6.37 -4.02
C ASP A 27 4.94 -7.54 -4.68
N ASP A 28 3.83 -7.95 -4.06
CA ASP A 28 2.81 -8.86 -4.56
C ASP A 28 2.26 -8.29 -5.88
N PRO A 29 2.55 -8.92 -7.04
CA PRO A 29 2.14 -8.40 -8.35
C PRO A 29 0.66 -8.69 -8.66
N ASP A 30 -0.09 -9.14 -7.66
CA ASP A 30 -1.53 -9.35 -7.68
C ASP A 30 -2.18 -8.65 -6.49
N CYS A 31 -1.43 -7.81 -5.74
CA CYS A 31 -1.97 -7.02 -4.64
C CYS A 31 -3.15 -6.16 -5.09
N SER A 32 -4.30 -6.48 -4.48
CA SER A 32 -5.61 -5.84 -4.71
C SER A 32 -5.72 -4.44 -4.08
N ILE A 33 -4.63 -3.97 -3.45
CA ILE A 33 -4.53 -2.72 -2.72
C ILE A 33 -3.38 -1.88 -3.32
N GLU A 34 -2.30 -2.55 -3.73
CA GLU A 34 -1.17 -2.06 -4.53
C GLU A 34 -0.21 -1.11 -3.79
N TRP A 35 -0.71 -0.34 -2.81
CA TRP A 35 0.04 0.67 -2.08
C TRP A 35 -0.43 0.70 -0.62
N PHE A 36 0.48 1.06 0.28
CA PHE A 36 0.24 1.15 1.72
C PHE A 36 1.11 2.24 2.27
N HIS A 37 0.62 2.88 3.33
CA HIS A 37 1.34 3.94 4.00
C HIS A 37 2.51 3.37 4.81
N PHE A 38 3.56 4.18 4.94
CA PHE A 38 4.69 3.99 5.87
C PHE A 38 4.27 3.94 7.35
N ALA A 39 2.97 4.16 7.66
CA ALA A 39 2.39 3.97 8.97
C ALA A 39 1.20 2.98 8.96
N CYS A 40 0.78 2.49 7.77
CA CYS A 40 -0.13 1.35 7.66
C CYS A 40 0.57 0.02 8.03
N VAL A 41 1.88 0.06 8.27
CA VAL A 41 2.73 -1.06 8.68
C VAL A 41 3.70 -0.66 9.82
N GLY A 42 3.73 0.62 10.18
CA GLY A 42 4.65 1.20 11.17
C GLY A 42 6.12 1.16 10.71
N LEU A 43 6.37 1.35 9.41
CA LEU A 43 7.71 1.28 8.81
C LEU A 43 8.60 2.41 9.32
N THR A 44 8.12 3.67 9.18
CA THR A 44 8.83 4.93 9.45
C THR A 44 10.09 5.16 8.59
N THR A 45 10.58 4.14 7.86
CA THR A 45 11.83 4.15 7.09
C THR A 45 11.67 3.35 5.79
N LYS A 46 12.61 3.53 4.86
CA LYS A 46 12.66 2.80 3.59
C LYS A 46 12.93 1.31 3.85
N PRO A 47 12.09 0.39 3.33
CA PRO A 47 12.29 -1.05 3.47
C PRO A 47 13.36 -1.58 2.49
N ARG A 48 13.65 -2.88 2.59
CA ARG A 48 14.48 -3.62 1.63
C ARG A 48 13.78 -3.70 0.25
N GLY A 49 14.48 -4.26 -0.74
CA GLY A 49 13.99 -4.46 -2.11
C GLY A 49 12.84 -5.48 -2.26
N LYS A 50 12.30 -5.98 -1.14
CA LYS A 50 11.13 -6.84 -1.04
C LYS A 50 10.43 -6.50 0.28
N TRP A 51 9.21 -5.97 0.16
CA TRP A 51 8.32 -5.62 1.25
C TRP A 51 6.96 -6.28 1.02
N PHE A 52 6.20 -6.49 2.11
CA PHE A 52 4.93 -7.17 2.10
C PHE A 52 3.93 -6.44 3.01
N CYS A 53 2.67 -6.32 2.55
CA CYS A 53 1.57 -5.79 3.34
C CYS A 53 1.26 -6.69 4.54
N PRO A 54 0.53 -6.20 5.58
CA PRO A 54 0.20 -6.97 6.78
C PRO A 54 -0.85 -8.08 6.54
N ARG A 55 -0.91 -8.63 5.32
CA ARG A 55 -1.72 -9.78 4.94
C ARG A 55 -0.88 -10.77 4.13
N CYS A 56 0.03 -10.27 3.29
CA CYS A 56 1.06 -11.01 2.61
C CYS A 56 2.18 -11.46 3.57
N SER A 57 2.50 -10.64 4.56
CA SER A 57 3.44 -10.95 5.64
C SER A 57 2.81 -11.90 6.66
N GLN A 58 1.48 -11.81 6.85
CA GLN A 58 0.71 -12.71 7.71
C GLN A 58 0.68 -14.14 7.16
N GLU A 59 0.78 -14.30 5.82
CA GLU A 59 0.89 -15.57 5.13
C GLU A 59 2.12 -16.39 5.57
N ARG A 60 3.14 -15.71 6.13
CA ARG A 60 4.33 -16.22 6.84
C ARG A 60 4.75 -17.64 6.41
N LYS A 61 5.30 -17.75 5.19
CA LYS A 61 5.61 -18.99 4.53
C LYS A 61 6.94 -19.56 5.04
N LYS A 62 7.38 -20.61 4.34
CA LYS A 62 8.61 -21.36 4.60
C LYS A 62 9.80 -20.62 3.98
N LYS A 63 10.23 -19.55 4.66
CA LYS A 63 11.22 -18.57 4.22
C LYS A 63 10.89 -18.01 2.83
ZN ZN B . -2.45 4.63 4.92
ZN ZN C . -0.43 -7.47 -1.79
N MET A 1 8.36 9.65 -15.96
CA MET A 1 8.79 8.26 -16.17
C MET A 1 7.93 7.32 -15.33
N ASP A 2 7.20 6.43 -16.03
CA ASP A 2 6.30 5.40 -15.49
C ASP A 2 5.10 5.97 -14.73
N MET A 3 3.90 5.64 -15.20
CA MET A 3 2.64 6.11 -14.62
C MET A 3 1.52 5.07 -14.86
N PRO A 4 1.51 3.95 -14.09
CA PRO A 4 0.43 2.98 -14.14
C PRO A 4 -0.86 3.55 -13.51
N VAL A 5 -2.01 3.09 -14.01
CA VAL A 5 -3.35 3.51 -13.58
C VAL A 5 -4.31 2.30 -13.54
N ASP A 6 -3.78 1.07 -13.67
CA ASP A 6 -4.52 -0.18 -13.71
C ASP A 6 -5.44 -0.39 -12.49
N PRO A 7 -5.01 -0.13 -11.23
CA PRO A 7 -5.92 -0.10 -10.07
C PRO A 7 -6.61 1.29 -10.03
N ASN A 8 -7.56 1.50 -10.95
CA ASN A 8 -8.21 2.79 -11.20
C ASN A 8 -9.08 3.30 -10.02
N GLU A 9 -9.43 2.45 -9.07
CA GLU A 9 -10.22 2.81 -7.88
C GLU A 9 -9.40 3.75 -6.96
N PRO A 10 -9.92 4.94 -6.59
CA PRO A 10 -9.22 5.87 -5.70
C PRO A 10 -9.24 5.40 -4.25
N THR A 11 -8.23 5.83 -3.47
CA THR A 11 -7.90 5.43 -2.10
C THR A 11 -7.65 3.93 -1.93
N TYR A 12 -6.70 3.53 -1.05
CA TYR A 12 -6.24 2.13 -1.05
C TYR A 12 -5.66 1.64 0.29
N CYS A 13 -4.71 2.38 0.91
CA CYS A 13 -4.22 2.18 2.28
C CYS A 13 -5.31 1.83 3.29
N LEU A 14 -4.83 1.46 4.47
CA LEU A 14 -5.66 1.32 5.65
C LEU A 14 -6.08 2.71 6.16
N CYS A 15 -5.53 3.79 5.56
CA CYS A 15 -5.94 5.15 5.86
C CYS A 15 -6.98 5.66 4.86
N HIS A 16 -7.16 4.94 3.74
CA HIS A 16 -8.01 5.28 2.60
C HIS A 16 -7.82 6.74 2.13
N GLN A 17 -6.56 7.12 1.86
CA GLN A 17 -6.14 8.43 1.37
C GLN A 17 -4.65 8.38 1.05
N VAL A 18 -4.24 9.00 -0.06
CA VAL A 18 -2.82 9.16 -0.48
C VAL A 18 -2.40 10.64 -0.46
N SER A 19 -1.19 10.97 -0.96
CA SER A 19 -0.52 12.28 -0.95
C SER A 19 -0.43 12.94 0.45
N TYR A 20 0.33 12.29 1.35
CA TYR A 20 0.56 12.67 2.74
C TYR A 20 1.80 11.92 3.25
N GLY A 21 2.88 12.67 3.51
CA GLY A 21 4.19 12.13 3.81
C GLY A 21 4.75 11.36 2.61
N GLU A 22 5.27 10.19 2.94
CA GLU A 22 5.88 9.22 2.04
C GLU A 22 5.04 7.94 1.95
N MET A 23 5.38 7.07 0.99
CA MET A 23 4.57 5.92 0.59
C MET A 23 5.41 4.67 0.33
N ILE A 24 4.76 3.51 0.38
CA ILE A 24 5.32 2.23 -0.04
C ILE A 24 4.24 1.56 -0.91
N GLY A 25 4.07 0.25 -0.75
CA GLY A 25 3.29 -0.61 -1.59
C GLY A 25 3.83 -2.02 -1.66
N CYS A 26 2.91 -2.98 -1.45
CA CYS A 26 3.21 -4.41 -1.51
C CYS A 26 3.64 -4.75 -2.94
N ASP A 27 4.86 -5.29 -3.07
CA ASP A 27 5.49 -5.69 -4.32
C ASP A 27 4.79 -6.88 -5.01
N ASP A 28 3.68 -7.40 -4.45
CA ASP A 28 2.80 -8.35 -5.11
C ASP A 28 2.02 -7.59 -6.21
N PRO A 29 2.17 -7.96 -7.51
CA PRO A 29 1.45 -7.31 -8.61
C PRO A 29 -0.02 -7.75 -8.71
N ASP A 30 -0.49 -8.57 -7.75
CA ASP A 30 -1.87 -9.00 -7.60
C ASP A 30 -2.46 -8.48 -6.28
N CYS A 31 -1.72 -7.63 -5.53
CA CYS A 31 -2.23 -6.93 -4.37
C CYS A 31 -3.43 -6.06 -4.76
N SER A 32 -4.52 -6.23 -4.01
CA SER A 32 -5.82 -5.57 -4.22
C SER A 32 -5.82 -4.08 -3.83
N ILE A 33 -4.68 -3.56 -3.34
CA ILE A 33 -4.53 -2.23 -2.74
C ILE A 33 -3.29 -1.53 -3.32
N GLU A 34 -2.23 -2.29 -3.64
CA GLU A 34 -1.02 -1.87 -4.35
C GLU A 34 -0.05 -0.98 -3.55
N TRP A 35 -0.56 -0.05 -2.74
CA TRP A 35 0.19 0.96 -1.99
C TRP A 35 -0.29 0.98 -0.54
N PHE A 36 0.62 1.31 0.36
CA PHE A 36 0.38 1.35 1.80
C PHE A 36 1.28 2.42 2.39
N HIS A 37 0.82 3.03 3.46
CA HIS A 37 1.55 4.07 4.16
C HIS A 37 2.71 3.48 4.96
N PHE A 38 3.76 4.30 5.13
CA PHE A 38 4.88 4.09 6.05
C PHE A 38 4.43 4.00 7.52
N ALA A 39 3.14 4.21 7.83
CA ALA A 39 2.53 3.99 9.13
C ALA A 39 1.35 3.00 9.07
N CYS A 40 0.95 2.53 7.88
CA CYS A 40 0.02 1.41 7.73
C CYS A 40 0.68 0.07 8.08
N VAL A 41 2.00 0.06 8.34
CA VAL A 41 2.78 -1.07 8.84
C VAL A 41 3.70 -0.66 10.01
N GLY A 42 3.78 0.65 10.31
CA GLY A 42 4.69 1.23 11.29
C GLY A 42 6.15 1.17 10.84
N LEU A 43 6.42 1.31 9.53
CA LEU A 43 7.75 1.17 8.93
C LEU A 43 8.70 2.26 9.40
N THR A 44 8.27 3.53 9.32
CA THR A 44 9.02 4.76 9.64
C THR A 44 10.30 4.98 8.79
N THR A 45 10.72 4.00 7.98
CA THR A 45 11.88 4.06 7.09
C THR A 45 11.66 3.18 5.86
N LYS A 46 12.63 3.21 4.94
CA LYS A 46 12.63 2.43 3.71
C LYS A 46 12.86 0.94 4.03
N PRO A 47 12.02 0.01 3.54
CA PRO A 47 12.22 -1.42 3.72
C PRO A 47 13.28 -1.99 2.75
N ARG A 48 13.57 -3.29 2.90
CA ARG A 48 14.34 -4.08 1.93
C ARG A 48 13.52 -4.27 0.64
N GLY A 49 14.17 -4.81 -0.41
CA GLY A 49 13.50 -5.20 -1.65
C GLY A 49 12.39 -6.23 -1.42
N LYS A 50 11.41 -6.24 -2.33
CA LYS A 50 10.17 -7.00 -2.28
C LYS A 50 9.50 -6.98 -0.89
N TRP A 51 8.94 -5.81 -0.51
CA TRP A 51 8.16 -5.64 0.71
C TRP A 51 6.75 -6.23 0.53
N PHE A 52 6.07 -6.52 1.64
CA PHE A 52 4.72 -7.07 1.66
C PHE A 52 3.91 -6.38 2.76
N CYS A 53 2.63 -6.10 2.47
CA CYS A 53 1.69 -5.52 3.43
C CYS A 53 1.37 -6.50 4.57
N PRO A 54 0.76 -6.03 5.69
CA PRO A 54 0.40 -6.86 6.84
C PRO A 54 -0.81 -7.80 6.56
N ARG A 55 -0.95 -8.28 5.32
CA ARG A 55 -1.89 -9.33 4.93
C ARG A 55 -1.20 -10.33 3.99
N CYS A 56 -0.37 -9.81 3.07
CA CYS A 56 0.50 -10.54 2.20
C CYS A 56 1.65 -11.21 2.97
N SER A 57 2.17 -10.53 4.01
CA SER A 57 3.20 -11.01 4.91
C SER A 57 2.60 -11.94 5.99
N GLN A 58 1.34 -11.68 6.40
CA GLN A 58 0.64 -12.43 7.43
C GLN A 58 0.37 -13.88 6.97
N GLU A 59 0.08 -14.08 5.68
CA GLU A 59 -0.12 -15.37 5.04
C GLU A 59 1.12 -16.29 5.10
N ARG A 60 2.31 -15.72 5.37
CA ARG A 60 3.59 -16.44 5.43
C ARG A 60 4.41 -15.97 6.65
N LYS A 61 3.72 -15.67 7.76
CA LYS A 61 4.28 -15.26 9.03
C LYS A 61 5.07 -16.41 9.67
N LYS A 62 6.38 -16.38 9.42
CA LYS A 62 7.39 -17.38 9.79
C LYS A 62 7.08 -18.77 9.21
N LYS A 63 7.66 -19.03 8.02
CA LYS A 63 7.57 -20.30 7.30
C LYS A 63 8.92 -20.62 6.64
ZN ZN B . -2.23 4.85 5.09
ZN ZN C . -0.54 -5.70 -0.23
N MET A 1 -3.62 2.46 -17.58
CA MET A 1 -4.91 1.76 -17.31
C MET A 1 -6.05 2.76 -17.45
N ASP A 2 -7.00 2.47 -18.34
CA ASP A 2 -8.15 3.34 -18.63
C ASP A 2 -9.24 3.18 -17.57
N MET A 3 -9.91 4.29 -17.22
CA MET A 3 -10.94 4.40 -16.20
C MET A 3 -12.17 5.12 -16.80
N PRO A 4 -12.90 4.50 -17.75
CA PRO A 4 -13.96 5.14 -18.52
C PRO A 4 -15.30 5.24 -17.76
N VAL A 5 -15.54 4.37 -16.77
CA VAL A 5 -16.79 4.26 -16.00
C VAL A 5 -16.41 3.94 -14.54
N ASP A 6 -15.58 4.82 -13.95
CA ASP A 6 -14.91 4.61 -12.68
C ASP A 6 -14.81 5.94 -11.90
N PRO A 7 -14.66 5.90 -10.56
CA PRO A 7 -14.53 7.11 -9.74
C PRO A 7 -13.18 7.80 -9.96
N ASN A 8 -13.16 9.11 -9.65
CA ASN A 8 -11.98 9.98 -9.75
C ASN A 8 -11.34 10.18 -8.36
N GLU A 9 -11.39 9.14 -7.52
CA GLU A 9 -10.98 9.17 -6.12
C GLU A 9 -10.12 7.92 -5.80
N PRO A 10 -8.85 7.89 -6.24
CA PRO A 10 -7.95 6.77 -6.02
C PRO A 10 -7.55 6.67 -4.54
N THR A 11 -7.95 5.56 -3.89
CA THR A 11 -7.80 5.30 -2.47
C THR A 11 -7.61 3.79 -2.28
N TYR A 12 -6.67 3.37 -1.39
CA TYR A 12 -6.35 1.94 -1.27
C TYR A 12 -5.77 1.52 0.09
N CYS A 13 -4.84 2.26 0.73
CA CYS A 13 -4.43 1.90 2.11
C CYS A 13 -5.63 1.73 3.05
N LEU A 14 -5.30 1.27 4.26
CA LEU A 14 -6.21 1.15 5.40
C LEU A 14 -6.72 2.53 5.84
N CYS A 15 -6.18 3.60 5.22
CA CYS A 15 -6.52 4.97 5.44
C CYS A 15 -7.49 5.52 4.39
N HIS A 16 -7.69 4.78 3.29
CA HIS A 16 -8.47 5.14 2.11
C HIS A 16 -8.18 6.55 1.61
N GLN A 17 -6.89 6.87 1.50
CA GLN A 17 -6.36 8.13 0.99
C GLN A 17 -4.90 7.91 0.62
N VAL A 18 -4.46 8.64 -0.39
CA VAL A 18 -3.10 8.63 -0.98
C VAL A 18 -2.60 10.08 -1.22
N SER A 19 -1.32 10.23 -1.59
CA SER A 19 -0.60 11.50 -1.74
C SER A 19 -0.51 12.31 -0.43
N TYR A 20 0.19 11.73 0.55
CA TYR A 20 0.34 12.22 1.93
C TYR A 20 1.53 11.53 2.57
N GLY A 21 2.63 12.27 2.76
CA GLY A 21 3.89 11.77 3.24
C GLY A 21 4.48 10.70 2.32
N GLU A 22 5.39 9.96 2.95
CA GLU A 22 5.99 8.73 2.45
C GLU A 22 4.95 7.60 2.28
N MET A 23 5.20 6.72 1.31
CA MET A 23 4.27 5.70 0.78
C MET A 23 5.06 4.50 0.26
N ILE A 24 4.43 3.31 0.21
CA ILE A 24 5.07 2.06 -0.18
C ILE A 24 4.08 1.28 -1.05
N GLY A 25 3.96 -0.02 -0.78
CA GLY A 25 3.22 -0.97 -1.58
C GLY A 25 3.83 -2.36 -1.52
N CYS A 26 2.95 -3.34 -1.31
CA CYS A 26 3.30 -4.76 -1.31
C CYS A 26 3.77 -5.16 -2.70
N ASP A 27 4.97 -5.76 -2.76
CA ASP A 27 5.58 -6.28 -3.97
C ASP A 27 4.79 -7.39 -4.70
N ASP A 28 3.69 -7.90 -4.10
CA ASP A 28 2.77 -8.81 -4.76
C ASP A 28 2.01 -8.05 -5.86
N PRO A 29 2.19 -8.38 -7.16
CA PRO A 29 1.52 -7.69 -8.26
C PRO A 29 0.05 -8.14 -8.44
N ASP A 30 -0.44 -8.98 -7.52
CA ASP A 30 -1.82 -9.44 -7.45
C ASP A 30 -2.45 -9.00 -6.11
N CYS A 31 -1.74 -8.19 -5.29
CA CYS A 31 -2.31 -7.58 -4.11
C CYS A 31 -3.50 -6.68 -4.52
N SER A 32 -4.62 -6.87 -3.81
CA SER A 32 -5.91 -6.20 -4.07
C SER A 32 -5.92 -4.72 -3.64
N ILE A 33 -4.77 -4.19 -3.22
CA ILE A 33 -4.59 -2.88 -2.59
C ILE A 33 -3.37 -2.17 -3.20
N GLU A 34 -2.31 -2.93 -3.51
CA GLU A 34 -1.09 -2.56 -4.25
C GLU A 34 -0.14 -1.59 -3.52
N TRP A 35 -0.65 -0.54 -2.86
CA TRP A 35 0.10 0.51 -2.17
C TRP A 35 -0.41 0.60 -0.73
N PHE A 36 0.48 0.97 0.19
CA PHE A 36 0.23 0.97 1.63
C PHE A 36 1.06 2.07 2.25
N HIS A 37 0.61 2.57 3.40
CA HIS A 37 1.22 3.72 4.04
C HIS A 37 2.43 3.29 4.89
N PHE A 38 3.43 4.18 4.90
CA PHE A 38 4.62 4.11 5.75
C PHE A 38 4.31 4.16 7.26
N ALA A 39 3.04 4.34 7.65
CA ALA A 39 2.59 4.25 9.03
C ALA A 39 1.45 3.23 9.20
N CYS A 40 0.94 2.63 8.10
CA CYS A 40 0.04 1.50 8.18
C CYS A 40 0.74 0.17 8.49
N VAL A 41 2.09 0.18 8.60
CA VAL A 41 2.90 -0.93 9.10
C VAL A 41 3.98 -0.46 10.10
N GLY A 42 4.13 0.86 10.27
CA GLY A 42 5.11 1.46 11.16
C GLY A 42 6.53 1.49 10.57
N LEU A 43 6.69 1.79 9.27
CA LEU A 43 8.00 2.02 8.65
C LEU A 43 8.63 3.30 9.19
N THR A 44 9.61 3.14 10.10
CA THR A 44 10.47 4.22 10.57
C THR A 44 11.48 4.66 9.48
N THR A 45 11.74 3.79 8.49
CA THR A 45 12.55 4.05 7.30
C THR A 45 12.15 3.10 6.17
N LYS A 46 12.73 3.34 4.99
CA LYS A 46 12.58 2.49 3.81
C LYS A 46 13.20 1.11 4.11
N PRO A 47 12.43 0.01 4.02
CA PRO A 47 12.89 -1.30 4.50
C PRO A 47 13.91 -1.92 3.55
N ARG A 48 13.53 -2.10 2.27
CA ARG A 48 14.33 -2.66 1.19
C ARG A 48 13.55 -2.50 -0.12
N GLY A 49 14.10 -3.04 -1.23
CA GLY A 49 13.40 -3.20 -2.50
C GLY A 49 12.45 -4.41 -2.52
N LYS A 50 11.99 -4.87 -1.34
CA LYS A 50 11.09 -5.99 -1.15
C LYS A 50 10.39 -5.84 0.20
N TRP A 51 9.06 -5.62 0.15
CA TRP A 51 8.17 -5.50 1.29
C TRP A 51 6.83 -6.19 1.00
N PHE A 52 6.08 -6.50 2.06
CA PHE A 52 4.77 -7.13 1.99
C PHE A 52 3.84 -6.52 3.04
N CYS A 53 2.55 -6.34 2.68
CA CYS A 53 1.53 -5.84 3.59
C CYS A 53 1.19 -6.88 4.67
N PRO A 54 0.48 -6.50 5.76
CA PRO A 54 0.08 -7.42 6.84
C PRO A 54 -1.06 -8.39 6.43
N ARG A 55 -1.11 -8.80 5.16
CA ARG A 55 -1.99 -9.84 4.64
C ARG A 55 -1.22 -10.77 3.70
N CYS A 56 -0.29 -10.20 2.93
CA CYS A 56 0.66 -10.87 2.09
C CYS A 56 1.81 -11.50 2.89
N SER A 57 2.20 -10.85 4.01
CA SER A 57 3.21 -11.33 4.95
C SER A 57 2.63 -12.35 5.94
N GLN A 58 1.30 -12.37 6.11
CA GLN A 58 0.58 -13.19 7.08
C GLN A 58 0.77 -14.69 6.83
N GLU A 59 0.79 -15.11 5.55
CA GLU A 59 1.03 -16.47 5.11
C GLU A 59 2.39 -17.00 5.58
N ARG A 60 3.45 -16.19 5.42
CA ARG A 60 4.83 -16.44 5.86
C ARG A 60 5.43 -17.79 5.42
N LYS A 61 4.87 -18.43 4.37
CA LYS A 61 5.17 -19.81 3.96
C LYS A 61 5.12 -20.77 5.16
N LYS A 62 3.98 -20.76 5.87
CA LYS A 62 3.77 -21.43 7.15
C LYS A 62 2.36 -22.03 7.23
N LYS A 63 1.90 -22.66 6.13
CA LYS A 63 0.62 -23.36 6.03
C LYS A 63 0.53 -24.49 7.08
ZN ZN B . -2.73 4.97 4.88
ZN ZN C . -0.38 -5.95 -0.12
N MET A 1 -8.91 4.64 -30.89
CA MET A 1 -8.79 5.69 -29.84
C MET A 1 -9.53 5.25 -28.58
N ASP A 2 -8.94 5.56 -27.42
CA ASP A 2 -9.39 5.10 -26.11
C ASP A 2 -9.14 6.18 -25.06
N MET A 3 -10.04 6.26 -24.07
CA MET A 3 -9.97 7.21 -22.97
C MET A 3 -10.74 6.59 -21.77
N PRO A 4 -10.05 5.97 -20.79
CA PRO A 4 -10.68 5.30 -19.67
C PRO A 4 -11.22 6.30 -18.64
N VAL A 5 -12.26 5.87 -17.90
CA VAL A 5 -12.85 6.64 -16.80
C VAL A 5 -12.11 6.23 -15.51
N ASP A 6 -10.96 6.87 -15.27
CA ASP A 6 -10.12 6.67 -14.09
C ASP A 6 -10.88 7.08 -12.81
N PRO A 7 -10.54 6.49 -11.63
CA PRO A 7 -11.24 6.77 -10.38
C PRO A 7 -11.01 8.21 -9.92
N ASN A 8 -12.12 8.90 -9.62
CA ASN A 8 -12.14 10.28 -9.14
C ASN A 8 -11.67 10.42 -7.68
N GLU A 9 -11.50 9.28 -6.97
CA GLU A 9 -11.08 9.23 -5.58
C GLU A 9 -10.18 7.98 -5.37
N PRO A 10 -8.92 8.02 -5.84
CA PRO A 10 -7.98 6.91 -5.72
C PRO A 10 -7.50 6.77 -4.27
N THR A 11 -7.90 5.66 -3.62
CA THR A 11 -7.71 5.39 -2.20
C THR A 11 -7.51 3.88 -1.99
N TYR A 12 -6.54 3.46 -1.16
CA TYR A 12 -6.19 2.03 -1.07
C TYR A 12 -5.56 1.59 0.26
N CYS A 13 -4.65 2.35 0.92
CA CYS A 13 -4.24 1.97 2.29
C CYS A 13 -5.43 1.79 3.23
N LEU A 14 -5.12 1.33 4.44
CA LEU A 14 -6.02 1.23 5.57
C LEU A 14 -6.53 2.61 6.01
N CYS A 15 -5.96 3.68 5.42
CA CYS A 15 -6.29 5.05 5.64
C CYS A 15 -7.29 5.60 4.63
N HIS A 16 -7.52 4.86 3.53
CA HIS A 16 -8.31 5.22 2.36
C HIS A 16 -8.01 6.64 1.88
N GLN A 17 -6.71 6.95 1.73
CA GLN A 17 -6.19 8.20 1.21
C GLN A 17 -4.72 8.01 0.84
N VAL A 18 -4.30 8.73 -0.19
CA VAL A 18 -2.92 8.82 -0.70
C VAL A 18 -2.51 10.32 -0.80
N SER A 19 -1.37 10.62 -1.44
CA SER A 19 -0.75 11.95 -1.55
C SER A 19 -0.63 12.71 -0.21
N TYR A 20 0.08 12.09 0.75
CA TYR A 20 0.27 12.55 2.12
C TYR A 20 1.59 11.97 2.67
N GLY A 21 2.62 12.83 2.66
CA GLY A 21 3.99 12.51 3.04
C GLY A 21 4.65 11.56 2.03
N GLU A 22 4.62 10.26 2.34
CA GLU A 22 5.35 9.20 1.67
C GLU A 22 4.55 7.89 1.61
N MET A 23 5.04 6.92 0.82
CA MET A 23 4.31 5.71 0.45
C MET A 23 5.25 4.50 0.31
N ILE A 24 4.65 3.30 0.37
CA ILE A 24 5.29 2.04 0.02
C ILE A 24 4.31 1.28 -0.87
N GLY A 25 4.10 0.00 -0.61
CA GLY A 25 3.38 -0.92 -1.45
C GLY A 25 3.96 -2.32 -1.40
N CYS A 26 3.06 -3.29 -1.23
CA CYS A 26 3.36 -4.70 -1.24
C CYS A 26 3.84 -5.09 -2.64
N ASP A 27 5.07 -5.62 -2.72
CA ASP A 27 5.74 -6.06 -3.94
C ASP A 27 5.14 -7.36 -4.53
N ASP A 28 4.02 -7.86 -4.00
CA ASP A 28 3.24 -8.93 -4.58
C ASP A 28 2.50 -8.38 -5.81
N PRO A 29 2.72 -8.91 -7.04
CA PRO A 29 2.03 -8.47 -8.25
C PRO A 29 0.57 -8.98 -8.33
N ASP A 30 0.08 -9.62 -7.28
CA ASP A 30 -1.30 -10.08 -7.11
C ASP A 30 -1.96 -9.41 -5.89
N CYS A 31 -1.27 -8.44 -5.26
CA CYS A 31 -1.83 -7.63 -4.18
C CYS A 31 -3.06 -6.86 -4.68
N SER A 32 -4.15 -6.97 -3.92
CA SER A 32 -5.46 -6.39 -4.22
C SER A 32 -5.56 -4.90 -3.84
N ILE A 33 -4.47 -4.30 -3.35
CA ILE A 33 -4.43 -2.97 -2.73
C ILE A 33 -3.23 -2.16 -3.28
N GLU A 34 -2.13 -2.85 -3.57
CA GLU A 34 -0.92 -2.40 -4.27
C GLU A 34 0.00 -1.46 -3.47
N TRP A 35 -0.54 -0.44 -2.78
CA TRP A 35 0.20 0.58 -2.04
C TRP A 35 -0.31 0.64 -0.60
N PHE A 36 0.59 0.98 0.32
CA PHE A 36 0.35 1.01 1.76
C PHE A 36 1.23 2.09 2.39
N HIS A 37 0.83 2.57 3.56
CA HIS A 37 1.45 3.71 4.20
C HIS A 37 2.61 3.27 5.09
N PHE A 38 3.65 4.12 5.12
CA PHE A 38 4.81 4.10 6.01
C PHE A 38 4.45 4.13 7.50
N ALA A 39 3.18 4.34 7.85
CA ALA A 39 2.68 4.29 9.22
C ALA A 39 1.54 3.27 9.38
N CYS A 40 1.03 2.69 8.27
CA CYS A 40 0.11 1.56 8.34
C CYS A 40 0.83 0.23 8.63
N VAL A 41 2.17 0.26 8.71
CA VAL A 41 3.04 -0.82 9.20
C VAL A 41 4.04 -0.30 10.25
N GLY A 42 3.99 1.01 10.56
CA GLY A 42 4.90 1.69 11.48
C GLY A 42 6.35 1.72 11.00
N LEU A 43 6.57 1.72 9.68
CA LEU A 43 7.88 1.57 9.06
C LEU A 43 8.82 2.73 9.39
N THR A 44 8.33 3.97 9.22
CA THR A 44 9.06 5.24 9.36
C THR A 44 10.20 5.43 8.33
N THR A 45 10.61 4.37 7.61
CA THR A 45 11.76 4.33 6.70
C THR A 45 11.45 3.42 5.50
N LYS A 46 12.30 3.47 4.47
CA LYS A 46 12.26 2.53 3.34
C LYS A 46 12.65 1.13 3.85
N PRO A 47 11.84 0.08 3.57
CA PRO A 47 12.09 -1.26 4.11
C PRO A 47 13.29 -1.94 3.42
N ARG A 48 13.13 -2.26 2.13
CA ARG A 48 14.08 -3.01 1.30
C ARG A 48 13.57 -3.00 -0.16
N GLY A 49 14.25 -3.75 -1.04
CA GLY A 49 13.79 -4.03 -2.39
C GLY A 49 12.67 -5.10 -2.46
N LYS A 50 12.15 -5.55 -1.31
CA LYS A 50 11.02 -6.46 -1.21
C LYS A 50 10.38 -6.31 0.17
N TRP A 51 9.10 -5.93 0.17
CA TRP A 51 8.23 -5.78 1.33
C TRP A 51 6.85 -6.39 1.03
N PHE A 52 6.10 -6.70 2.10
CA PHE A 52 4.76 -7.25 2.01
C PHE A 52 3.86 -6.61 3.07
N CYS A 53 2.59 -6.37 2.71
CA CYS A 53 1.58 -5.87 3.63
C CYS A 53 1.16 -6.96 4.64
N PRO A 54 0.47 -6.60 5.75
CA PRO A 54 0.02 -7.53 6.77
C PRO A 54 -1.18 -8.41 6.32
N ARG A 55 -1.26 -8.72 5.01
CA ARG A 55 -2.27 -9.60 4.42
C ARG A 55 -1.60 -10.56 3.42
N CYS A 56 -0.59 -10.05 2.70
CA CYS A 56 0.27 -10.77 1.79
C CYS A 56 1.37 -11.54 2.53
N SER A 57 1.81 -11.03 3.70
CA SER A 57 2.82 -11.66 4.55
C SER A 57 2.24 -12.86 5.33
N GLN A 58 0.90 -12.95 5.46
CA GLN A 58 0.19 -13.97 6.23
C GLN A 58 0.54 -15.39 5.79
N GLU A 59 0.77 -15.62 4.48
CA GLU A 59 1.15 -16.89 3.89
C GLU A 59 2.42 -17.50 4.52
N ARG A 60 3.35 -16.65 4.98
CA ARG A 60 4.67 -17.04 5.50
C ARG A 60 4.81 -16.67 6.98
N LYS A 61 3.71 -16.73 7.75
CA LYS A 61 3.65 -16.47 9.18
C LYS A 61 3.12 -17.70 9.96
N LYS A 62 3.44 -18.90 9.45
CA LYS A 62 3.23 -20.19 10.11
C LYS A 62 4.36 -20.48 11.13
N LYS A 63 4.81 -19.44 11.85
CA LYS A 63 6.00 -19.41 12.71
C LYS A 63 7.25 -19.90 11.94
ZN ZN B . -2.50 5.06 5.02
ZN ZN C . -0.38 -5.81 -0.14
N MET A 1 -19.41 28.14 -4.37
CA MET A 1 -19.29 26.96 -5.25
C MET A 1 -17.99 26.23 -4.90
N ASP A 2 -18.08 25.33 -3.92
CA ASP A 2 -16.92 24.70 -3.27
C ASP A 2 -17.21 23.22 -2.91
N MET A 3 -18.05 22.55 -3.70
CA MET A 3 -18.60 21.23 -3.39
C MET A 3 -18.52 20.22 -4.57
N PRO A 4 -17.33 19.99 -5.16
CA PRO A 4 -17.15 18.91 -6.16
C PRO A 4 -17.28 17.54 -5.48
N VAL A 5 -17.96 16.60 -6.15
CA VAL A 5 -18.19 15.24 -5.67
C VAL A 5 -18.17 14.33 -6.89
N ASP A 6 -17.23 13.37 -6.91
CA ASP A 6 -17.02 12.42 -8.01
C ASP A 6 -16.53 11.07 -7.47
N PRO A 7 -16.89 9.94 -8.12
CA PRO A 7 -16.40 8.59 -7.81
C PRO A 7 -15.01 8.35 -8.44
N ASN A 8 -14.09 9.31 -8.30
CA ASN A 8 -12.83 9.38 -9.03
C ASN A 8 -11.61 9.59 -8.11
N GLU A 9 -11.81 9.73 -6.79
CA GLU A 9 -10.73 9.84 -5.81
C GLU A 9 -9.99 8.49 -5.67
N PRO A 10 -8.65 8.44 -5.85
CA PRO A 10 -7.86 7.23 -5.63
C PRO A 10 -7.70 6.98 -4.12
N THR A 11 -8.02 5.75 -3.70
CA THR A 11 -7.95 5.28 -2.31
C THR A 11 -7.63 3.79 -2.31
N TYR A 12 -6.70 3.33 -1.44
CA TYR A 12 -6.36 1.89 -1.38
C TYR A 12 -5.75 1.43 -0.04
N CYS A 13 -4.86 2.20 0.65
CA CYS A 13 -4.45 1.80 2.01
C CYS A 13 -5.64 1.55 2.94
N LEU A 14 -5.30 1.05 4.14
CA LEU A 14 -6.19 0.89 5.28
C LEU A 14 -6.74 2.25 5.76
N CYS A 15 -6.23 3.35 5.18
CA CYS A 15 -6.60 4.70 5.45
C CYS A 15 -7.59 5.26 4.42
N HIS A 16 -7.80 4.54 3.31
CA HIS A 16 -8.60 4.91 2.15
C HIS A 16 -8.34 6.35 1.69
N GLN A 17 -7.06 6.70 1.55
CA GLN A 17 -6.57 7.98 1.05
C GLN A 17 -5.10 7.80 0.67
N VAL A 18 -4.67 8.56 -0.34
CA VAL A 18 -3.31 8.60 -0.91
C VAL A 18 -2.85 10.07 -1.10
N SER A 19 -1.56 10.27 -1.46
CA SER A 19 -0.87 11.55 -1.58
C SER A 19 -0.75 12.32 -0.26
N TYR A 20 -0.05 11.71 0.71
CA TYR A 20 0.13 12.17 2.08
C TYR A 20 1.33 11.45 2.70
N GLY A 21 2.42 12.20 2.95
CA GLY A 21 3.68 11.68 3.43
C GLY A 21 4.31 10.69 2.45
N GLU A 22 5.25 9.95 3.02
CA GLU A 22 5.89 8.77 2.45
C GLU A 22 4.89 7.62 2.27
N MET A 23 5.10 6.80 1.23
CA MET A 23 4.17 5.80 0.71
C MET A 23 4.96 4.63 0.11
N ILE A 24 4.36 3.43 0.09
CA ILE A 24 5.02 2.19 -0.33
C ILE A 24 4.05 1.39 -1.21
N GLY A 25 3.95 0.10 -0.96
CA GLY A 25 3.26 -0.88 -1.78
C GLY A 25 3.89 -2.26 -1.70
N CYS A 26 3.02 -3.25 -1.50
CA CYS A 26 3.38 -4.66 -1.47
C CYS A 26 3.87 -5.05 -2.86
N ASP A 27 5.08 -5.62 -2.91
CA ASP A 27 5.76 -6.08 -4.12
C ASP A 27 5.04 -7.28 -4.80
N ASP A 28 3.92 -7.78 -4.24
CA ASP A 28 3.04 -8.73 -4.88
C ASP A 28 2.26 -8.00 -6.00
N PRO A 29 2.42 -8.37 -7.28
CA PRO A 29 1.68 -7.75 -8.39
C PRO A 29 0.23 -8.24 -8.51
N ASP A 30 -0.22 -9.08 -7.56
CA ASP A 30 -1.58 -9.57 -7.43
C ASP A 30 -2.22 -9.04 -6.13
N CYS A 31 -1.52 -8.17 -5.37
CA CYS A 31 -2.09 -7.47 -4.23
C CYS A 31 -3.31 -6.64 -4.66
N SER A 32 -4.40 -6.82 -3.92
CA SER A 32 -5.72 -6.20 -4.17
C SER A 32 -5.77 -4.70 -3.82
N ILE A 33 -4.65 -4.12 -3.36
CA ILE A 33 -4.54 -2.76 -2.83
C ILE A 33 -3.31 -2.04 -3.44
N GLU A 34 -2.24 -2.80 -3.73
CA GLU A 34 -1.03 -2.41 -4.46
C GLU A 34 -0.09 -1.44 -3.71
N TRP A 35 -0.62 -0.46 -2.96
CA TRP A 35 0.12 0.59 -2.25
C TRP A 35 -0.37 0.65 -0.80
N PHE A 36 0.53 1.01 0.12
CA PHE A 36 0.26 1.03 1.56
C PHE A 36 1.05 2.15 2.19
N HIS A 37 0.56 2.63 3.33
CA HIS A 37 1.15 3.76 4.01
C HIS A 37 2.35 3.31 4.83
N PHE A 38 3.37 4.16 4.87
CA PHE A 38 4.54 4.07 5.74
C PHE A 38 4.20 4.07 7.24
N ALA A 39 2.94 4.30 7.63
CA ALA A 39 2.47 4.18 9.00
C ALA A 39 1.37 3.12 9.14
N CYS A 40 0.90 2.52 8.03
CA CYS A 40 0.03 1.34 8.07
C CYS A 40 0.81 0.04 8.34
N VAL A 41 2.14 0.13 8.48
CA VAL A 41 3.06 -0.92 8.88
C VAL A 41 4.06 -0.45 9.94
N GLY A 42 4.10 0.85 10.22
CA GLY A 42 5.02 1.48 11.16
C GLY A 42 6.46 1.56 10.65
N LEU A 43 6.64 1.80 9.34
CA LEU A 43 7.95 1.99 8.72
C LEU A 43 8.55 3.34 9.18
N THR A 44 9.52 3.27 10.10
CA THR A 44 10.32 4.41 10.54
C THR A 44 11.35 4.86 9.48
N THR A 45 11.67 3.98 8.52
CA THR A 45 12.66 4.18 7.45
C THR A 45 12.20 3.43 6.19
N LYS A 46 12.85 3.72 5.05
CA LYS A 46 12.60 3.03 3.78
C LYS A 46 12.90 1.52 3.92
N PRO A 47 11.98 0.63 3.52
CA PRO A 47 12.19 -0.81 3.61
C PRO A 47 13.19 -1.31 2.57
N ARG A 48 13.65 -2.55 2.78
CA ARG A 48 14.44 -3.31 1.80
C ARG A 48 13.52 -3.79 0.66
N GLY A 49 14.12 -4.25 -0.45
CA GLY A 49 13.39 -4.81 -1.59
C GLY A 49 12.56 -6.04 -1.20
N LYS A 50 11.53 -6.34 -2.02
CA LYS A 50 10.53 -7.39 -1.76
C LYS A 50 9.90 -7.23 -0.37
N TRP A 51 9.19 -6.10 -0.20
CA TRP A 51 8.35 -5.81 0.97
C TRP A 51 6.97 -6.44 0.78
N PHE A 52 6.24 -6.62 1.89
CA PHE A 52 4.90 -7.19 1.90
C PHE A 52 4.04 -6.43 2.92
N CYS A 53 2.76 -6.21 2.57
CA CYS A 53 1.78 -5.61 3.48
C CYS A 53 1.45 -6.54 4.66
N PRO A 54 0.80 -6.03 5.73
CA PRO A 54 0.40 -6.82 6.90
C PRO A 54 -0.79 -7.77 6.62
N ARG A 55 -0.87 -8.33 5.40
CA ARG A 55 -1.79 -9.41 5.03
C ARG A 55 -1.07 -10.43 4.14
N CYS A 56 -0.19 -9.94 3.24
CA CYS A 56 0.70 -10.70 2.41
C CYS A 56 1.85 -11.32 3.20
N SER A 57 2.34 -10.63 4.23
CA SER A 57 3.40 -11.09 5.14
C SER A 57 2.87 -12.17 6.09
N GLN A 58 1.59 -12.06 6.48
CA GLN A 58 0.90 -12.99 7.38
C GLN A 58 0.75 -14.37 6.75
N GLU A 59 0.65 -14.44 5.41
CA GLU A 59 0.58 -15.65 4.61
C GLU A 59 1.89 -16.48 4.64
N ARG A 60 2.99 -15.94 5.20
CA ARG A 60 4.33 -16.52 5.11
C ARG A 60 5.12 -16.31 6.42
N LYS A 61 4.43 -16.27 7.57
CA LYS A 61 5.01 -16.20 8.90
C LYS A 61 5.73 -17.52 9.24
N LYS A 62 7.04 -17.51 9.02
CA LYS A 62 7.97 -18.58 9.33
C LYS A 62 9.21 -18.02 10.06
N LYS A 63 8.98 -17.01 10.91
CA LYS A 63 9.97 -16.39 11.80
C LYS A 63 10.43 -17.41 12.85
ZN ZN B . -2.81 4.84 4.90
ZN ZN C . -0.31 -5.99 -0.20
N MET A 1 -24.85 21.36 -22.84
CA MET A 1 -25.59 20.51 -21.89
C MET A 1 -24.88 19.17 -21.74
N ASP A 2 -24.29 18.93 -20.56
CA ASP A 2 -23.63 17.68 -20.20
C ASP A 2 -23.58 17.55 -18.67
N MET A 3 -23.53 16.30 -18.17
CA MET A 3 -23.55 15.94 -16.75
C MET A 3 -22.90 14.56 -16.54
N PRO A 4 -21.60 14.40 -16.86
CA PRO A 4 -20.94 13.09 -16.91
C PRO A 4 -20.68 12.47 -15.52
N VAL A 5 -20.26 13.30 -14.55
CA VAL A 5 -19.84 13.03 -13.16
C VAL A 5 -18.88 11.83 -12.96
N ASP A 6 -17.84 12.05 -12.13
CA ASP A 6 -16.80 11.08 -11.83
C ASP A 6 -16.37 11.19 -10.35
N PRO A 7 -15.93 10.08 -9.71
CA PRO A 7 -15.46 10.09 -8.33
C PRO A 7 -14.12 10.81 -8.16
N ASN A 8 -13.19 10.61 -9.12
CA ASN A 8 -11.84 11.19 -9.16
C ASN A 8 -11.07 11.08 -7.82
N GLU A 9 -11.37 10.05 -7.01
CA GLU A 9 -10.85 9.90 -5.65
C GLU A 9 -10.22 8.49 -5.47
N PRO A 10 -8.95 8.31 -5.86
CA PRO A 10 -8.22 7.06 -5.67
C PRO A 10 -7.85 6.86 -4.18
N THR A 11 -8.13 5.67 -3.65
CA THR A 11 -7.96 5.28 -2.25
C THR A 11 -7.65 3.78 -2.18
N TYR A 12 -6.70 3.35 -1.32
CA TYR A 12 -6.34 1.93 -1.24
C TYR A 12 -5.71 1.47 0.09
N CYS A 13 -4.83 2.23 0.78
CA CYS A 13 -4.41 1.83 2.14
C CYS A 13 -5.61 1.59 3.06
N LEU A 14 -5.29 1.09 4.26
CA LEU A 14 -6.19 0.94 5.39
C LEU A 14 -6.73 2.30 5.86
N CYS A 15 -6.20 3.39 5.29
CA CYS A 15 -6.58 4.75 5.56
C CYS A 15 -7.58 5.30 4.54
N HIS A 16 -7.77 4.59 3.42
CA HIS A 16 -8.58 4.96 2.27
C HIS A 16 -8.33 6.41 1.82
N GLN A 17 -7.04 6.75 1.68
CA GLN A 17 -6.56 8.04 1.18
C GLN A 17 -5.08 7.87 0.80
N VAL A 18 -4.67 8.63 -0.21
CA VAL A 18 -3.30 8.68 -0.78
C VAL A 18 -2.85 10.14 -1.00
N SER A 19 -1.60 10.34 -1.43
CA SER A 19 -0.93 11.63 -1.62
C SER A 19 -0.74 12.40 -0.29
N TYR A 20 0.02 11.79 0.64
CA TYR A 20 0.25 12.24 2.01
C TYR A 20 1.47 11.52 2.57
N GLY A 21 2.57 12.28 2.78
CA GLY A 21 3.83 11.79 3.28
C GLY A 21 4.45 10.72 2.40
N GLU A 22 5.33 9.99 3.07
CA GLU A 22 5.96 8.74 2.61
C GLU A 22 4.93 7.61 2.44
N MET A 23 5.16 6.75 1.44
CA MET A 23 4.22 5.75 0.92
C MET A 23 4.99 4.56 0.33
N ILE A 24 4.36 3.37 0.26
CA ILE A 24 4.99 2.12 -0.18
C ILE A 24 4.02 1.37 -1.09
N GLY A 25 3.85 0.06 -0.87
CA GLY A 25 3.16 -0.88 -1.73
C GLY A 25 3.78 -2.27 -1.71
N CYS A 26 2.89 -3.26 -1.62
CA CYS A 26 3.27 -4.67 -1.62
C CYS A 26 3.90 -5.03 -2.97
N ASP A 27 5.13 -5.58 -2.93
CA ASP A 27 5.82 -6.16 -4.07
C ASP A 27 5.08 -7.39 -4.66
N ASP A 28 3.93 -7.77 -4.07
CA ASP A 28 2.94 -8.72 -4.57
C ASP A 28 2.36 -8.14 -5.88
N PRO A 29 2.64 -8.75 -7.05
CA PRO A 29 2.20 -8.25 -8.34
C PRO A 29 0.73 -8.56 -8.64
N ASP A 30 -0.01 -9.03 -7.62
CA ASP A 30 -1.44 -9.29 -7.64
C ASP A 30 -2.11 -8.61 -6.45
N CYS A 31 -1.38 -7.75 -5.69
CA CYS A 31 -1.95 -7.03 -4.56
C CYS A 31 -3.17 -6.20 -4.94
N SER A 32 -4.27 -6.48 -4.22
CA SER A 32 -5.60 -5.90 -4.41
C SER A 32 -5.71 -4.45 -3.90
N ILE A 33 -4.60 -3.88 -3.40
CA ILE A 33 -4.49 -2.56 -2.80
C ILE A 33 -3.29 -1.82 -3.41
N GLU A 34 -2.21 -2.54 -3.74
CA GLU A 34 -1.03 -2.12 -4.51
C GLU A 34 -0.10 -1.12 -3.81
N TRP A 35 -0.60 -0.33 -2.86
CA TRP A 35 0.14 0.69 -2.12
C TRP A 35 -0.37 0.73 -0.67
N PHE A 36 0.52 1.06 0.26
CA PHE A 36 0.23 1.08 1.70
C PHE A 36 1.04 2.20 2.34
N HIS A 37 0.56 2.68 3.49
CA HIS A 37 1.17 3.80 4.16
C HIS A 37 2.38 3.34 4.97
N PHE A 38 3.41 4.18 4.99
CA PHE A 38 4.61 4.06 5.82
C PHE A 38 4.34 4.07 7.33
N ALA A 39 3.07 4.21 7.75
CA ALA A 39 2.62 4.08 9.13
C ALA A 39 1.50 3.05 9.27
N CYS A 40 0.94 2.51 8.16
CA CYS A 40 0.05 1.35 8.20
C CYS A 40 0.81 0.02 8.40
N VAL A 41 2.15 0.09 8.47
CA VAL A 41 3.07 -0.99 8.81
C VAL A 41 4.11 -0.53 9.85
N GLY A 42 4.09 0.77 10.19
CA GLY A 42 5.02 1.39 11.13
C GLY A 42 6.47 1.42 10.63
N LEU A 43 6.66 1.62 9.31
CA LEU A 43 7.99 1.64 8.68
C LEU A 43 8.84 2.80 9.18
N THR A 44 8.35 4.03 9.00
CA THR A 44 9.04 5.31 9.25
C THR A 44 10.30 5.54 8.38
N THR A 45 10.91 4.48 7.84
CA THR A 45 12.11 4.51 6.99
C THR A 45 11.99 3.44 5.89
N LYS A 46 12.73 3.62 4.79
CA LYS A 46 12.62 2.79 3.59
C LYS A 46 13.05 1.34 3.90
N PRO A 47 12.22 0.32 3.57
CA PRO A 47 12.57 -1.09 3.75
C PRO A 47 13.50 -1.59 2.63
N ARG A 48 13.95 -2.84 2.78
CA ARG A 48 14.63 -3.59 1.73
C ARG A 48 13.63 -3.94 0.62
N GLY A 49 14.14 -4.42 -0.53
CA GLY A 49 13.32 -4.93 -1.62
C GLY A 49 12.46 -6.13 -1.20
N LYS A 50 11.42 -6.41 -1.99
CA LYS A 50 10.39 -7.42 -1.71
C LYS A 50 9.73 -7.22 -0.33
N TRP A 51 9.17 -6.02 -0.11
CA TRP A 51 8.35 -5.71 1.06
C TRP A 51 6.97 -6.38 0.91
N PHE A 52 6.30 -6.62 2.03
CA PHE A 52 5.02 -7.32 2.08
C PHE A 52 4.04 -6.59 3.00
N CYS A 53 2.78 -6.44 2.55
CA CYS A 53 1.68 -5.91 3.35
C CYS A 53 1.31 -6.84 4.52
N PRO A 54 0.55 -6.37 5.53
CA PRO A 54 0.12 -7.15 6.69
C PRO A 54 -0.96 -8.22 6.35
N ARG A 55 -0.94 -8.75 5.12
CA ARG A 55 -1.75 -9.89 4.68
C ARG A 55 -0.87 -10.88 3.91
N CYS A 56 0.09 -10.38 3.13
CA CYS A 56 1.14 -11.12 2.49
C CYS A 56 2.20 -11.61 3.49
N SER A 57 2.52 -10.79 4.49
CA SER A 57 3.47 -11.12 5.55
C SER A 57 2.82 -11.96 6.65
N GLN A 58 1.50 -11.83 6.83
CA GLN A 58 0.67 -12.63 7.71
C GLN A 58 0.61 -14.09 7.24
N GLU A 59 0.69 -14.33 5.92
CA GLU A 59 0.75 -15.65 5.29
C GLU A 59 1.99 -16.45 5.71
N ARG A 60 3.08 -15.76 6.08
CA ARG A 60 4.33 -16.26 6.66
C ARG A 60 4.74 -17.66 6.15
N LYS A 61 5.15 -17.72 4.88
CA LYS A 61 5.53 -18.93 4.16
C LYS A 61 6.85 -19.49 4.68
N LYS A 62 7.28 -20.54 3.98
CA LYS A 62 8.59 -21.19 4.06
C LYS A 62 9.66 -20.40 3.27
N LYS A 63 9.54 -19.06 3.28
CA LYS A 63 10.27 -18.10 2.44
C LYS A 63 10.01 -18.37 0.95
ZN ZN B . -2.80 4.95 4.93
ZN ZN C . -0.28 -7.46 -1.85
N MET A 1 -19.61 25.97 -6.68
CA MET A 1 -20.24 24.70 -7.11
C MET A 1 -19.18 23.62 -7.25
N ASP A 2 -19.22 22.64 -6.33
CA ASP A 2 -18.28 21.53 -6.29
C ASP A 2 -18.56 20.52 -7.43
N MET A 3 -19.83 20.11 -7.58
CA MET A 3 -20.40 19.18 -8.57
C MET A 3 -19.36 18.24 -9.22
N PRO A 4 -18.78 17.29 -8.48
CA PRO A 4 -17.65 16.49 -8.95
C PRO A 4 -18.05 15.48 -10.04
N VAL A 5 -19.20 14.81 -9.87
CA VAL A 5 -19.81 13.72 -10.64
C VAL A 5 -18.88 12.53 -10.96
N ASP A 6 -19.45 11.32 -10.97
CA ASP A 6 -18.79 10.03 -11.22
C ASP A 6 -17.44 9.92 -10.47
N PRO A 7 -17.44 9.66 -9.14
CA PRO A 7 -16.23 9.69 -8.33
C PRO A 7 -15.25 8.59 -8.73
N ASN A 8 -13.97 8.96 -8.81
CA ASN A 8 -12.85 8.11 -9.25
C ASN A 8 -11.65 8.22 -8.28
N GLU A 9 -11.89 8.72 -7.05
CA GLU A 9 -10.86 9.06 -6.07
C GLU A 9 -9.95 7.86 -5.75
N PRO A 10 -8.61 8.02 -5.80
CA PRO A 10 -7.67 6.97 -5.45
C PRO A 10 -7.67 6.74 -3.93
N THR A 11 -8.05 5.52 -3.52
CA THR A 11 -8.04 5.06 -2.14
C THR A 11 -7.79 3.55 -2.13
N TYR A 12 -6.86 3.08 -1.28
CA TYR A 12 -6.47 1.66 -1.28
C TYR A 12 -5.87 1.17 0.05
N CYS A 13 -4.92 1.93 0.64
CA CYS A 13 -4.42 1.77 2.00
C CYS A 13 -5.49 1.40 3.03
N LEU A 14 -5.00 1.05 4.22
CA LEU A 14 -5.83 0.90 5.40
C LEU A 14 -6.30 2.28 5.89
N CYS A 15 -5.79 3.37 5.28
CA CYS A 15 -6.23 4.72 5.56
C CYS A 15 -7.30 5.19 4.55
N HIS A 16 -7.44 4.46 3.44
CA HIS A 16 -8.27 4.76 2.28
C HIS A 16 -8.14 6.22 1.81
N GLN A 17 -6.89 6.67 1.58
CA GLN A 17 -6.53 7.99 1.09
C GLN A 17 -5.04 7.98 0.75
N VAL A 18 -4.64 8.66 -0.33
CA VAL A 18 -3.27 8.70 -0.87
C VAL A 18 -2.78 10.15 -1.05
N SER A 19 -1.47 10.32 -1.35
CA SER A 19 -0.76 11.60 -1.50
C SER A 19 -0.59 12.37 -0.18
N TYR A 20 0.14 11.77 0.76
CA TYR A 20 0.36 12.24 2.13
C TYR A 20 1.57 11.48 2.72
N GLY A 21 2.67 12.19 2.99
CA GLY A 21 3.92 11.62 3.42
C GLY A 21 4.52 10.69 2.35
N GLU A 22 5.54 9.96 2.80
CA GLU A 22 6.13 8.84 2.08
C GLU A 22 5.16 7.66 2.01
N MET A 23 5.28 6.87 0.94
CA MET A 23 4.31 5.85 0.51
C MET A 23 5.06 4.65 -0.08
N ILE A 24 4.45 3.46 0.00
CA ILE A 24 5.08 2.20 -0.41
C ILE A 24 4.05 1.40 -1.22
N GLY A 25 3.99 0.10 -0.98
CA GLY A 25 3.26 -0.87 -1.76
C GLY A 25 3.89 -2.25 -1.69
N CYS A 26 3.02 -3.23 -1.44
CA CYS A 26 3.37 -4.64 -1.39
C CYS A 26 3.86 -5.06 -2.78
N ASP A 27 5.08 -5.64 -2.83
CA ASP A 27 5.71 -6.10 -4.05
C ASP A 27 5.03 -7.32 -4.69
N ASP A 28 3.87 -7.77 -4.16
CA ASP A 28 2.98 -8.72 -4.80
C ASP A 28 2.26 -7.97 -5.93
N PRO A 29 2.48 -8.32 -7.21
CA PRO A 29 1.86 -7.64 -8.36
C PRO A 29 0.40 -8.06 -8.58
N ASP A 30 -0.17 -8.83 -7.64
CA ASP A 30 -1.56 -9.26 -7.60
C ASP A 30 -2.22 -8.83 -6.28
N CYS A 31 -1.55 -8.00 -5.46
CA CYS A 31 -2.14 -7.41 -4.28
C CYS A 31 -3.33 -6.54 -4.68
N SER A 32 -4.46 -6.76 -4.00
CA SER A 32 -5.76 -6.12 -4.25
C SER A 32 -5.82 -4.65 -3.79
N ILE A 33 -4.69 -4.10 -3.31
CA ILE A 33 -4.55 -2.77 -2.73
C ILE A 33 -3.33 -2.07 -3.34
N GLU A 34 -2.25 -2.81 -3.64
CA GLU A 34 -1.05 -2.41 -4.39
C GLU A 34 -0.10 -1.46 -3.65
N TRP A 35 -0.63 -0.49 -2.89
CA TRP A 35 0.09 0.59 -2.21
C TRP A 35 -0.39 0.65 -0.75
N PHE A 36 0.51 1.06 0.14
CA PHE A 36 0.27 1.10 1.58
C PHE A 36 1.08 2.24 2.14
N HIS A 37 0.55 2.87 3.17
CA HIS A 37 1.22 3.96 3.84
C HIS A 37 2.38 3.44 4.69
N PHE A 38 3.40 4.28 4.83
CA PHE A 38 4.50 4.11 5.77
C PHE A 38 4.06 4.08 7.24
N ALA A 39 2.77 4.33 7.54
CA ALA A 39 2.18 4.14 8.85
C ALA A 39 1.02 3.13 8.84
N CYS A 40 0.67 2.56 7.67
CA CYS A 40 -0.22 1.40 7.59
C CYS A 40 0.49 0.12 8.06
N VAL A 41 1.80 0.20 8.35
CA VAL A 41 2.66 -0.88 8.82
C VAL A 41 3.61 -0.43 9.96
N GLY A 42 3.72 0.89 10.18
CA GLY A 42 4.63 1.49 11.14
C GLY A 42 6.09 1.45 10.68
N LEU A 43 6.35 1.66 9.38
CA LEU A 43 7.70 1.75 8.83
C LEU A 43 8.41 3.00 9.36
N THR A 44 9.42 2.79 10.21
CA THR A 44 10.30 3.84 10.75
C THR A 44 11.35 4.31 9.74
N THR A 45 11.58 3.54 8.66
CA THR A 45 12.50 3.85 7.56
C THR A 45 12.06 3.10 6.30
N LYS A 46 12.73 3.42 5.19
CA LYS A 46 12.48 2.84 3.87
C LYS A 46 12.88 1.34 3.89
N PRO A 47 11.99 0.42 3.47
CA PRO A 47 12.25 -1.01 3.49
C PRO A 47 13.18 -1.44 2.34
N ARG A 48 13.63 -2.70 2.39
CA ARG A 48 14.40 -3.37 1.35
C ARG A 48 13.57 -3.52 0.06
N GLY A 49 14.24 -3.90 -1.05
CA GLY A 49 13.65 -4.07 -2.38
C GLY A 49 12.54 -5.12 -2.51
N LYS A 50 12.19 -5.83 -1.42
CA LYS A 50 11.02 -6.68 -1.30
C LYS A 50 10.43 -6.45 0.09
N TRP A 51 9.20 -5.95 0.04
CA TRP A 51 8.33 -5.66 1.17
C TRP A 51 6.94 -6.27 0.89
N PHE A 52 6.20 -6.54 1.97
CA PHE A 52 4.85 -7.09 1.91
C PHE A 52 4.00 -6.40 2.97
N CYS A 53 2.72 -6.15 2.64
CA CYS A 53 1.76 -5.55 3.56
C CYS A 53 1.43 -6.48 4.73
N PRO A 54 0.85 -5.97 5.84
CA PRO A 54 0.45 -6.77 7.00
C PRO A 54 -0.79 -7.64 6.74
N ARG A 55 -0.95 -8.14 5.50
CA ARG A 55 -1.97 -9.09 5.08
C ARG A 55 -1.36 -10.14 4.14
N CYS A 56 -0.40 -9.73 3.30
CA CYS A 56 0.45 -10.56 2.48
C CYS A 56 1.53 -11.25 3.31
N SER A 57 2.06 -10.57 4.34
CA SER A 57 3.12 -11.03 5.22
C SER A 57 2.60 -11.95 6.34
N GLN A 58 1.28 -12.12 6.47
CA GLN A 58 0.65 -13.00 7.46
C GLN A 58 0.84 -14.47 7.09
N GLU A 59 0.71 -14.83 5.79
CA GLU A 59 0.90 -16.16 5.25
C GLU A 59 2.30 -16.70 5.54
N ARG A 60 3.34 -15.88 5.28
CA ARG A 60 4.73 -16.09 5.65
C ARG A 60 5.31 -17.47 5.25
N LYS A 61 4.83 -18.03 4.13
CA LYS A 61 5.15 -19.37 3.63
C LYS A 61 4.97 -20.44 4.72
N LYS A 62 3.75 -20.50 5.29
CA LYS A 62 3.40 -21.32 6.45
C LYS A 62 2.03 -21.99 6.29
N LYS A 63 1.66 -22.28 5.02
CA LYS A 63 0.43 -22.94 4.58
C LYS A 63 -0.84 -22.33 5.21
ZN ZN B . -2.54 4.58 4.76
ZN ZN C . -0.33 -5.81 -0.13
N MET A 1 -11.84 12.66 -21.30
CA MET A 1 -13.12 12.51 -20.59
C MET A 1 -13.37 11.03 -20.25
N ASP A 2 -13.70 10.22 -21.26
CA ASP A 2 -14.04 8.80 -21.14
C ASP A 2 -12.79 7.89 -21.06
N MET A 3 -11.61 8.46 -20.76
CA MET A 3 -10.33 7.76 -20.69
C MET A 3 -10.31 6.58 -19.69
N PRO A 4 -10.79 6.69 -18.43
CA PRO A 4 -10.98 5.54 -17.56
C PRO A 4 -12.23 4.76 -18.00
N VAL A 5 -12.16 3.42 -17.92
CA VAL A 5 -13.26 2.53 -18.32
C VAL A 5 -14.47 2.70 -17.39
N ASP A 6 -14.23 2.58 -16.08
CA ASP A 6 -15.20 2.83 -15.01
C ASP A 6 -14.48 2.92 -13.65
N PRO A 7 -13.69 1.92 -13.20
CA PRO A 7 -12.95 2.02 -11.94
C PRO A 7 -11.77 3.00 -12.09
N ASN A 8 -11.66 3.91 -11.12
CA ASN A 8 -10.64 4.96 -11.07
C ASN A 8 -10.41 5.47 -9.63
N GLU A 9 -10.73 4.63 -8.63
CA GLU A 9 -10.73 4.98 -7.21
C GLU A 9 -9.33 5.45 -6.73
N PRO A 10 -9.19 6.71 -6.26
CA PRO A 10 -7.90 7.31 -5.92
C PRO A 10 -7.46 7.05 -4.46
N THR A 11 -7.94 5.94 -3.85
CA THR A 11 -7.77 5.59 -2.45
C THR A 11 -7.55 4.08 -2.32
N TYR A 12 -6.64 3.62 -1.44
CA TYR A 12 -6.31 2.19 -1.38
C TYR A 12 -5.73 1.69 -0.03
N CYS A 13 -4.86 2.43 0.70
CA CYS A 13 -4.48 1.98 2.06
C CYS A 13 -5.71 1.71 2.94
N LEU A 14 -5.42 1.19 4.14
CA LEU A 14 -6.35 1.02 5.24
C LEU A 14 -6.90 2.36 5.73
N CYS A 15 -6.36 3.46 5.19
CA CYS A 15 -6.71 4.83 5.49
C CYS A 15 -7.66 5.42 4.44
N HIS A 16 -7.83 4.74 3.29
CA HIS A 16 -8.58 5.16 2.12
C HIS A 16 -8.28 6.62 1.72
N GLN A 17 -6.98 6.95 1.65
CA GLN A 17 -6.45 8.24 1.24
C GLN A 17 -4.98 8.07 0.91
N VAL A 18 -4.50 8.86 -0.04
CA VAL A 18 -3.12 8.94 -0.54
C VAL A 18 -2.65 10.41 -0.62
N SER A 19 -1.37 10.64 -0.98
CA SER A 19 -0.70 11.95 -1.03
C SER A 19 -0.63 12.65 0.34
N TYR A 20 0.08 12.03 1.29
CA TYR A 20 0.19 12.43 2.70
C TYR A 20 1.42 11.75 3.32
N GLY A 21 2.42 12.58 3.67
CA GLY A 21 3.73 12.15 4.12
C GLY A 21 4.47 11.43 2.99
N GLU A 22 4.61 10.12 3.18
CA GLU A 22 5.28 9.18 2.29
C GLU A 22 4.47 7.89 2.13
N MET A 23 4.83 7.09 1.14
CA MET A 23 4.06 5.94 0.66
C MET A 23 4.97 4.75 0.34
N ILE A 24 4.39 3.53 0.37
CA ILE A 24 5.05 2.30 0.00
C ILE A 24 4.06 1.53 -0.90
N GLY A 25 3.92 0.22 -0.68
CA GLY A 25 3.19 -0.69 -1.53
C GLY A 25 3.77 -2.09 -1.53
N CYS A 26 2.87 -3.07 -1.36
CA CYS A 26 3.20 -4.48 -1.40
C CYS A 26 3.66 -4.86 -2.81
N ASP A 27 4.87 -5.40 -2.89
CA ASP A 27 5.52 -5.85 -4.13
C ASP A 27 4.82 -7.04 -4.80
N ASP A 28 3.73 -7.57 -4.22
CA ASP A 28 2.86 -8.54 -4.87
C ASP A 28 2.13 -7.83 -6.03
N PRO A 29 2.34 -8.23 -7.30
CA PRO A 29 1.70 -7.61 -8.46
C PRO A 29 0.23 -8.06 -8.64
N ASP A 30 -0.29 -8.83 -7.68
CA ASP A 30 -1.68 -9.26 -7.60
C ASP A 30 -2.34 -8.73 -6.31
N CYS A 31 -1.63 -7.88 -5.55
CA CYS A 31 -2.20 -7.18 -4.40
C CYS A 31 -3.39 -6.31 -4.84
N SER A 32 -4.50 -6.46 -4.12
CA SER A 32 -5.79 -5.81 -4.39
C SER A 32 -5.83 -4.33 -3.98
N ILE A 33 -4.70 -3.79 -3.50
CA ILE A 33 -4.57 -2.44 -2.92
C ILE A 33 -3.33 -1.74 -3.49
N GLU A 34 -2.25 -2.50 -3.75
CA GLU A 34 -1.01 -2.10 -4.43
C GLU A 34 -0.09 -1.17 -3.64
N TRP A 35 -0.63 -0.16 -2.93
CA TRP A 35 0.11 0.84 -2.16
C TRP A 35 -0.44 0.86 -0.73
N PHE A 36 0.44 1.16 0.22
CA PHE A 36 0.15 1.14 1.66
C PHE A 36 0.97 2.22 2.34
N HIS A 37 0.50 2.65 3.51
CA HIS A 37 1.12 3.75 4.23
C HIS A 37 2.29 3.22 5.06
N PHE A 38 3.36 4.03 5.12
CA PHE A 38 4.52 3.88 5.98
C PHE A 38 4.16 3.88 7.48
N ALA A 39 2.91 4.19 7.85
CA ALA A 39 2.39 4.12 9.20
C ALA A 39 1.25 3.10 9.34
N CYS A 40 0.75 2.53 8.23
CA CYS A 40 -0.16 1.38 8.25
C CYS A 40 0.59 0.05 8.53
N VAL A 41 1.92 0.12 8.65
CA VAL A 41 2.81 -0.98 9.05
C VAL A 41 3.78 -0.53 10.16
N GLY A 42 3.77 0.76 10.51
CA GLY A 42 4.67 1.36 11.48
C GLY A 42 6.13 1.38 11.03
N LEU A 43 6.39 1.57 9.73
CA LEU A 43 7.75 1.69 9.19
C LEU A 43 8.43 2.97 9.70
N THR A 44 9.77 2.92 9.71
CA THR A 44 10.66 3.97 10.23
C THR A 44 11.83 4.24 9.25
N THR A 45 12.02 3.36 8.25
CA THR A 45 12.99 3.50 7.17
C THR A 45 12.46 2.83 5.91
N LYS A 46 13.10 3.15 4.79
CA LYS A 46 12.80 2.59 3.47
C LYS A 46 13.46 1.20 3.36
N PRO A 47 12.68 0.11 3.15
CA PRO A 47 13.21 -1.23 2.95
C PRO A 47 13.76 -1.41 1.52
N ARG A 48 14.42 -2.55 1.27
CA ARG A 48 14.91 -2.95 -0.04
C ARG A 48 14.83 -4.47 -0.19
N GLY A 49 14.71 -4.92 -1.44
CA GLY A 49 14.51 -6.32 -1.83
C GLY A 49 13.09 -6.47 -2.35
N LYS A 50 12.14 -6.62 -1.42
CA LYS A 50 10.70 -6.56 -1.62
C LYS A 50 10.04 -6.52 -0.24
N TRP A 51 9.01 -5.69 -0.13
CA TRP A 51 8.17 -5.51 1.04
C TRP A 51 6.79 -6.15 0.82
N PHE A 52 6.06 -6.38 1.93
CA PHE A 52 4.74 -6.98 1.93
C PHE A 52 3.86 -6.24 2.95
N CYS A 53 2.58 -6.03 2.61
CA CYS A 53 1.60 -5.45 3.51
C CYS A 53 1.28 -6.38 4.69
N PRO A 54 0.68 -5.86 5.79
CA PRO A 54 0.29 -6.65 6.96
C PRO A 54 -0.94 -7.54 6.71
N ARG A 55 -1.06 -8.09 5.48
CA ARG A 55 -2.03 -9.13 5.11
C ARG A 55 -1.34 -10.16 4.21
N CYS A 56 -0.42 -9.72 3.36
CA CYS A 56 0.48 -10.54 2.57
C CYS A 56 1.58 -11.18 3.44
N SER A 57 2.04 -10.48 4.48
CA SER A 57 3.06 -10.94 5.42
C SER A 57 2.49 -11.87 6.51
N GLN A 58 1.15 -11.92 6.68
CA GLN A 58 0.49 -12.77 7.67
C GLN A 58 0.64 -14.27 7.38
N GLU A 59 0.96 -14.64 6.13
CA GLU A 59 1.15 -15.99 5.64
C GLU A 59 2.24 -16.78 6.39
N ARG A 60 3.25 -16.09 6.96
CA ARG A 60 4.46 -16.71 7.52
C ARG A 60 4.83 -16.08 8.87
N LYS A 61 3.81 -15.85 9.72
CA LYS A 61 3.94 -15.33 11.09
C LYS A 61 4.62 -16.33 12.02
N LYS A 62 5.96 -16.27 12.04
CA LYS A 62 6.85 -17.09 12.86
C LYS A 62 7.95 -16.25 13.51
N LYS A 63 7.65 -14.96 13.75
CA LYS A 63 8.56 -13.89 14.16
C LYS A 63 9.84 -13.89 13.32
ZN ZN B . -2.89 4.94 5.05
ZN ZN C . -0.55 -5.90 -0.25
N MET A 1 -17.54 20.05 -21.13
CA MET A 1 -16.13 20.14 -20.73
C MET A 1 -15.94 19.49 -19.35
N ASP A 2 -16.30 20.20 -18.27
CA ASP A 2 -16.26 19.70 -16.90
C ASP A 2 -17.29 18.58 -16.71
N MET A 3 -16.92 17.58 -15.89
CA MET A 3 -17.75 16.42 -15.56
C MET A 3 -17.53 16.06 -14.08
N PRO A 4 -18.06 16.85 -13.13
CA PRO A 4 -17.86 16.67 -11.68
C PRO A 4 -18.73 15.56 -11.07
N VAL A 5 -19.20 14.60 -11.88
CA VAL A 5 -20.19 13.58 -11.50
C VAL A 5 -19.65 12.18 -11.89
N ASP A 6 -18.34 11.97 -11.68
CA ASP A 6 -17.61 10.76 -12.04
C ASP A 6 -16.57 10.43 -10.95
N PRO A 7 -16.21 9.14 -10.76
CA PRO A 7 -15.25 8.71 -9.75
C PRO A 7 -13.84 9.18 -10.12
N ASN A 8 -13.18 9.87 -9.18
CA ASN A 8 -11.88 10.50 -9.38
C ASN A 8 -11.12 10.64 -8.03
N GLU A 9 -11.30 9.65 -7.13
CA GLU A 9 -10.76 9.66 -5.78
C GLU A 9 -10.13 8.28 -5.46
N PRO A 10 -8.89 8.02 -5.93
CA PRO A 10 -8.21 6.75 -5.72
C PRO A 10 -7.73 6.60 -4.26
N THR A 11 -8.11 5.49 -3.63
CA THR A 11 -7.88 5.18 -2.21
C THR A 11 -7.69 3.67 -2.06
N TYR A 12 -6.77 3.22 -1.18
CA TYR A 12 -6.44 1.78 -1.09
C TYR A 12 -5.89 1.33 0.26
N CYS A 13 -4.91 2.06 0.85
CA CYS A 13 -4.40 1.91 2.21
C CYS A 13 -5.48 1.60 3.25
N LEU A 14 -4.98 1.27 4.45
CA LEU A 14 -5.80 1.19 5.64
C LEU A 14 -6.23 2.59 6.09
N CYS A 15 -5.71 3.65 5.44
CA CYS A 15 -6.11 5.01 5.67
C CYS A 15 -7.16 5.47 4.66
N HIS A 16 -7.32 4.71 3.56
CA HIS A 16 -8.15 5.01 2.39
C HIS A 16 -7.98 6.46 1.89
N GLN A 17 -6.72 6.86 1.65
CA GLN A 17 -6.31 8.18 1.17
C GLN A 17 -4.82 8.12 0.82
N VAL A 18 -4.43 8.77 -0.28
CA VAL A 18 -3.05 8.85 -0.79
C VAL A 18 -2.61 10.33 -0.97
N SER A 19 -1.33 10.55 -1.31
CA SER A 19 -0.67 11.87 -1.43
C SER A 19 -0.54 12.61 -0.08
N TYR A 20 0.20 12.01 0.86
CA TYR A 20 0.41 12.48 2.24
C TYR A 20 1.68 11.82 2.81
N GLY A 21 2.72 12.64 3.02
CA GLY A 21 4.05 12.22 3.40
C GLY A 21 4.70 11.43 2.26
N GLU A 22 4.84 10.12 2.51
CA GLU A 22 5.52 9.15 1.68
C GLU A 22 4.72 7.83 1.63
N MET A 23 5.11 6.94 0.71
CA MET A 23 4.33 5.75 0.34
C MET A 23 5.20 4.51 0.12
N ILE A 24 4.57 3.32 0.22
CA ILE A 24 5.15 2.06 -0.17
C ILE A 24 4.10 1.31 -1.01
N GLY A 25 3.95 0.01 -0.78
CA GLY A 25 3.19 -0.91 -1.58
C GLY A 25 3.84 -2.28 -1.62
N CYS A 26 2.99 -3.30 -1.44
CA CYS A 26 3.40 -4.70 -1.46
C CYS A 26 3.93 -5.02 -2.87
N ASP A 27 5.17 -5.56 -2.91
CA ASP A 27 5.86 -5.99 -4.14
C ASP A 27 5.16 -7.14 -4.87
N ASP A 28 4.07 -7.71 -4.33
CA ASP A 28 3.20 -8.66 -5.01
C ASP A 28 2.38 -7.91 -6.08
N PRO A 29 2.50 -8.24 -7.38
CA PRO A 29 1.72 -7.63 -8.45
C PRO A 29 0.27 -8.16 -8.51
N ASP A 30 -0.12 -9.03 -7.56
CA ASP A 30 -1.46 -9.55 -7.38
C ASP A 30 -2.05 -9.08 -6.04
N CYS A 31 -1.35 -8.19 -5.31
CA CYS A 31 -1.87 -7.53 -4.13
C CYS A 31 -3.14 -6.76 -4.48
N SER A 32 -4.20 -7.01 -3.71
CA SER A 32 -5.55 -6.46 -3.90
C SER A 32 -5.67 -4.97 -3.49
N ILE A 33 -4.56 -4.35 -3.07
CA ILE A 33 -4.50 -3.02 -2.47
C ILE A 33 -3.36 -2.20 -3.09
N GLU A 34 -2.25 -2.88 -3.43
CA GLU A 34 -1.10 -2.40 -4.21
C GLU A 34 -0.16 -1.43 -3.48
N TRP A 35 -0.69 -0.51 -2.66
CA TRP A 35 0.05 0.55 -1.98
C TRP A 35 -0.43 0.63 -0.53
N PHE A 36 0.50 1.03 0.35
CA PHE A 36 0.28 1.14 1.79
C PHE A 36 1.16 2.25 2.31
N HIS A 37 0.65 2.91 3.35
CA HIS A 37 1.37 3.99 4.01
C HIS A 37 2.55 3.44 4.83
N PHE A 38 3.59 4.27 4.97
CA PHE A 38 4.70 4.11 5.91
C PHE A 38 4.24 4.06 7.38
N ALA A 39 2.95 4.25 7.67
CA ALA A 39 2.34 4.05 8.98
C ALA A 39 1.18 3.04 8.94
N CYS A 40 0.80 2.52 7.76
CA CYS A 40 -0.10 1.37 7.64
C CYS A 40 0.61 0.05 8.03
N VAL A 41 1.92 0.10 8.29
CA VAL A 41 2.74 -1.00 8.82
C VAL A 41 3.66 -0.52 9.96
N GLY A 42 3.67 0.80 10.26
CA GLY A 42 4.55 1.42 11.24
C GLY A 42 6.02 1.42 10.80
N LEU A 43 6.29 1.52 9.50
CA LEU A 43 7.64 1.43 8.92
C LEU A 43 8.53 2.61 9.34
N THR A 44 8.01 3.84 9.16
CA THR A 44 8.68 5.15 9.28
C THR A 44 10.05 5.26 8.57
N THR A 45 10.46 4.28 7.77
CA THR A 45 11.73 4.21 7.03
C THR A 45 11.54 3.46 5.70
N LYS A 46 12.50 3.63 4.79
CA LYS A 46 12.57 2.89 3.54
C LYS A 46 12.88 1.41 3.83
N PRO A 47 12.03 0.46 3.41
CA PRO A 47 12.24 -0.97 3.66
C PRO A 47 13.22 -1.59 2.66
N ARG A 48 13.72 -2.79 2.99
CA ARG A 48 14.48 -3.63 2.08
C ARG A 48 13.57 -4.13 0.94
N GLY A 49 14.16 -4.55 -0.18
CA GLY A 49 13.45 -5.06 -1.35
C GLY A 49 12.57 -6.28 -1.00
N LYS A 50 11.51 -6.49 -1.82
CA LYS A 50 10.45 -7.47 -1.59
C LYS A 50 9.82 -7.28 -0.20
N TRP A 51 9.19 -6.11 -0.06
CA TRP A 51 8.33 -5.79 1.07
C TRP A 51 6.93 -6.38 0.81
N PHE A 52 6.21 -6.69 1.90
CA PHE A 52 4.86 -7.23 1.84
C PHE A 52 4.01 -6.60 2.95
N CYS A 53 2.74 -6.31 2.63
CA CYS A 53 1.79 -5.69 3.55
C CYS A 53 1.36 -6.65 4.67
N PRO A 54 0.69 -6.18 5.75
CA PRO A 54 0.31 -7.02 6.90
C PRO A 54 -0.80 -8.06 6.59
N ARG A 55 -1.16 -8.24 5.31
CA ARG A 55 -2.12 -9.22 4.82
C ARG A 55 -1.58 -9.97 3.59
N CYS A 56 -0.25 -10.07 3.49
CA CYS A 56 0.49 -10.62 2.37
C CYS A 56 1.84 -11.21 2.82
N SER A 57 2.43 -10.60 3.86
CA SER A 57 3.59 -11.10 4.58
C SER A 57 3.27 -12.33 5.42
N GLN A 58 2.02 -12.44 5.91
CA GLN A 58 1.54 -13.48 6.80
C GLN A 58 1.51 -14.86 6.13
N GLU A 59 1.21 -14.91 4.83
CA GLU A 59 1.14 -16.11 4.01
C GLU A 59 2.44 -16.90 4.04
N ARG A 60 3.57 -16.21 3.78
CA ARG A 60 4.94 -16.72 3.88
C ARG A 60 5.21 -18.04 3.13
N LYS A 61 4.47 -18.32 2.05
CA LYS A 61 4.45 -19.60 1.33
C LYS A 61 4.30 -20.80 2.28
N LYS A 62 3.41 -20.65 3.27
CA LYS A 62 3.22 -21.48 4.46
C LYS A 62 4.47 -21.52 5.34
N LYS A 63 4.32 -21.04 6.58
CA LYS A 63 5.31 -21.15 7.65
C LYS A 63 4.53 -21.37 8.95
ZN ZN B . -2.42 4.71 4.89
ZN ZN C . -0.20 -6.67 -0.25
N MET A 1 -13.62 15.71 -28.25
CA MET A 1 -14.35 15.11 -27.12
C MET A 1 -13.43 14.17 -26.34
N ASP A 2 -13.09 14.57 -25.11
CA ASP A 2 -12.25 13.79 -24.20
C ASP A 2 -12.95 12.52 -23.73
N MET A 3 -12.16 11.53 -23.32
CA MET A 3 -12.61 10.22 -22.83
C MET A 3 -11.73 9.83 -21.63
N PRO A 4 -11.94 10.45 -20.46
CA PRO A 4 -11.10 10.27 -19.27
C PRO A 4 -11.29 8.88 -18.63
N VAL A 5 -10.34 8.51 -17.77
CA VAL A 5 -10.25 7.22 -17.08
C VAL A 5 -9.77 7.47 -15.63
N ASP A 6 -9.51 6.39 -14.90
CA ASP A 6 -9.09 6.33 -13.48
C ASP A 6 -10.21 6.76 -12.51
N PRO A 7 -10.20 6.30 -11.24
CA PRO A 7 -11.22 6.66 -10.27
C PRO A 7 -11.12 8.13 -9.87
N ASN A 8 -12.29 8.74 -9.63
CA ASN A 8 -12.43 10.13 -9.19
C ASN A 8 -11.85 10.39 -7.79
N GLU A 9 -11.67 9.32 -6.99
CA GLU A 9 -11.15 9.38 -5.64
C GLU A 9 -10.31 8.11 -5.38
N PRO A 10 -9.02 8.10 -5.80
CA PRO A 10 -8.12 6.96 -5.59
C PRO A 10 -7.78 6.80 -4.11
N THR A 11 -8.11 5.63 -3.55
CA THR A 11 -7.97 5.27 -2.15
C THR A 11 -7.69 3.77 -2.04
N TYR A 12 -6.72 3.35 -1.20
CA TYR A 12 -6.35 1.93 -1.14
C TYR A 12 -5.68 1.48 0.18
N CYS A 13 -4.80 2.25 0.85
CA CYS A 13 -4.36 1.86 2.21
C CYS A 13 -5.55 1.63 3.15
N LEU A 14 -5.21 1.16 4.35
CA LEU A 14 -6.10 1.02 5.50
C LEU A 14 -6.64 2.39 5.96
N CYS A 15 -6.11 3.47 5.37
CA CYS A 15 -6.48 4.83 5.63
C CYS A 15 -7.51 5.37 4.62
N HIS A 16 -7.72 4.64 3.52
CA HIS A 16 -8.54 5.01 2.37
C HIS A 16 -8.29 6.44 1.90
N GLN A 17 -7.00 6.79 1.73
CA GLN A 17 -6.53 8.07 1.22
C GLN A 17 -5.06 7.91 0.83
N VAL A 18 -4.66 8.65 -0.20
CA VAL A 18 -3.31 8.71 -0.79
C VAL A 18 -2.87 10.17 -1.03
N SER A 19 -1.61 10.36 -1.46
CA SER A 19 -0.94 11.65 -1.65
C SER A 19 -0.77 12.44 -0.33
N TYR A 20 -0.02 11.85 0.60
CA TYR A 20 0.19 12.32 1.97
C TYR A 20 1.43 11.60 2.55
N GLY A 21 2.52 12.36 2.71
CA GLY A 21 3.79 11.87 3.19
C GLY A 21 4.39 10.79 2.28
N GLU A 22 5.31 10.07 2.91
CA GLU A 22 5.95 8.85 2.44
C GLU A 22 4.94 7.69 2.31
N MET A 23 5.18 6.81 1.33
CA MET A 23 4.25 5.78 0.84
C MET A 23 5.04 4.58 0.29
N ILE A 24 4.40 3.40 0.22
CA ILE A 24 5.01 2.15 -0.22
C ILE A 24 4.03 1.39 -1.12
N GLY A 25 3.87 0.08 -0.88
CA GLY A 25 3.16 -0.87 -1.72
C GLY A 25 3.75 -2.26 -1.68
N CYS A 26 2.86 -3.25 -1.58
CA CYS A 26 3.23 -4.66 -1.59
C CYS A 26 3.84 -5.01 -2.94
N ASP A 27 5.06 -5.57 -2.92
CA ASP A 27 5.73 -6.14 -4.07
C ASP A 27 4.99 -7.38 -4.65
N ASP A 28 3.84 -7.74 -4.06
CA ASP A 28 2.85 -8.69 -4.56
C ASP A 28 2.28 -8.13 -5.87
N PRO A 29 2.55 -8.75 -7.03
CA PRO A 29 2.09 -8.25 -8.33
C PRO A 29 0.61 -8.58 -8.62
N ASP A 30 -0.11 -9.04 -7.59
CA ASP A 30 -1.53 -9.29 -7.60
C ASP A 30 -2.21 -8.59 -6.41
N CYS A 31 -1.48 -7.73 -5.68
CA CYS A 31 -2.04 -6.98 -4.56
C CYS A 31 -3.24 -6.13 -4.99
N SER A 32 -4.36 -6.39 -4.29
CA SER A 32 -5.68 -5.78 -4.49
C SER A 32 -5.76 -4.33 -3.98
N ILE A 33 -4.65 -3.80 -3.43
CA ILE A 33 -4.53 -2.49 -2.82
C ILE A 33 -3.31 -1.76 -3.41
N GLU A 34 -2.24 -2.50 -3.75
CA GLU A 34 -1.06 -2.10 -4.51
C GLU A 34 -0.11 -1.12 -3.81
N TRP A 35 -0.61 -0.31 -2.86
CA TRP A 35 0.13 0.71 -2.12
C TRP A 35 -0.36 0.74 -0.67
N PHE A 36 0.54 1.07 0.25
CA PHE A 36 0.27 1.10 1.69
C PHE A 36 1.09 2.21 2.32
N HIS A 37 0.64 2.70 3.47
CA HIS A 37 1.26 3.82 4.13
C HIS A 37 2.47 3.37 4.94
N PHE A 38 3.50 4.22 4.94
CA PHE A 38 4.70 4.14 5.77
C PHE A 38 4.43 4.15 7.30
N ALA A 39 3.15 4.32 7.71
CA ALA A 39 2.71 4.22 9.08
C ALA A 39 1.59 3.19 9.26
N CYS A 40 1.02 2.65 8.17
CA CYS A 40 0.13 1.49 8.22
C CYS A 40 0.87 0.17 8.43
N VAL A 41 2.21 0.23 8.48
CA VAL A 41 3.12 -0.86 8.85
C VAL A 41 4.16 -0.38 9.89
N GLY A 42 4.10 0.91 10.26
CA GLY A 42 5.04 1.56 11.17
C GLY A 42 6.48 1.58 10.64
N LEU A 43 6.65 1.70 9.31
CA LEU A 43 7.95 1.60 8.65
C LEU A 43 8.88 2.74 9.08
N THR A 44 8.40 3.99 8.93
CA THR A 44 9.12 5.26 9.14
C THR A 44 10.50 5.38 8.45
N THR A 45 10.88 4.44 7.57
CA THR A 45 12.10 4.47 6.77
C THR A 45 11.93 3.60 5.51
N LYS A 46 12.84 3.79 4.56
CA LYS A 46 12.94 3.06 3.31
C LYS A 46 13.19 1.56 3.62
N PRO A 47 12.28 0.65 3.22
CA PRO A 47 12.37 -0.77 3.57
C PRO A 47 13.47 -1.51 2.79
N ARG A 48 13.73 -2.76 3.23
CA ARG A 48 14.56 -3.73 2.50
C ARG A 48 13.86 -4.14 1.18
N GLY A 49 14.58 -4.90 0.34
CA GLY A 49 14.04 -5.44 -0.90
C GLY A 49 12.83 -6.35 -0.66
N LYS A 50 11.90 -6.37 -1.62
CA LYS A 50 10.62 -7.06 -1.61
C LYS A 50 9.86 -6.94 -0.28
N TRP A 51 9.14 -5.82 -0.09
CA TRP A 51 8.32 -5.56 1.08
C TRP A 51 6.95 -6.26 0.93
N PHE A 52 6.28 -6.52 2.05
CA PHE A 52 5.01 -7.23 2.09
C PHE A 52 4.02 -6.53 3.03
N CYS A 53 2.76 -6.41 2.60
CA CYS A 53 1.66 -5.89 3.41
C CYS A 53 1.26 -6.86 4.54
N PRO A 54 0.50 -6.42 5.55
CA PRO A 54 0.04 -7.25 6.67
C PRO A 54 -1.08 -8.27 6.28
N ARG A 55 -1.08 -8.71 5.02
CA ARG A 55 -1.95 -9.74 4.45
C ARG A 55 -1.12 -10.75 3.65
N CYS A 56 -0.01 -10.29 3.05
CA CYS A 56 1.03 -11.07 2.42
C CYS A 56 2.03 -11.64 3.43
N SER A 57 2.26 -10.92 4.55
CA SER A 57 3.12 -11.34 5.64
C SER A 57 2.54 -12.51 6.45
N GLN A 58 1.23 -12.74 6.34
CA GLN A 58 0.53 -13.92 6.87
C GLN A 58 1.00 -15.20 6.16
N GLU A 59 1.24 -15.13 4.84
CA GLU A 59 1.82 -16.19 4.02
C GLU A 59 3.33 -16.37 4.31
N ARG A 60 3.97 -17.34 3.60
CA ARG A 60 5.37 -17.73 3.75
C ARG A 60 5.68 -18.13 5.20
N LYS A 61 5.03 -19.21 5.64
CA LYS A 61 5.12 -19.80 6.97
C LYS A 61 6.38 -20.68 7.05
N LYS A 62 6.35 -21.65 7.98
CA LYS A 62 7.42 -22.56 8.39
C LYS A 62 8.58 -21.79 9.06
N LYS A 63 8.92 -22.26 10.28
CA LYS A 63 9.89 -21.68 11.23
C LYS A 63 9.58 -20.22 11.57
ZN ZN B . -2.71 5.00 4.96
ZN ZN C . -0.36 -7.41 -1.84
N MET A 1 -15.10 30.17 -13.13
CA MET A 1 -16.55 29.92 -13.17
C MET A 1 -16.82 28.42 -13.13
N ASP A 2 -17.81 28.02 -12.31
CA ASP A 2 -18.14 26.64 -11.92
C ASP A 2 -17.01 25.94 -11.15
N MET A 3 -17.39 24.88 -10.41
CA MET A 3 -16.49 24.03 -9.63
C MET A 3 -17.12 22.63 -9.55
N PRO A 4 -16.84 21.73 -10.51
CA PRO A 4 -17.40 20.37 -10.50
C PRO A 4 -16.80 19.51 -9.39
N VAL A 5 -17.53 18.47 -8.99
CA VAL A 5 -17.14 17.54 -7.92
C VAL A 5 -15.89 16.74 -8.31
N ASP A 6 -15.74 16.39 -9.60
CA ASP A 6 -14.74 15.49 -10.15
C ASP A 6 -14.51 14.24 -9.25
N PRO A 7 -15.46 13.28 -9.22
CA PRO A 7 -15.32 12.02 -8.48
C PRO A 7 -14.22 11.16 -9.11
N ASN A 8 -12.99 11.38 -8.63
CA ASN A 8 -11.75 10.90 -9.22
C ASN A 8 -10.69 10.76 -8.10
N GLU A 9 -11.07 10.10 -7.01
CA GLU A 9 -10.30 10.00 -5.78
C GLU A 9 -9.97 8.51 -5.50
N PRO A 10 -8.82 8.00 -5.99
CA PRO A 10 -8.40 6.63 -5.74
C PRO A 10 -7.90 6.47 -4.30
N THR A 11 -8.22 5.32 -3.69
CA THR A 11 -7.98 4.98 -2.28
C THR A 11 -7.74 3.47 -2.16
N TYR A 12 -6.80 3.03 -1.29
CA TYR A 12 -6.46 1.60 -1.22
C TYR A 12 -5.86 1.15 0.12
N CYS A 13 -4.91 1.91 0.70
CA CYS A 13 -4.40 1.76 2.07
C CYS A 13 -5.48 1.42 3.10
N LEU A 14 -4.97 1.07 4.28
CA LEU A 14 -5.79 0.95 5.48
C LEU A 14 -6.26 2.33 5.96
N CYS A 15 -5.76 3.42 5.32
CA CYS A 15 -6.20 4.76 5.59
C CYS A 15 -7.26 5.23 4.59
N HIS A 16 -7.41 4.48 3.47
CA HIS A 16 -8.26 4.78 2.32
C HIS A 16 -8.12 6.24 1.84
N GLN A 17 -6.86 6.68 1.60
CA GLN A 17 -6.50 8.01 1.13
C GLN A 17 -5.02 7.98 0.75
N VAL A 18 -4.66 8.65 -0.34
CA VAL A 18 -3.29 8.69 -0.92
C VAL A 18 -2.83 10.14 -1.17
N SER A 19 -1.55 10.32 -1.52
CA SER A 19 -0.84 11.60 -1.69
C SER A 19 -0.68 12.38 -0.37
N TYR A 20 0.10 11.79 0.56
CA TYR A 20 0.34 12.27 1.92
C TYR A 20 1.57 11.55 2.49
N GLY A 21 2.66 12.29 2.73
CA GLY A 21 3.92 11.78 3.20
C GLY A 21 4.54 10.78 2.24
N GLU A 22 5.48 10.03 2.81
CA GLU A 22 6.12 8.85 2.25
C GLU A 22 5.10 7.68 2.12
N MET A 23 5.26 6.88 1.07
CA MET A 23 4.31 5.88 0.59
C MET A 23 5.05 4.68 0.00
N ILE A 24 4.44 3.49 0.03
CA ILE A 24 5.08 2.25 -0.39
C ILE A 24 4.06 1.43 -1.18
N GLY A 25 4.01 0.13 -0.93
CA GLY A 25 3.27 -0.85 -1.68
C GLY A 25 3.90 -2.23 -1.58
N CYS A 26 3.02 -3.21 -1.33
CA CYS A 26 3.36 -4.63 -1.29
C CYS A 26 3.85 -5.05 -2.67
N ASP A 27 5.06 -5.61 -2.72
CA ASP A 27 5.73 -6.06 -3.93
C ASP A 27 5.05 -7.30 -4.59
N ASP A 28 3.91 -7.76 -4.05
CA ASP A 28 3.04 -8.73 -4.71
C ASP A 28 2.29 -7.99 -5.82
N PRO A 29 2.51 -8.32 -7.11
CA PRO A 29 1.87 -7.66 -8.24
C PRO A 29 0.41 -8.11 -8.45
N ASP A 30 -0.14 -8.88 -7.50
CA ASP A 30 -1.52 -9.33 -7.46
C ASP A 30 -2.17 -8.91 -6.13
N CYS A 31 -1.50 -8.08 -5.32
CA CYS A 31 -2.09 -7.49 -4.12
C CYS A 31 -3.30 -6.63 -4.51
N SER A 32 -4.42 -6.87 -3.80
CA SER A 32 -5.72 -6.24 -4.03
C SER A 32 -5.80 -4.76 -3.58
N ILE A 33 -4.66 -4.20 -3.13
CA ILE A 33 -4.53 -2.86 -2.57
C ILE A 33 -3.32 -2.15 -3.20
N GLU A 34 -2.24 -2.90 -3.50
CA GLU A 34 -1.05 -2.50 -4.27
C GLU A 34 -0.10 -1.52 -3.55
N TRP A 35 -0.63 -0.53 -2.81
CA TRP A 35 0.10 0.55 -2.15
C TRP A 35 -0.37 0.63 -0.69
N PHE A 36 0.54 1.05 0.20
CA PHE A 36 0.31 1.09 1.63
C PHE A 36 1.12 2.24 2.19
N HIS A 37 0.56 2.88 3.21
CA HIS A 37 1.24 3.97 3.87
C HIS A 37 2.42 3.47 4.70
N PHE A 38 3.43 4.32 4.82
CA PHE A 38 4.55 4.16 5.75
C PHE A 38 4.11 4.11 7.23
N ALA A 39 2.83 4.34 7.54
CA ALA A 39 2.27 4.14 8.86
C ALA A 39 1.09 3.14 8.86
N CYS A 40 0.74 2.57 7.69
CA CYS A 40 -0.15 1.40 7.61
C CYS A 40 0.57 0.12 8.10
N VAL A 41 1.88 0.21 8.37
CA VAL A 41 2.73 -0.87 8.88
C VAL A 41 3.69 -0.39 10.00
N GLY A 42 3.82 0.92 10.17
CA GLY A 42 4.74 1.54 11.13
C GLY A 42 6.20 1.54 10.64
N LEU A 43 6.43 1.73 9.33
CA LEU A 43 7.76 1.88 8.75
C LEU A 43 8.39 3.20 9.19
N THR A 44 9.34 3.12 10.13
CA THR A 44 10.15 4.26 10.58
C THR A 44 11.19 4.71 9.52
N THR A 45 11.48 3.85 8.54
CA THR A 45 12.37 4.13 7.41
C THR A 45 11.97 3.28 6.21
N LYS A 46 12.64 3.52 5.08
CA LYS A 46 12.40 2.84 3.81
C LYS A 46 12.78 1.34 3.93
N PRO A 47 11.91 0.41 3.51
CA PRO A 47 12.18 -1.03 3.57
C PRO A 47 13.15 -1.49 2.47
N ARG A 48 13.50 -2.78 2.50
CA ARG A 48 14.27 -3.47 1.47
C ARG A 48 13.53 -3.46 0.12
N GLY A 49 14.22 -3.90 -0.94
CA GLY A 49 13.71 -4.04 -2.30
C GLY A 49 12.65 -5.14 -2.48
N LYS A 50 12.16 -5.74 -1.39
CA LYS A 50 11.03 -6.65 -1.38
C LYS A 50 10.36 -6.54 -0.01
N TRP A 51 9.14 -5.99 -0.01
CA TRP A 51 8.29 -5.76 1.16
C TRP A 51 6.91 -6.37 0.92
N PHE A 52 6.19 -6.65 2.02
CA PHE A 52 4.85 -7.22 2.00
C PHE A 52 4.01 -6.55 3.09
N CYS A 53 2.75 -6.27 2.77
CA CYS A 53 1.81 -5.65 3.69
C CYS A 53 1.41 -6.59 4.84
N PRO A 54 0.80 -6.07 5.92
CA PRO A 54 0.29 -6.87 7.05
C PRO A 54 -1.00 -7.66 6.69
N ARG A 55 -1.09 -8.14 5.44
CA ARG A 55 -2.10 -9.10 4.97
C ARG A 55 -1.48 -10.13 4.03
N CYS A 56 -0.41 -9.76 3.31
CA CYS A 56 0.37 -10.57 2.39
C CYS A 56 1.50 -11.33 3.10
N SER A 57 2.03 -10.78 4.20
CA SER A 57 3.13 -11.36 4.96
C SER A 57 2.68 -12.57 5.79
N GLN A 58 1.36 -12.68 6.05
CA GLN A 58 0.74 -13.72 6.86
C GLN A 58 0.78 -15.09 6.16
N GLU A 59 0.85 -15.12 4.82
CA GLU A 59 1.04 -16.31 4.01
C GLU A 59 2.41 -16.99 4.24
N ARG A 60 3.34 -16.33 4.94
CA ARG A 60 4.71 -16.78 5.17
C ARG A 60 5.07 -16.67 6.67
N LYS A 61 4.08 -16.86 7.55
CA LYS A 61 4.24 -17.02 9.00
C LYS A 61 5.03 -18.29 9.30
N LYS A 62 6.34 -18.09 9.44
CA LYS A 62 7.37 -19.11 9.67
C LYS A 62 8.32 -18.54 10.72
N LYS A 63 7.79 -18.41 11.95
CA LYS A 63 8.36 -17.68 13.09
C LYS A 63 8.52 -16.19 12.74
ZN ZN B . -2.53 4.60 4.78
ZN ZN C . -0.31 -5.72 0.02
N MET A 1 -14.40 15.57 -22.92
CA MET A 1 -15.51 15.77 -21.95
C MET A 1 -15.33 14.86 -20.74
N ASP A 2 -15.38 13.53 -20.97
CA ASP A 2 -15.22 12.52 -19.94
C ASP A 2 -14.56 11.26 -20.52
N MET A 3 -13.95 10.44 -19.65
CA MET A 3 -13.36 9.16 -19.99
C MET A 3 -13.32 8.27 -18.74
N PRO A 4 -14.26 7.34 -18.55
CA PRO A 4 -14.18 6.33 -17.51
C PRO A 4 -13.14 5.26 -17.92
N VAL A 5 -12.25 4.90 -16.99
CA VAL A 5 -11.19 3.93 -17.24
C VAL A 5 -11.77 2.52 -17.05
N ASP A 6 -11.72 1.98 -15.82
CA ASP A 6 -12.25 0.68 -15.43
C ASP A 6 -12.59 0.63 -13.92
N PRO A 7 -11.67 0.93 -12.97
CA PRO A 7 -11.96 0.79 -11.54
C PRO A 7 -12.81 1.93 -10.98
N ASN A 8 -12.54 3.18 -11.39
CA ASN A 8 -13.10 4.41 -10.82
C ASN A 8 -13.03 4.43 -9.27
N GLU A 9 -12.00 3.81 -8.69
CA GLU A 9 -11.87 3.52 -7.26
C GLU A 9 -10.52 4.04 -6.73
N PRO A 10 -10.42 5.34 -6.36
CA PRO A 10 -9.24 5.94 -5.75
C PRO A 10 -9.16 5.67 -4.24
N THR A 11 -7.98 5.89 -3.64
CA THR A 11 -7.60 5.61 -2.25
C THR A 11 -7.62 4.11 -1.92
N TYR A 12 -6.69 3.62 -1.07
CA TYR A 12 -6.47 2.17 -0.96
C TYR A 12 -5.88 1.69 0.37
N CYS A 13 -4.88 2.40 0.93
CA CYS A 13 -4.35 2.23 2.28
C CYS A 13 -5.42 1.93 3.33
N LEU A 14 -4.93 1.57 4.51
CA LEU A 14 -5.74 1.49 5.71
C LEU A 14 -6.15 2.89 6.18
N CYS A 15 -5.63 3.95 5.53
CA CYS A 15 -6.02 5.31 5.78
C CYS A 15 -7.08 5.79 4.78
N HIS A 16 -7.26 5.04 3.68
CA HIS A 16 -8.12 5.34 2.54
C HIS A 16 -7.96 6.79 2.05
N GLN A 17 -6.69 7.20 1.81
CA GLN A 17 -6.32 8.52 1.32
C GLN A 17 -4.84 8.47 0.91
N VAL A 18 -4.49 9.14 -0.19
CA VAL A 18 -3.12 9.27 -0.71
C VAL A 18 -2.73 10.76 -0.88
N SER A 19 -1.53 11.04 -1.40
CA SER A 19 -0.87 12.36 -1.46
C SER A 19 -0.58 12.99 -0.08
N TYR A 20 0.19 12.28 0.77
CA TYR A 20 0.55 12.65 2.15
C TYR A 20 1.73 11.79 2.64
N GLY A 21 2.89 12.41 2.87
CA GLY A 21 4.08 11.76 3.39
C GLY A 21 4.69 10.73 2.44
N GLU A 22 5.70 10.06 2.99
CA GLU A 22 6.37 8.87 2.43
C GLU A 22 5.39 7.68 2.30
N MET A 23 5.66 6.80 1.31
CA MET A 23 4.73 5.78 0.83
C MET A 23 5.43 4.49 0.42
N ILE A 24 4.65 3.40 0.35
CA ILE A 24 5.13 2.10 -0.07
C ILE A 24 4.06 1.47 -0.97
N GLY A 25 3.83 0.17 -0.82
CA GLY A 25 3.04 -0.68 -1.69
C GLY A 25 3.59 -2.08 -1.75
N CYS A 26 2.68 -3.05 -1.66
CA CYS A 26 3.05 -4.47 -1.67
C CYS A 26 3.64 -4.81 -3.03
N ASP A 27 4.88 -5.34 -3.02
CA ASP A 27 5.56 -5.90 -4.19
C ASP A 27 4.85 -7.15 -4.76
N ASP A 28 3.71 -7.54 -4.17
CA ASP A 28 2.73 -8.48 -4.67
C ASP A 28 2.15 -7.92 -5.98
N PRO A 29 2.40 -8.54 -7.14
CA PRO A 29 1.95 -8.04 -8.44
C PRO A 29 0.47 -8.33 -8.72
N ASP A 30 -0.26 -8.76 -7.67
CA ASP A 30 -1.69 -8.99 -7.67
C ASP A 30 -2.34 -8.29 -6.48
N CYS A 31 -1.59 -7.43 -5.75
CA CYS A 31 -2.12 -6.65 -4.64
C CYS A 31 -3.29 -5.78 -5.07
N SER A 32 -4.45 -6.06 -4.46
CA SER A 32 -5.73 -5.38 -4.66
C SER A 32 -5.78 -4.00 -3.98
N ILE A 33 -4.70 -3.62 -3.29
CA ILE A 33 -4.55 -2.38 -2.54
C ILE A 33 -3.40 -1.55 -3.15
N GLU A 34 -2.35 -2.23 -3.60
CA GLU A 34 -1.23 -1.75 -4.42
C GLU A 34 -0.23 -0.82 -3.70
N TRP A 35 -0.71 -0.04 -2.71
CA TRP A 35 0.04 0.98 -1.99
C TRP A 35 -0.41 1.00 -0.53
N PHE A 36 0.51 1.37 0.37
CA PHE A 36 0.26 1.46 1.79
C PHE A 36 1.13 2.57 2.34
N HIS A 37 0.63 3.23 3.37
CA HIS A 37 1.36 4.28 4.03
C HIS A 37 2.52 3.70 4.84
N PHE A 38 3.58 4.50 4.98
CA PHE A 38 4.69 4.25 5.90
C PHE A 38 4.27 4.19 7.38
N ALA A 39 3.00 4.44 7.70
CA ALA A 39 2.42 4.23 9.02
C ALA A 39 1.23 3.25 9.00
N CYS A 40 0.84 2.74 7.81
CA CYS A 40 -0.08 1.62 7.70
C CYS A 40 0.60 0.28 8.07
N VAL A 41 1.92 0.32 8.33
CA VAL A 41 2.78 -0.81 8.71
C VAL A 41 3.77 -0.43 9.82
N GLY A 42 3.88 0.86 10.15
CA GLY A 42 4.80 1.39 11.14
C GLY A 42 6.26 1.38 10.68
N LEU A 43 6.51 1.65 9.39
CA LEU A 43 7.86 1.76 8.82
C LEU A 43 8.56 3.01 9.38
N THR A 44 9.58 2.79 10.22
CA THR A 44 10.45 3.84 10.76
C THR A 44 11.52 4.28 9.75
N THR A 45 11.73 3.51 8.67
CA THR A 45 12.70 3.80 7.61
C THR A 45 12.32 3.05 6.32
N LYS A 46 13.05 3.36 5.25
CA LYS A 46 12.92 2.77 3.92
C LYS A 46 13.35 1.28 3.98
N PRO A 47 12.44 0.32 3.74
CA PRO A 47 12.71 -1.11 3.91
C PRO A 47 13.56 -1.69 2.78
N ARG A 48 14.02 -2.94 2.97
CA ARG A 48 14.65 -3.75 1.93
C ARG A 48 13.65 -4.05 0.80
N GLY A 49 14.19 -4.52 -0.34
CA GLY A 49 13.41 -4.92 -1.51
C GLY A 49 12.39 -6.03 -1.21
N LYS A 50 11.39 -6.14 -2.10
CA LYS A 50 10.20 -6.97 -1.95
C LYS A 50 9.55 -6.86 -0.56
N TRP A 51 8.95 -5.69 -0.29
CA TRP A 51 8.17 -5.44 0.92
C TRP A 51 6.79 -6.11 0.77
N PHE A 52 6.15 -6.40 1.92
CA PHE A 52 4.88 -7.11 1.97
C PHE A 52 3.91 -6.38 2.91
N CYS A 53 2.64 -6.23 2.48
CA CYS A 53 1.55 -5.74 3.32
C CYS A 53 1.24 -6.72 4.47
N PRO A 54 0.52 -6.30 5.52
CA PRO A 54 0.15 -7.14 6.67
C PRO A 54 -0.94 -8.19 6.34
N ARG A 55 -1.00 -8.64 5.07
CA ARG A 55 -1.90 -9.66 4.56
C ARG A 55 -1.10 -10.65 3.68
N CYS A 56 -0.09 -10.15 2.97
CA CYS A 56 0.92 -10.90 2.26
C CYS A 56 1.96 -11.51 3.20
N SER A 57 2.27 -10.83 4.31
CA SER A 57 3.13 -11.33 5.37
C SER A 57 2.47 -12.51 6.10
N GLN A 58 1.14 -12.51 6.23
CA GLN A 58 0.37 -13.62 6.78
C GLN A 58 0.37 -14.82 5.82
N GLU A 59 0.33 -14.58 4.50
CA GLU A 59 0.36 -15.59 3.45
C GLU A 59 1.62 -16.48 3.50
N ARG A 60 2.74 -15.92 4.00
CA ARG A 60 4.00 -16.58 4.37
C ARG A 60 4.39 -17.77 3.47
N LYS A 61 4.60 -17.49 2.19
CA LYS A 61 4.99 -18.49 1.19
C LYS A 61 6.50 -18.81 1.26
N LYS A 62 6.94 -19.39 2.40
CA LYS A 62 8.32 -19.77 2.71
C LYS A 62 9.33 -18.67 2.38
N LYS A 63 9.09 -17.45 2.91
CA LYS A 63 9.85 -16.22 2.66
C LYS A 63 9.66 -15.77 1.20
ZN ZN B . -2.36 5.02 4.96
ZN ZN C . -0.52 -7.20 -1.91
N MET A 1 -17.29 19.18 -19.15
CA MET A 1 -16.35 19.72 -18.15
C MET A 1 -16.61 19.15 -16.76
N ASP A 2 -17.88 19.17 -16.31
CA ASP A 2 -18.28 18.85 -14.94
C ASP A 2 -19.38 17.79 -14.96
N MET A 3 -18.99 16.55 -14.66
CA MET A 3 -19.88 15.39 -14.59
C MET A 3 -19.31 14.40 -13.55
N PRO A 4 -19.58 14.62 -12.25
CA PRO A 4 -19.12 13.76 -11.16
C PRO A 4 -19.94 12.46 -11.10
N VAL A 5 -19.62 11.52 -12.00
CA VAL A 5 -20.32 10.25 -12.19
C VAL A 5 -19.29 9.12 -12.39
N ASP A 6 -18.22 9.40 -13.13
CA ASP A 6 -17.07 8.49 -13.28
C ASP A 6 -16.25 8.44 -11.97
N PRO A 7 -15.56 7.33 -11.67
CA PRO A 7 -14.71 7.20 -10.49
C PRO A 7 -13.47 8.11 -10.60
N ASN A 8 -13.16 8.81 -9.50
CA ASN A 8 -12.12 9.83 -9.43
C ASN A 8 -11.55 9.93 -8.00
N GLU A 9 -11.46 8.80 -7.29
CA GLU A 9 -11.05 8.73 -5.89
C GLU A 9 -10.07 7.55 -5.71
N PRO A 10 -8.80 7.69 -6.16
CA PRO A 10 -7.77 6.67 -6.00
C PRO A 10 -7.30 6.61 -4.54
N THR A 11 -7.78 5.60 -3.81
CA THR A 11 -7.57 5.39 -2.37
C THR A 11 -7.45 3.90 -2.10
N TYR A 12 -6.49 3.47 -1.24
CA TYR A 12 -6.18 2.04 -1.14
C TYR A 12 -5.56 1.59 0.21
N CYS A 13 -4.65 2.34 0.89
CA CYS A 13 -4.26 1.95 2.26
C CYS A 13 -5.47 1.78 3.18
N LEU A 14 -5.17 1.30 4.39
CA LEU A 14 -6.09 1.21 5.52
C LEU A 14 -6.61 2.58 5.94
N CYS A 15 -6.05 3.65 5.34
CA CYS A 15 -6.38 5.03 5.56
C CYS A 15 -7.34 5.58 4.52
N HIS A 16 -7.54 4.85 3.41
CA HIS A 16 -8.30 5.23 2.22
C HIS A 16 -7.99 6.65 1.75
N GLN A 17 -6.68 6.96 1.66
CA GLN A 17 -6.15 8.22 1.18
C GLN A 17 -4.68 8.01 0.83
N VAL A 18 -4.23 8.74 -0.19
CA VAL A 18 -2.86 8.77 -0.72
C VAL A 18 -2.39 10.23 -0.91
N SER A 19 -1.12 10.42 -1.30
CA SER A 19 -0.43 11.71 -1.44
C SER A 19 -0.37 12.50 -0.12
N TYR A 20 0.38 11.95 0.86
CA TYR A 20 0.49 12.42 2.23
C TYR A 20 1.76 11.84 2.87
N GLY A 21 2.79 12.69 2.96
CA GLY A 21 4.14 12.34 3.37
C GLY A 21 4.80 11.46 2.31
N GLU A 22 4.77 10.14 2.55
CA GLU A 22 5.43 9.11 1.78
C GLU A 22 4.59 7.82 1.72
N MET A 23 5.02 6.88 0.87
CA MET A 23 4.26 5.68 0.50
C MET A 23 5.19 4.47 0.31
N ILE A 24 4.61 3.26 0.38
CA ILE A 24 5.25 2.01 0.01
C ILE A 24 4.25 1.25 -0.87
N GLY A 25 4.08 -0.05 -0.62
CA GLY A 25 3.32 -0.97 -1.42
C GLY A 25 3.88 -2.37 -1.40
N CYS A 26 2.97 -3.34 -1.20
CA CYS A 26 3.27 -4.76 -1.24
C CYS A 26 3.70 -5.13 -2.67
N ASP A 27 4.94 -5.64 -2.77
CA ASP A 27 5.58 -6.06 -4.02
C ASP A 27 4.97 -7.36 -4.62
N ASP A 28 3.88 -7.90 -4.04
CA ASP A 28 3.08 -8.95 -4.64
C ASP A 28 2.35 -8.37 -5.86
N PRO A 29 2.57 -8.90 -7.09
CA PRO A 29 1.89 -8.43 -8.29
C PRO A 29 0.44 -8.91 -8.40
N ASP A 30 -0.07 -9.57 -7.37
CA ASP A 30 -1.47 -10.00 -7.23
C ASP A 30 -2.12 -9.32 -6.01
N CYS A 31 -1.42 -8.38 -5.35
CA CYS A 31 -1.97 -7.60 -4.26
C CYS A 31 -3.18 -6.78 -4.73
N SER A 32 -4.28 -6.90 -3.98
CA SER A 32 -5.58 -6.28 -4.27
C SER A 32 -5.64 -4.80 -3.85
N ILE A 33 -4.52 -4.22 -3.39
CA ILE A 33 -4.44 -2.91 -2.76
C ILE A 33 -3.24 -2.12 -3.32
N GLU A 34 -2.14 -2.83 -3.61
CA GLU A 34 -0.92 -2.40 -4.31
C GLU A 34 0.00 -1.46 -3.51
N TRP A 35 -0.54 -0.47 -2.78
CA TRP A 35 0.20 0.55 -2.04
C TRP A 35 -0.32 0.60 -0.60
N PHE A 36 0.58 0.94 0.33
CA PHE A 36 0.32 0.95 1.77
C PHE A 36 1.20 2.02 2.42
N HIS A 37 0.79 2.50 3.58
CA HIS A 37 1.40 3.64 4.23
C HIS A 37 2.58 3.21 5.11
N PHE A 38 3.61 4.06 5.12
CA PHE A 38 4.78 4.04 6.00
C PHE A 38 4.44 4.08 7.51
N ALA A 39 3.17 4.29 7.86
CA ALA A 39 2.66 4.25 9.22
C ALA A 39 1.53 3.22 9.39
N CYS A 40 1.00 2.64 8.30
CA CYS A 40 0.10 1.50 8.37
C CYS A 40 0.83 0.17 8.66
N VAL A 41 2.17 0.22 8.75
CA VAL A 41 3.04 -0.85 9.22
C VAL A 41 4.05 -0.33 10.27
N GLY A 42 4.02 0.97 10.56
CA GLY A 42 4.93 1.65 11.48
C GLY A 42 6.38 1.62 11.01
N LEU A 43 6.61 1.70 9.69
CA LEU A 43 7.93 1.57 9.07
C LEU A 43 8.85 2.73 9.45
N THR A 44 8.37 3.98 9.24
CA THR A 44 9.11 5.23 9.44
C THR A 44 10.36 5.41 8.54
N THR A 45 10.79 4.36 7.83
CA THR A 45 11.93 4.36 6.91
C THR A 45 11.72 3.35 5.77
N LYS A 46 12.65 3.37 4.81
CA LYS A 46 12.67 2.48 3.66
C LYS A 46 12.98 1.04 4.13
N PRO A 47 12.15 0.03 3.81
CA PRO A 47 12.42 -1.36 4.17
C PRO A 47 13.52 -1.95 3.28
N ARG A 48 13.20 -2.15 1.99
CA ARG A 48 14.00 -2.75 0.93
C ARG A 48 13.18 -2.64 -0.38
N GLY A 49 13.76 -3.06 -1.51
CA GLY A 49 13.04 -3.25 -2.77
C GLY A 49 12.12 -4.48 -2.77
N LYS A 50 11.81 -5.05 -1.59
CA LYS A 50 10.89 -6.16 -1.40
C LYS A 50 10.29 -6.08 0.02
N TRP A 51 8.98 -5.81 0.06
CA TRP A 51 8.15 -5.67 1.25
C TRP A 51 6.77 -6.32 1.00
N PHE A 52 6.03 -6.60 2.07
CA PHE A 52 4.69 -7.20 2.02
C PHE A 52 3.79 -6.56 3.08
N CYS A 53 2.51 -6.34 2.73
CA CYS A 53 1.49 -5.84 3.64
C CYS A 53 1.10 -6.90 4.68
N PRO A 54 0.39 -6.53 5.77
CA PRO A 54 -0.02 -7.45 6.84
C PRO A 54 -1.16 -8.40 6.43
N ARG A 55 -1.26 -8.75 5.14
CA ARG A 55 -2.21 -9.71 4.59
C ARG A 55 -1.49 -10.64 3.59
N CYS A 56 -0.51 -10.10 2.87
CA CYS A 56 0.42 -10.81 2.02
C CYS A 56 1.53 -11.50 2.85
N SER A 57 1.93 -10.90 3.98
CA SER A 57 2.89 -11.45 4.93
C SER A 57 2.31 -12.64 5.72
N GLN A 58 0.98 -12.72 5.85
CA GLN A 58 0.27 -13.82 6.51
C GLN A 58 0.49 -15.16 5.78
N GLU A 59 0.58 -15.13 4.44
CA GLU A 59 0.76 -16.28 3.56
C GLU A 59 1.95 -17.16 3.97
N ARG A 60 3.08 -16.53 4.33
CA ARG A 60 4.27 -17.19 4.85
C ARG A 60 5.00 -16.19 5.74
N LYS A 61 4.98 -16.48 7.04
CA LYS A 61 5.42 -15.63 8.13
C LYS A 61 6.42 -16.41 9.00
N LYS A 62 6.52 -16.03 10.28
CA LYS A 62 7.40 -16.64 11.28
C LYS A 62 6.59 -17.46 12.31
N LYS A 63 5.48 -18.06 11.84
CA LYS A 63 4.58 -18.91 12.60
C LYS A 63 3.90 -19.90 11.65
ZN ZN B . -2.57 5.02 5.01
ZN ZN C . -0.49 -5.95 -0.15
N MET A 1 -16.34 24.63 -21.59
CA MET A 1 -15.66 24.39 -20.30
C MET A 1 -16.63 24.70 -19.15
N ASP A 2 -17.26 23.64 -18.64
CA ASP A 2 -18.39 23.73 -17.71
C ASP A 2 -18.34 22.58 -16.72
N MET A 3 -18.57 22.90 -15.44
CA MET A 3 -18.52 22.00 -14.27
C MET A 3 -17.41 20.92 -14.38
N PRO A 4 -16.12 21.30 -14.44
CA PRO A 4 -15.01 20.35 -14.54
C PRO A 4 -14.87 19.55 -13.25
N VAL A 5 -15.17 18.25 -13.34
CA VAL A 5 -15.15 17.28 -12.23
C VAL A 5 -14.56 15.99 -12.80
N ASP A 6 -13.24 15.86 -12.66
CA ASP A 6 -12.43 14.81 -13.30
C ASP A 6 -11.41 14.27 -12.28
N PRO A 7 -11.86 13.65 -11.17
CA PRO A 7 -10.99 13.18 -10.10
C PRO A 7 -10.09 12.02 -10.56
N ASN A 8 -8.87 11.99 -10.02
CA ASN A 8 -7.84 10.99 -10.32
C ASN A 8 -6.97 10.75 -9.07
N GLU A 9 -7.63 10.59 -7.91
CA GLU A 9 -7.02 10.37 -6.61
C GLU A 9 -7.71 9.16 -5.94
N PRO A 10 -7.49 7.93 -6.46
CA PRO A 10 -8.02 6.70 -5.87
C PRO A 10 -7.38 6.41 -4.51
N THR A 11 -7.99 5.48 -3.74
CA THR A 11 -7.71 5.24 -2.32
C THR A 11 -7.65 3.73 -2.03
N TYR A 12 -6.73 3.28 -1.15
CA TYR A 12 -6.47 1.84 -0.99
C TYR A 12 -5.89 1.42 0.36
N CYS A 13 -4.94 2.17 1.00
CA CYS A 13 -4.45 1.78 2.34
C CYS A 13 -5.59 1.53 3.34
N LEU A 14 -5.18 1.09 4.53
CA LEU A 14 -6.02 0.97 5.71
C LEU A 14 -6.53 2.34 6.18
N CYS A 15 -6.06 3.42 5.53
CA CYS A 15 -6.45 4.77 5.75
C CYS A 15 -7.48 5.26 4.73
N HIS A 16 -7.62 4.53 3.61
CA HIS A 16 -8.49 4.83 2.47
C HIS A 16 -8.28 6.27 1.96
N GLN A 17 -7.00 6.65 1.80
CA GLN A 17 -6.55 7.95 1.32
C GLN A 17 -5.09 7.81 0.93
N VAL A 18 -4.69 8.58 -0.09
CA VAL A 18 -3.33 8.73 -0.63
C VAL A 18 -3.01 10.23 -0.82
N SER A 19 -1.81 10.55 -1.33
CA SER A 19 -1.25 11.90 -1.45
C SER A 19 -1.09 12.61 -0.09
N TYR A 20 -0.32 11.99 0.82
CA TYR A 20 -0.09 12.41 2.21
C TYR A 20 1.23 11.76 2.70
N GLY A 21 2.23 12.60 2.99
CA GLY A 21 3.57 12.22 3.39
C GLY A 21 4.25 11.41 2.28
N GLU A 22 4.42 10.12 2.56
CA GLU A 22 5.14 9.14 1.77
C GLU A 22 4.39 7.80 1.68
N MET A 23 4.86 6.92 0.79
CA MET A 23 4.14 5.71 0.39
C MET A 23 5.06 4.51 0.19
N ILE A 24 4.46 3.31 0.20
CA ILE A 24 5.09 2.06 -0.19
C ILE A 24 4.07 1.32 -1.07
N GLY A 25 3.92 0.03 -0.83
CA GLY A 25 3.16 -0.89 -1.64
C GLY A 25 3.76 -2.27 -1.67
N CYS A 26 2.91 -3.28 -1.41
CA CYS A 26 3.28 -4.69 -1.45
C CYS A 26 3.68 -5.03 -2.88
N ASP A 27 4.92 -5.54 -3.03
CA ASP A 27 5.53 -5.94 -4.30
C ASP A 27 4.81 -7.12 -4.99
N ASP A 28 3.77 -7.70 -4.37
CA ASP A 28 2.87 -8.67 -5.01
C ASP A 28 2.04 -7.92 -6.07
N PRO A 29 2.17 -8.26 -7.37
CA PRO A 29 1.41 -7.61 -8.43
C PRO A 29 -0.03 -8.13 -8.54
N ASP A 30 -0.47 -8.94 -7.57
CA ASP A 30 -1.82 -9.44 -7.43
C ASP A 30 -2.40 -9.02 -6.07
N CYS A 31 -1.69 -8.16 -5.28
CA CYS A 31 -2.25 -7.57 -4.09
C CYS A 31 -3.47 -6.71 -4.44
N SER A 32 -4.56 -6.94 -3.72
CA SER A 32 -5.87 -6.30 -3.92
C SER A 32 -5.93 -4.84 -3.44
N ILE A 33 -4.78 -4.29 -3.03
CA ILE A 33 -4.63 -2.99 -2.38
C ILE A 33 -3.46 -2.21 -3.02
N GLU A 34 -2.39 -2.94 -3.38
CA GLU A 34 -1.23 -2.51 -4.19
C GLU A 34 -0.27 -1.52 -3.49
N TRP A 35 -0.78 -0.50 -2.79
CA TRP A 35 -0.01 0.54 -2.10
C TRP A 35 -0.46 0.57 -0.63
N PHE A 36 0.47 0.93 0.25
CA PHE A 36 0.27 0.93 1.69
C PHE A 36 1.10 2.05 2.29
N HIS A 37 0.67 2.53 3.46
CA HIS A 37 1.29 3.67 4.12
C HIS A 37 2.48 3.21 4.96
N PHE A 38 3.51 4.07 4.98
CA PHE A 38 4.68 4.02 5.85
C PHE A 38 4.37 4.02 7.36
N ALA A 39 3.10 4.20 7.74
CA ALA A 39 2.63 4.09 9.11
C ALA A 39 1.51 3.06 9.26
N CYS A 40 0.99 2.49 8.15
CA CYS A 40 0.09 1.34 8.19
C CYS A 40 0.85 0.01 8.42
N VAL A 41 2.19 0.07 8.50
CA VAL A 41 3.09 -1.00 8.91
C VAL A 41 4.07 -0.51 10.00
N GLY A 42 4.04 0.78 10.32
CA GLY A 42 4.94 1.44 11.26
C GLY A 42 6.40 1.45 10.76
N LEU A 43 6.61 1.59 9.43
CA LEU A 43 7.93 1.53 8.82
C LEU A 43 8.78 2.73 9.23
N THR A 44 8.26 3.95 9.03
CA THR A 44 8.93 5.25 9.24
C THR A 44 10.18 5.47 8.35
N THR A 45 10.69 4.42 7.67
CA THR A 45 11.90 4.43 6.87
C THR A 45 11.72 3.54 5.63
N LYS A 46 12.65 3.65 4.66
CA LYS A 46 12.67 2.84 3.44
C LYS A 46 12.89 1.36 3.80
N PRO A 47 12.02 0.43 3.35
CA PRO A 47 12.16 -1.00 3.62
C PRO A 47 13.21 -1.65 2.71
N ARG A 48 13.53 -2.91 3.03
CA ARG A 48 14.33 -3.79 2.18
C ARG A 48 13.50 -4.15 0.92
N GLY A 49 14.20 -4.56 -0.15
CA GLY A 49 13.58 -4.91 -1.43
C GLY A 49 12.55 -6.05 -1.31
N LYS A 50 11.57 -6.05 -2.22
CA LYS A 50 10.41 -6.94 -2.26
C LYS A 50 9.68 -6.97 -0.89
N TRP A 51 9.05 -5.85 -0.54
CA TRP A 51 8.26 -5.68 0.68
C TRP A 51 6.89 -6.38 0.53
N PHE A 52 6.22 -6.62 1.66
CA PHE A 52 4.91 -7.25 1.75
C PHE A 52 4.08 -6.51 2.81
N CYS A 53 2.79 -6.29 2.53
CA CYS A 53 1.84 -5.75 3.50
C CYS A 53 1.57 -6.74 4.66
N PRO A 54 0.97 -6.28 5.78
CA PRO A 54 0.66 -7.12 6.95
C PRO A 54 -0.52 -8.09 6.72
N ARG A 55 -0.69 -8.57 5.47
CA ARG A 55 -1.60 -9.66 5.09
C ARG A 55 -0.90 -10.61 4.11
N CYS A 56 -0.09 -10.04 3.20
CA CYS A 56 0.75 -10.74 2.27
C CYS A 56 1.97 -11.39 2.94
N SER A 57 2.42 -10.84 4.09
CA SER A 57 3.45 -11.43 4.93
C SER A 57 2.88 -12.25 6.09
N GLN A 58 1.59 -12.06 6.41
CA GLN A 58 0.92 -12.70 7.54
C GLN A 58 0.84 -14.22 7.35
N GLU A 59 0.63 -14.69 6.11
CA GLU A 59 0.52 -16.10 5.77
C GLU A 59 1.90 -16.81 5.69
N ARG A 60 3.01 -16.07 5.69
CA ARG A 60 4.36 -16.58 5.50
C ARG A 60 4.98 -17.03 6.84
N LYS A 61 4.26 -17.92 7.54
CA LYS A 61 4.57 -18.43 8.87
C LYS A 61 5.54 -19.62 8.77
N LYS A 62 5.37 -20.63 9.64
CA LYS A 62 6.16 -21.84 9.73
C LYS A 62 5.21 -23.05 9.65
N LYS A 63 4.92 -23.47 8.41
CA LYS A 63 4.00 -24.54 8.06
C LYS A 63 4.57 -25.31 6.87
ZN ZN B . -2.69 4.86 5.07
ZN ZN C . -0.30 -5.90 -0.02
N MET A 1 2.91 13.57 -13.70
CA MET A 1 2.93 13.25 -12.26
C MET A 1 2.42 14.45 -11.48
N ASP A 2 1.15 14.39 -11.06
CA ASP A 2 0.43 15.54 -10.51
C ASP A 2 -0.55 15.12 -9.42
N MET A 3 -1.30 14.02 -9.64
CA MET A 3 -2.34 13.52 -8.74
C MET A 3 -2.72 12.06 -9.08
N PRO A 4 -3.29 11.30 -8.12
CA PRO A 4 -3.69 9.90 -8.30
C PRO A 4 -5.09 9.77 -8.94
N VAL A 5 -5.32 10.47 -10.06
CA VAL A 5 -6.62 10.53 -10.74
C VAL A 5 -6.43 10.00 -12.18
N ASP A 6 -6.64 8.69 -12.33
CA ASP A 6 -6.60 7.97 -13.60
C ASP A 6 -7.49 6.70 -13.53
N PRO A 7 -7.35 5.80 -12.54
CA PRO A 7 -8.27 4.66 -12.39
C PRO A 7 -9.61 5.09 -11.77
N ASN A 8 -10.63 4.23 -11.95
CA ASN A 8 -11.98 4.42 -11.43
C ASN A 8 -12.11 4.12 -9.92
N GLU A 9 -11.00 3.83 -9.23
CA GLU A 9 -10.98 3.40 -7.84
C GLU A 9 -9.84 4.10 -7.08
N PRO A 10 -10.00 5.40 -6.72
CA PRO A 10 -9.04 6.14 -5.90
C PRO A 10 -9.10 5.69 -4.43
N THR A 11 -8.01 5.98 -3.68
CA THR A 11 -7.73 5.57 -2.31
C THR A 11 -7.61 4.04 -2.13
N TYR A 12 -6.70 3.57 -1.25
CA TYR A 12 -6.38 2.13 -1.23
C TYR A 12 -5.81 1.63 0.10
N CYS A 13 -4.85 2.34 0.73
CA CYS A 13 -4.38 2.12 2.09
C CYS A 13 -5.47 1.79 3.09
N LEU A 14 -5.00 1.40 4.28
CA LEU A 14 -5.83 1.27 5.47
C LEU A 14 -6.24 2.65 5.98
N CYS A 15 -5.71 3.73 5.39
CA CYS A 15 -6.10 5.08 5.70
C CYS A 15 -7.13 5.62 4.71
N HIS A 16 -7.33 4.92 3.58
CA HIS A 16 -8.16 5.31 2.44
C HIS A 16 -7.95 6.76 2.00
N GLN A 17 -6.68 7.13 1.75
CA GLN A 17 -6.25 8.44 1.27
C GLN A 17 -4.77 8.36 0.90
N VAL A 18 -4.36 9.03 -0.18
CA VAL A 18 -2.96 9.11 -0.66
C VAL A 18 -2.49 10.58 -0.77
N SER A 19 -1.18 10.80 -0.98
CA SER A 19 -0.49 12.09 -1.03
C SER A 19 -0.39 12.79 0.34
N TYR A 20 0.29 12.13 1.29
CA TYR A 20 0.47 12.53 2.69
C TYR A 20 1.65 11.72 3.24
N GLY A 21 2.79 12.39 3.48
CA GLY A 21 4.04 11.73 3.78
C GLY A 21 4.53 10.92 2.59
N GLU A 22 5.54 10.11 2.87
CA GLU A 22 6.06 9.07 1.98
C GLU A 22 5.12 7.87 1.90
N MET A 23 5.33 7.02 0.88
CA MET A 23 4.45 5.93 0.46
C MET A 23 5.26 4.67 0.11
N ILE A 24 4.60 3.50 0.22
CA ILE A 24 5.18 2.22 -0.19
C ILE A 24 4.13 1.52 -1.06
N GLY A 25 3.98 0.21 -0.87
CA GLY A 25 3.21 -0.68 -1.70
C GLY A 25 3.77 -2.08 -1.74
N CYS A 26 2.87 -3.04 -1.50
CA CYS A 26 3.18 -4.47 -1.52
C CYS A 26 3.64 -4.84 -2.92
N ASP A 27 4.86 -5.41 -3.00
CA ASP A 27 5.50 -5.82 -4.25
C ASP A 27 4.77 -6.98 -4.96
N ASP A 28 3.64 -7.47 -4.42
CA ASP A 28 2.73 -8.37 -5.12
C ASP A 28 2.02 -7.55 -6.21
N PRO A 29 2.22 -7.86 -7.51
CA PRO A 29 1.59 -7.12 -8.61
C PRO A 29 0.12 -7.51 -8.83
N ASP A 30 -0.45 -8.30 -7.90
CA ASP A 30 -1.85 -8.69 -7.86
C ASP A 30 -2.47 -8.30 -6.51
N CYS A 31 -1.76 -7.52 -5.67
CA CYS A 31 -2.34 -6.95 -4.46
C CYS A 31 -3.50 -6.02 -4.85
N SER A 32 -4.65 -6.23 -4.19
CA SER A 32 -5.92 -5.55 -4.43
C SER A 32 -5.94 -4.08 -3.93
N ILE A 33 -4.81 -3.60 -3.41
CA ILE A 33 -4.63 -2.28 -2.80
C ILE A 33 -3.37 -1.60 -3.37
N GLU A 34 -2.32 -2.38 -3.69
CA GLU A 34 -1.11 -1.99 -4.42
C GLU A 34 -0.13 -1.07 -3.65
N TRP A 35 -0.64 -0.13 -2.85
CA TRP A 35 0.11 0.89 -2.12
C TRP A 35 -0.38 0.93 -0.67
N PHE A 36 0.53 1.27 0.23
CA PHE A 36 0.28 1.31 1.67
C PHE A 36 1.15 2.40 2.25
N HIS A 37 0.64 3.03 3.32
CA HIS A 37 1.35 4.07 4.01
C HIS A 37 2.51 3.49 4.82
N PHE A 38 3.55 4.30 4.97
CA PHE A 38 4.67 4.09 5.91
C PHE A 38 4.22 4.04 7.38
N ALA A 39 2.94 4.27 7.69
CA ALA A 39 2.35 4.06 9.00
C ALA A 39 1.16 3.09 8.97
N CYS A 40 0.78 2.57 7.79
CA CYS A 40 -0.15 1.45 7.67
C CYS A 40 0.54 0.12 8.10
N VAL A 41 1.85 0.15 8.34
CA VAL A 41 2.70 -0.97 8.76
C VAL A 41 3.63 -0.57 9.93
N GLY A 42 3.77 0.73 10.19
CA GLY A 42 4.68 1.29 11.19
C GLY A 42 6.15 1.25 10.75
N LEU A 43 6.42 1.50 9.47
CA LEU A 43 7.79 1.59 8.92
C LEU A 43 8.51 2.81 9.49
N THR A 44 9.52 2.55 10.34
CA THR A 44 10.41 3.57 10.90
C THR A 44 11.38 4.12 9.84
N THR A 45 11.70 3.31 8.81
CA THR A 45 12.57 3.66 7.69
C THR A 45 12.20 2.82 6.46
N LYS A 46 12.85 3.11 5.34
CA LYS A 46 12.63 2.47 4.05
C LYS A 46 12.94 0.96 4.13
N PRO A 47 12.00 0.08 3.74
CA PRO A 47 12.22 -1.37 3.78
C PRO A 47 13.16 -1.84 2.66
N ARG A 48 13.56 -3.11 2.75
CA ARG A 48 14.28 -3.81 1.67
C ARG A 48 13.33 -4.07 0.49
N GLY A 49 13.89 -4.51 -0.63
CA GLY A 49 13.13 -4.96 -1.80
C GLY A 49 12.22 -6.15 -1.47
N LYS A 50 11.19 -6.34 -2.30
CA LYS A 50 10.10 -7.31 -2.10
C LYS A 50 9.44 -7.17 -0.72
N TRP A 51 8.93 -5.96 -0.43
CA TRP A 51 8.13 -5.69 0.76
C TRP A 51 6.72 -6.27 0.57
N PHE A 52 6.01 -6.48 1.69
CA PHE A 52 4.65 -7.02 1.72
C PHE A 52 3.84 -6.29 2.79
N CYS A 53 2.56 -6.02 2.51
CA CYS A 53 1.63 -5.42 3.46
C CYS A 53 1.41 -6.32 4.70
N PRO A 54 0.82 -5.81 5.80
CA PRO A 54 0.69 -6.55 7.06
C PRO A 54 -0.39 -7.66 7.02
N ARG A 55 -0.72 -8.17 5.83
CA ARG A 55 -1.63 -9.29 5.60
C ARG A 55 -1.03 -10.27 4.58
N CYS A 56 -0.28 -9.75 3.62
CA CYS A 56 0.55 -10.47 2.68
C CYS A 56 1.80 -11.05 3.37
N SER A 57 2.37 -10.30 4.33
CA SER A 57 3.55 -10.66 5.10
C SER A 57 3.27 -11.76 6.13
N GLN A 58 1.99 -11.97 6.51
CA GLN A 58 1.60 -12.98 7.50
C GLN A 58 1.98 -14.41 7.11
N GLU A 59 2.14 -14.70 5.80
CA GLU A 59 2.55 -15.96 5.24
C GLU A 59 3.83 -16.51 5.90
N ARG A 60 4.84 -15.65 6.06
CA ARG A 60 6.08 -15.90 6.82
C ARG A 60 6.49 -14.58 7.48
N LYS A 61 5.85 -14.29 8.62
CA LYS A 61 5.90 -13.01 9.33
C LYS A 61 7.22 -12.77 10.11
N LYS A 62 8.32 -13.41 9.70
CA LYS A 62 9.69 -13.15 10.17
C LYS A 62 10.26 -11.92 9.43
N LYS A 63 9.61 -10.77 9.63
CA LYS A 63 9.90 -9.49 9.00
C LYS A 63 11.32 -9.03 9.37
ZN ZN B . -2.41 4.79 4.92
ZN ZN C . -0.55 -5.72 -0.20
N MET A 1 -20.72 20.72 -17.67
CA MET A 1 -20.78 21.99 -16.90
C MET A 1 -20.99 21.66 -15.42
N ASP A 2 -19.90 21.75 -14.65
CA ASP A 2 -19.77 21.38 -13.23
C ASP A 2 -20.00 19.88 -12.96
N MET A 3 -19.28 19.36 -11.94
CA MET A 3 -19.30 17.95 -11.54
C MET A 3 -19.00 17.82 -10.04
N PRO A 4 -19.45 16.74 -9.37
CA PRO A 4 -19.07 16.40 -8.00
C PRO A 4 -17.61 15.92 -7.92
N VAL A 5 -17.10 15.81 -6.68
CA VAL A 5 -15.74 15.36 -6.36
C VAL A 5 -15.75 13.96 -5.72
N ASP A 6 -16.94 13.39 -5.45
CA ASP A 6 -17.14 12.00 -5.04
C ASP A 6 -16.55 10.98 -6.04
N PRO A 7 -16.72 11.11 -7.38
CA PRO A 7 -16.01 10.27 -8.35
C PRO A 7 -14.54 10.69 -8.49
N ASN A 8 -13.74 9.81 -9.11
CA ASN A 8 -12.30 9.97 -9.31
C ASN A 8 -11.56 10.29 -8.00
N GLU A 9 -11.73 9.40 -7.01
CA GLU A 9 -11.19 9.52 -5.66
C GLU A 9 -10.38 8.24 -5.34
N PRO A 10 -9.11 8.17 -5.74
CA PRO A 10 -8.27 6.98 -5.57
C PRO A 10 -7.83 6.80 -4.11
N THR A 11 -8.21 5.67 -3.51
CA THR A 11 -7.97 5.32 -2.11
C THR A 11 -7.76 3.80 -2.01
N TYR A 12 -6.82 3.34 -1.16
CA TYR A 12 -6.48 1.90 -1.13
C TYR A 12 -5.90 1.42 0.21
N CYS A 13 -4.91 2.14 0.80
CA CYS A 13 -4.41 1.98 2.16
C CYS A 13 -5.48 1.66 3.20
N LEU A 14 -4.98 1.29 4.37
CA LEU A 14 -5.79 1.17 5.58
C LEU A 14 -6.22 2.56 6.06
N CYS A 15 -5.70 3.64 5.44
CA CYS A 15 -6.10 5.00 5.72
C CYS A 15 -7.16 5.49 4.73
N HIS A 16 -7.33 4.76 3.61
CA HIS A 16 -8.18 5.08 2.45
C HIS A 16 -8.01 6.54 1.99
N GLN A 17 -6.75 6.95 1.75
CA GLN A 17 -6.36 8.27 1.27
C GLN A 17 -4.89 8.22 0.87
N VAL A 18 -4.52 8.89 -0.21
CA VAL A 18 -3.16 8.90 -0.80
C VAL A 18 -2.66 10.35 -1.03
N SER A 19 -1.38 10.50 -1.43
CA SER A 19 -0.67 11.78 -1.61
C SER A 19 -0.47 12.55 -0.28
N TYR A 20 0.25 11.92 0.66
CA TYR A 20 0.50 12.40 2.02
C TYR A 20 1.72 11.64 2.58
N GLY A 21 2.83 12.36 2.79
CA GLY A 21 4.08 11.81 3.25
C GLY A 21 4.67 10.79 2.27
N GLU A 22 5.61 10.04 2.84
CA GLU A 22 6.22 8.85 2.28
C GLU A 22 5.22 7.68 2.18
N MET A 23 5.37 6.85 1.14
CA MET A 23 4.41 5.85 0.68
C MET A 23 5.13 4.63 0.11
N ILE A 24 4.47 3.46 0.10
CA ILE A 24 5.05 2.20 -0.33
C ILE A 24 4.01 1.42 -1.14
N GLY A 25 3.93 0.12 -0.92
CA GLY A 25 3.18 -0.83 -1.70
C GLY A 25 3.77 -2.23 -1.64
N CYS A 26 2.87 -3.20 -1.44
CA CYS A 26 3.20 -4.61 -1.39
C CYS A 26 3.68 -5.07 -2.77
N ASP A 27 4.89 -5.63 -2.81
CA ASP A 27 5.56 -6.17 -3.99
C ASP A 27 4.89 -7.43 -4.60
N ASP A 28 3.77 -7.90 -4.03
CA ASP A 28 2.92 -8.93 -4.61
C ASP A 28 2.23 -8.33 -5.86
N PRO A 29 2.44 -8.89 -7.08
CA PRO A 29 1.79 -8.41 -8.30
C PRO A 29 0.33 -8.86 -8.42
N ASP A 30 -0.22 -9.46 -7.36
CA ASP A 30 -1.63 -9.86 -7.22
C ASP A 30 -2.24 -9.21 -5.97
N CYS A 31 -1.53 -8.26 -5.33
CA CYS A 31 -2.04 -7.49 -4.21
C CYS A 31 -3.30 -6.72 -4.62
N SER A 32 -4.35 -6.87 -3.82
CA SER A 32 -5.68 -6.29 -4.02
C SER A 32 -5.75 -4.80 -3.63
N ILE A 33 -4.63 -4.20 -3.19
CA ILE A 33 -4.55 -2.88 -2.58
C ILE A 33 -3.40 -2.07 -3.21
N GLU A 34 -2.30 -2.74 -3.55
CA GLU A 34 -1.14 -2.28 -4.33
C GLU A 34 -0.19 -1.31 -3.60
N TRP A 35 -0.71 -0.38 -2.80
CA TRP A 35 0.03 0.69 -2.11
C TRP A 35 -0.44 0.75 -0.65
N PHE A 36 0.48 1.14 0.23
CA PHE A 36 0.26 1.18 1.67
C PHE A 36 1.11 2.31 2.24
N HIS A 37 0.60 2.95 3.28
CA HIS A 37 1.31 4.02 3.93
C HIS A 37 2.49 3.50 4.75
N PHE A 38 3.51 4.34 4.87
CA PHE A 38 4.64 4.19 5.80
C PHE A 38 4.21 4.16 7.29
N ALA A 39 2.92 4.35 7.58
CA ALA A 39 2.34 4.18 8.91
C ALA A 39 1.15 3.19 8.90
N CYS A 40 0.76 2.64 7.73
CA CYS A 40 -0.15 1.50 7.65
C CYS A 40 0.53 0.20 8.12
N VAL A 41 1.85 0.24 8.37
CA VAL A 41 2.66 -0.84 8.92
C VAL A 41 3.64 -0.34 10.01
N GLY A 42 3.67 0.99 10.23
CA GLY A 42 4.59 1.64 11.16
C GLY A 42 6.05 1.61 10.67
N LEU A 43 6.27 1.60 9.34
CA LEU A 43 7.57 1.41 8.72
C LEU A 43 8.58 2.49 9.14
N THR A 44 8.15 3.76 9.07
CA THR A 44 8.92 4.97 9.41
C THR A 44 10.15 5.24 8.50
N THR A 45 10.65 4.24 7.78
CA THR A 45 11.87 4.28 6.98
C THR A 45 11.71 3.46 5.70
N LYS A 46 12.61 3.69 4.72
CA LYS A 46 12.66 2.98 3.45
C LYS A 46 12.97 1.49 3.72
N PRO A 47 12.11 0.53 3.32
CA PRO A 47 12.28 -0.89 3.62
C PRO A 47 13.40 -1.53 2.79
N ARG A 48 13.81 -2.75 3.19
CA ARG A 48 14.72 -3.61 2.44
C ARG A 48 14.08 -4.10 1.14
N GLY A 49 14.89 -4.75 0.28
CA GLY A 49 14.49 -5.29 -1.01
C GLY A 49 13.23 -6.15 -0.93
N LYS A 50 12.15 -5.67 -1.57
CA LYS A 50 10.78 -6.14 -1.50
C LYS A 50 10.18 -6.12 -0.09
N TRP A 51 9.05 -5.41 0.01
CA TRP A 51 8.20 -5.29 1.19
C TRP A 51 6.82 -5.90 0.90
N PHE A 52 6.13 -6.36 1.96
CA PHE A 52 4.83 -7.01 1.84
C PHE A 52 3.92 -6.55 2.98
N CYS A 53 2.65 -6.26 2.64
CA CYS A 53 1.64 -5.81 3.59
C CYS A 53 1.26 -6.91 4.60
N PRO A 54 0.60 -6.58 5.73
CA PRO A 54 0.24 -7.55 6.78
C PRO A 54 -0.90 -8.51 6.39
N ARG A 55 -1.13 -8.73 5.08
CA ARG A 55 -2.05 -9.72 4.53
C ARG A 55 -1.42 -10.51 3.37
N CYS A 56 -0.13 -10.29 3.11
CA CYS A 56 0.68 -10.82 2.05
C CYS A 56 1.96 -11.43 2.60
N SER A 57 2.45 -10.91 3.75
CA SER A 57 3.57 -11.46 4.49
C SER A 57 3.15 -12.67 5.35
N GLN A 58 1.88 -12.68 5.80
CA GLN A 58 1.29 -13.74 6.60
C GLN A 58 1.05 -15.00 5.77
N GLU A 59 0.61 -14.82 4.50
CA GLU A 59 0.44 -15.85 3.51
C GLU A 59 1.74 -16.61 3.23
N ARG A 60 2.87 -15.89 3.17
CA ARG A 60 4.24 -16.41 3.07
C ARG A 60 4.46 -17.39 1.89
N LYS A 61 3.63 -17.30 0.84
CA LYS A 61 3.58 -18.23 -0.29
C LYS A 61 3.57 -19.71 0.17
N LYS A 62 2.60 -20.04 1.05
CA LYS A 62 2.54 -21.30 1.79
C LYS A 62 1.15 -21.95 1.68
N LYS A 63 0.51 -21.79 0.51
CA LYS A 63 -0.79 -22.37 0.12
C LYS A 63 -1.89 -22.10 1.15
ZN ZN B . -2.44 4.76 4.86
ZN ZN C . -0.53 -5.87 -0.15
N MET A 1 -16.03 29.15 -14.31
CA MET A 1 -14.77 28.62 -14.88
C MET A 1 -14.05 27.65 -13.93
N ASP A 2 -14.55 27.46 -12.71
CA ASP A 2 -14.11 26.44 -11.77
C ASP A 2 -14.27 25.02 -12.33
N MET A 3 -13.49 24.08 -11.77
CA MET A 3 -13.38 22.70 -12.26
C MET A 3 -13.30 21.74 -11.06
N PRO A 4 -14.42 21.51 -10.33
CA PRO A 4 -14.47 20.58 -9.21
C PRO A 4 -14.36 19.12 -9.68
N VAL A 5 -13.84 18.25 -8.80
CA VAL A 5 -13.55 16.84 -9.07
C VAL A 5 -13.99 16.02 -7.85
N ASP A 6 -15.30 16.03 -7.60
CA ASP A 6 -15.96 15.24 -6.56
C ASP A 6 -15.82 13.71 -6.81
N PRO A 7 -16.08 13.16 -8.02
CA PRO A 7 -15.78 11.75 -8.33
C PRO A 7 -14.28 11.56 -8.61
N ASN A 8 -13.89 10.32 -8.94
CA ASN A 8 -12.52 9.93 -9.28
C ASN A 8 -11.53 10.26 -8.14
N GLU A 9 -11.75 9.63 -6.98
CA GLU A 9 -10.90 9.76 -5.80
C GLU A 9 -10.27 8.37 -5.51
N PRO A 10 -9.01 8.13 -5.94
CA PRO A 10 -8.34 6.85 -5.73
C PRO A 10 -7.91 6.66 -4.26
N THR A 11 -8.24 5.48 -3.71
CA THR A 11 -8.03 5.10 -2.32
C THR A 11 -7.77 3.59 -2.24
N TYR A 12 -6.84 3.14 -1.37
CA TYR A 12 -6.49 1.71 -1.33
C TYR A 12 -5.91 1.23 0.01
N CYS A 13 -4.98 1.98 0.64
CA CYS A 13 -4.51 1.80 2.01
C CYS A 13 -5.60 1.42 3.00
N LEU A 14 -5.12 1.06 4.19
CA LEU A 14 -5.97 0.90 5.38
C LEU A 14 -6.44 2.27 5.86
N CYS A 15 -5.94 3.38 5.26
CA CYS A 15 -6.39 4.71 5.55
C CYS A 15 -7.44 5.19 4.53
N HIS A 16 -7.56 4.47 3.40
CA HIS A 16 -8.38 4.79 2.23
C HIS A 16 -8.23 6.26 1.79
N GLN A 17 -6.98 6.71 1.58
CA GLN A 17 -6.60 8.05 1.14
C GLN A 17 -5.11 8.03 0.80
N VAL A 18 -4.72 8.73 -0.27
CA VAL A 18 -3.35 8.77 -0.82
C VAL A 18 -2.86 10.22 -1.02
N SER A 19 -1.56 10.39 -1.31
CA SER A 19 -0.84 11.67 -1.44
C SER A 19 -0.75 12.45 -0.11
N TYR A 20 -0.01 11.87 0.85
CA TYR A 20 0.16 12.35 2.23
C TYR A 20 1.38 11.62 2.84
N GLY A 21 2.46 12.37 3.08
CA GLY A 21 3.73 11.84 3.56
C GLY A 21 4.35 10.85 2.58
N GLU A 22 5.30 10.12 3.15
CA GLU A 22 5.94 8.95 2.58
C GLU A 22 4.95 7.78 2.40
N MET A 23 5.18 6.96 1.38
CA MET A 23 4.25 5.93 0.86
C MET A 23 5.04 4.73 0.33
N ILE A 24 4.39 3.56 0.27
CA ILE A 24 5.03 2.32 -0.17
C ILE A 24 4.02 1.53 -1.02
N GLY A 25 3.97 0.23 -0.81
CA GLY A 25 3.26 -0.74 -1.63
C GLY A 25 3.89 -2.11 -1.59
N CYS A 26 3.02 -3.11 -1.39
CA CYS A 26 3.40 -4.52 -1.38
C CYS A 26 3.91 -4.91 -2.76
N ASP A 27 5.12 -5.48 -2.80
CA ASP A 27 5.80 -5.95 -4.00
C ASP A 27 5.08 -7.13 -4.71
N ASP A 28 3.97 -7.65 -4.16
CA ASP A 28 3.09 -8.58 -4.82
C ASP A 28 2.35 -7.85 -5.95
N PRO A 29 2.56 -8.21 -7.24
CA PRO A 29 1.88 -7.56 -8.37
C PRO A 29 0.43 -8.02 -8.55
N ASP A 30 -0.08 -8.85 -7.62
CA ASP A 30 -1.46 -9.31 -7.54
C ASP A 30 -2.10 -8.84 -6.23
N CYS A 31 -1.41 -7.99 -5.45
CA CYS A 31 -1.98 -7.32 -4.28
C CYS A 31 -3.20 -6.48 -4.72
N SER A 32 -4.32 -6.70 -4.03
CA SER A 32 -5.62 -6.10 -4.29
C SER A 32 -5.70 -4.61 -3.86
N ILE A 33 -4.59 -4.06 -3.35
CA ILE A 33 -4.49 -2.72 -2.76
C ILE A 33 -3.28 -1.98 -3.34
N GLU A 34 -2.20 -2.70 -3.64
CA GLU A 34 -1.00 -2.28 -4.37
C GLU A 34 -0.05 -1.32 -3.61
N TRP A 35 -0.61 -0.39 -2.82
CA TRP A 35 0.10 0.69 -2.11
C TRP A 35 -0.41 0.73 -0.67
N PHE A 36 0.48 1.13 0.25
CA PHE A 36 0.20 1.17 1.68
C PHE A 36 0.99 2.30 2.27
N HIS A 37 0.41 2.93 3.29
CA HIS A 37 1.07 4.01 4.00
C HIS A 37 2.24 3.50 4.81
N PHE A 38 3.23 4.38 4.98
CA PHE A 38 4.35 4.23 5.91
C PHE A 38 3.90 4.13 7.39
N ALA A 39 2.61 4.29 7.70
CA ALA A 39 2.03 4.03 9.00
C ALA A 39 0.90 2.99 8.95
N CYS A 40 0.55 2.47 7.76
CA CYS A 40 -0.30 1.29 7.62
C CYS A 40 0.43 0.00 8.06
N VAL A 41 1.73 0.08 8.35
CA VAL A 41 2.53 -1.01 8.92
C VAL A 41 3.49 -0.56 10.04
N GLY A 42 3.66 0.76 10.20
CA GLY A 42 4.60 1.36 11.14
C GLY A 42 6.05 1.38 10.64
N LEU A 43 6.28 1.70 9.36
CA LEU A 43 7.63 1.92 8.81
C LEU A 43 8.27 3.17 9.42
N THR A 44 9.61 3.24 9.30
CA THR A 44 10.46 4.34 9.77
C THR A 44 11.52 4.70 8.72
N THR A 45 11.76 3.82 7.74
CA THR A 45 12.66 4.02 6.59
C THR A 45 12.11 3.25 5.39
N LYS A 46 12.70 3.51 4.21
CA LYS A 46 12.40 2.78 2.99
C LYS A 46 12.86 1.32 3.15
N PRO A 47 11.96 0.32 2.98
CA PRO A 47 12.33 -1.08 3.06
C PRO A 47 13.11 -1.53 1.82
N ARG A 48 13.77 -2.70 1.93
CA ARG A 48 14.60 -3.29 0.89
C ARG A 48 14.43 -4.81 0.88
N GLY A 49 14.82 -5.46 -0.23
CA GLY A 49 14.66 -6.91 -0.42
C GLY A 49 13.21 -7.32 -0.68
N LYS A 50 12.36 -6.39 -1.15
CA LYS A 50 10.92 -6.49 -1.35
C LYS A 50 10.15 -6.50 -0.03
N TRP A 51 9.19 -5.58 0.06
CA TRP A 51 8.29 -5.41 1.21
C TRP A 51 6.94 -6.08 0.93
N PHE A 52 6.21 -6.38 2.00
CA PHE A 52 4.90 -7.02 1.95
C PHE A 52 4.00 -6.41 3.02
N CYS A 53 2.73 -6.18 2.68
CA CYS A 53 1.73 -5.65 3.58
C CYS A 53 1.40 -6.64 4.73
N PRO A 54 0.73 -6.18 5.81
CA PRO A 54 0.37 -7.04 6.95
C PRO A 54 -0.78 -8.02 6.64
N ARG A 55 -0.87 -8.50 5.38
CA ARG A 55 -1.76 -9.57 4.94
C ARG A 55 -1.00 -10.54 4.02
N CYS A 56 -0.11 -9.99 3.18
CA CYS A 56 0.83 -10.71 2.35
C CYS A 56 1.97 -11.32 3.18
N SER A 57 2.39 -10.65 4.25
CA SER A 57 3.39 -11.12 5.20
C SER A 57 2.78 -12.00 6.30
N GLN A 58 1.47 -11.89 6.54
CA GLN A 58 0.74 -12.65 7.54
C GLN A 58 0.69 -14.14 7.20
N GLU A 59 0.63 -14.48 5.90
CA GLU A 59 0.62 -15.84 5.36
C GLU A 59 1.79 -16.70 5.85
N ARG A 60 2.95 -16.06 6.09
CA ARG A 60 4.16 -16.57 6.75
C ARG A 60 4.42 -18.07 6.51
N LYS A 61 4.65 -18.42 5.25
CA LYS A 61 4.99 -19.78 4.83
C LYS A 61 6.49 -20.07 5.05
N LYS A 62 6.93 -19.88 6.30
CA LYS A 62 8.27 -20.12 6.80
C LYS A 62 8.14 -20.37 8.31
N LYS A 63 8.71 -21.50 8.75
CA LYS A 63 8.60 -22.03 10.10
C LYS A 63 9.89 -22.76 10.47
ZN ZN B . -2.71 4.57 4.83
ZN ZN C . -0.31 -5.92 -0.18
#